data_5K2M
#
_entry.id   5K2M
#
_cell.length_a   76.150
_cell.length_b   135.099
_cell.length_c   136.977
_cell.angle_alpha   90.00
_cell.angle_beta   97.49
_cell.angle_gamma   90.00
#
_symmetry.space_group_name_H-M   'P 1 21 1'
#
loop_
_entity.id
_entity.type
_entity.pdbx_description
1 polymer 'RimK-related lysine biosynthesis protein'
2 polymer 'Probable lysine biosynthesis protein'
3 non-polymer "ADENOSINE-5'-DIPHOSPHATE"
4 non-polymer 'PHOSPHATE ION'
5 non-polymer 'MAGNESIUM ION'
6 non-polymer 'SULFATE ION'
7 non-polymer 'ZINC ION'
8 non-polymer '2-AMINOHEXANEDIOIC ACID'
9 water water
#
loop_
_entity_poly.entity_id
_entity_poly.type
_entity_poly.pdbx_seq_one_letter_code
_entity_poly.pdbx_strand_id
1 'polypeptide(L)'
;MRIGITYTVLRREEMAIKERAGEFGEVVMLHEDDLLFPGNYDLDVVIIRNVSHFKALYTARLFESEGIPTVNSSRLIFEA
GDKLFATLRLAGKVPVPEWKAALSEGGALRVPDSLGYPLVSKPVFGSWGRLLAKVNDRDSLEAVLEHRKWMKNPLYGIHY
FQEFVEKPGRDIRSYVIGGEFVGAIYRYSNHWITNTARGGKAEPCSDPEVEELSVKAWEAFGEGALAIDIFESEKGLLVN
EVNPNMEFKNAARVTGADMAGKLVEYAVEVAKT
;
A,B,C,D,G,H,I,J
2 'polypeptide(L)' MVECPVCGSEIEIGEVELHQIVECPVCGAELEVVSLEPLTLEELPEVEEDWG(R0K) E,F,K,L,M,N
#
# COMPACT_ATOMS: atom_id res chain seq x y z
N MET A 1 -23.83 -37.35 17.99
CA MET A 1 -22.37 -37.50 18.26
C MET A 1 -21.63 -37.87 17.00
N ARG A 2 -20.72 -37.00 16.55
CA ARG A 2 -19.76 -37.36 15.52
C ARG A 2 -18.36 -37.35 16.12
N ILE A 3 -17.74 -38.53 16.13
CA ILE A 3 -16.43 -38.73 16.72
C ILE A 3 -15.42 -38.90 15.59
N GLY A 4 -14.45 -38.01 15.50
CA GLY A 4 -13.36 -38.16 14.54
C GLY A 4 -12.24 -39.03 15.10
N ILE A 5 -11.57 -39.79 14.22
CA ILE A 5 -10.33 -40.48 14.59
C ILE A 5 -9.26 -40.12 13.56
N THR A 6 -8.19 -39.44 13.98
CA THR A 6 -7.10 -39.12 13.05
C THR A 6 -6.00 -40.17 13.14
N TYR A 7 -5.47 -40.55 11.98
CA TYR A 7 -4.58 -41.72 11.90
C TYR A 7 -3.62 -41.68 10.71
N THR A 8 -2.52 -42.40 10.86
CA THR A 8 -1.54 -42.58 9.81
C THR A 8 -1.79 -43.94 9.17
N VAL A 9 -1.74 -44.97 9.99
CA VAL A 9 -2.15 -46.31 9.59
C VAL A 9 -3.12 -46.78 10.66
N LEU A 10 -3.97 -47.74 10.32
CA LEU A 10 -4.92 -48.27 11.27
C LEU A 10 -4.35 -49.54 11.89
N ARG A 11 -3.68 -49.38 13.02
CA ARG A 11 -3.16 -50.53 13.79
C ARG A 11 -4.34 -51.15 14.55
N ARG A 12 -4.08 -52.24 15.25
CA ARG A 12 -5.11 -52.88 16.04
C ARG A 12 -5.78 -51.89 17.00
N GLU A 13 -4.99 -51.07 17.66
CA GLU A 13 -5.52 -50.04 18.55
C GLU A 13 -6.60 -49.16 17.88
N GLU A 14 -6.31 -48.69 16.66
CA GLU A 14 -7.23 -47.79 15.94
C GLU A 14 -8.51 -48.50 15.51
N MET A 15 -8.39 -49.76 15.12
CA MET A 15 -9.58 -50.55 14.77
C MET A 15 -10.46 -50.79 15.99
N ALA A 16 -9.86 -50.99 17.15
CA ALA A 16 -10.62 -51.16 18.38
C ALA A 16 -11.28 -49.83 18.76
N ILE A 17 -10.53 -48.73 18.64
CA ILE A 17 -11.08 -47.41 18.94
C ILE A 17 -12.29 -47.14 18.04
N LYS A 18 -12.15 -47.47 16.77
CA LYS A 18 -13.21 -47.26 15.80
C LYS A 18 -14.48 -48.01 16.18
N GLU A 19 -14.34 -49.29 16.51
CA GLU A 19 -15.48 -50.12 16.93
C GLU A 19 -16.19 -49.51 18.14
N ARG A 20 -15.43 -49.12 19.16
CA ARG A 20 -16.04 -48.58 20.39
C ARG A 20 -16.73 -47.26 20.12
N ALA A 21 -16.07 -46.38 19.36
CA ALA A 21 -16.63 -45.08 18.98
C ALA A 21 -17.99 -45.27 18.32
N GLY A 22 -18.12 -46.31 17.50
CA GLY A 22 -19.36 -46.61 16.80
C GLY A 22 -20.52 -46.97 17.71
N GLU A 23 -20.23 -47.40 18.93
CA GLU A 23 -21.29 -47.66 19.92
C GLU A 23 -21.87 -46.35 20.48
N PHE A 24 -21.11 -45.26 20.43
CA PHE A 24 -21.54 -43.97 21.01
C PHE A 24 -22.04 -42.97 19.96
N GLY A 25 -21.73 -43.19 18.70
CA GLY A 25 -22.21 -42.30 17.64
C GLY A 25 -21.60 -42.59 16.29
N GLU A 26 -21.64 -41.61 15.41
CA GLU A 26 -21.12 -41.72 14.06
C GLU A 26 -19.60 -41.50 14.10
N VAL A 27 -18.85 -42.38 13.43
CA VAL A 27 -17.39 -42.32 13.42
C VAL A 27 -16.90 -41.76 12.08
N VAL A 28 -16.09 -40.71 12.11
CA VAL A 28 -15.46 -40.15 10.90
C VAL A 28 -13.97 -40.47 10.92
N MET A 29 -13.55 -41.35 10.02
CA MET A 29 -12.16 -41.76 9.92
C MET A 29 -11.40 -40.74 9.11
N LEU A 30 -10.37 -40.14 9.71
CA LEU A 30 -9.65 -39.06 9.06
C LEU A 30 -8.21 -39.44 8.90
N HIS A 31 -7.87 -39.96 7.73
CA HIS A 31 -6.48 -40.12 7.40
C HIS A 31 -5.86 -38.72 7.25
N GLU A 32 -4.55 -38.67 7.38
CA GLU A 32 -3.79 -37.44 7.20
C GLU A 32 -4.06 -36.70 5.88
N ASP A 33 -4.30 -37.45 4.81
CA ASP A 33 -4.71 -36.88 3.53
C ASP A 33 -6.00 -36.06 3.64
N ASP A 34 -6.87 -36.43 4.58
CA ASP A 34 -8.14 -35.74 4.79
C ASP A 34 -8.02 -34.48 5.67
N LEU A 35 -6.82 -34.17 6.14
CA LEU A 35 -6.63 -33.03 7.03
C LEU A 35 -6.08 -31.82 6.29
N LEU A 36 -6.90 -30.78 6.20
CA LEU A 36 -6.52 -29.56 5.53
C LEU A 36 -7.13 -28.39 6.30
N PHE A 37 -6.30 -27.46 6.76
CA PHE A 37 -6.82 -26.35 7.55
C PHE A 37 -6.39 -25.00 6.99
N PRO A 38 -7.22 -23.96 7.19
CA PRO A 38 -8.54 -23.99 7.79
C PRO A 38 -9.52 -24.81 6.96
N GLY A 39 -10.48 -25.43 7.63
CA GLY A 39 -11.45 -26.27 6.95
C GLY A 39 -12.75 -26.35 7.72
N ASN A 40 -13.72 -27.00 7.11
CA ASN A 40 -15.06 -27.13 7.66
C ASN A 40 -15.25 -28.55 8.13
N TYR A 41 -15.23 -28.74 9.45
CA TYR A 41 -15.41 -30.06 10.03
C TYR A 41 -16.63 -30.03 10.95
N ASP A 42 -17.42 -31.10 10.90
CA ASP A 42 -18.61 -31.24 11.76
C ASP A 42 -18.33 -32.42 12.69
N LEU A 43 -17.72 -32.11 13.82
CA LEU A 43 -17.21 -33.13 14.72
C LEU A 43 -17.33 -32.61 16.14
N ASP A 44 -17.72 -33.50 17.05
CA ASP A 44 -17.89 -33.12 18.44
C ASP A 44 -16.62 -33.39 19.24
N VAL A 45 -15.79 -34.29 18.75
CA VAL A 45 -14.49 -34.58 19.36
C VAL A 45 -13.64 -35.34 18.34
N VAL A 46 -12.32 -35.17 18.43
CA VAL A 46 -11.41 -35.97 17.63
C VAL A 46 -10.45 -36.73 18.55
N ILE A 47 -10.32 -38.03 18.29
CA ILE A 47 -9.37 -38.88 18.97
C ILE A 47 -8.11 -38.92 18.12
N ILE A 48 -7.04 -38.37 18.66
CA ILE A 48 -5.79 -38.16 17.91
C ILE A 48 -4.93 -39.41 17.98
N ARG A 49 -4.73 -40.07 16.84
CA ARG A 49 -3.99 -41.34 16.80
C ARG A 49 -2.87 -41.40 15.75
N ASN A 50 -2.41 -40.24 15.25
CA ASN A 50 -1.34 -40.21 14.25
C ASN A 50 -0.07 -40.90 14.81
N VAL A 51 0.62 -41.73 14.01
CA VAL A 51 1.84 -42.39 14.51
C VAL A 51 2.98 -41.38 14.79
N SER A 52 3.07 -40.34 13.97
CA SER A 52 4.06 -39.30 14.19
C SER A 52 3.62 -38.42 15.36
N HIS A 53 4.51 -38.29 16.34
CA HIS A 53 4.25 -37.47 17.50
C HIS A 53 3.96 -36.00 17.14
N PHE A 54 4.75 -35.48 16.20
CA PHE A 54 4.63 -34.11 15.78
C PHE A 54 3.40 -33.86 14.94
N LYS A 55 3.02 -34.82 14.09
CA LYS A 55 1.75 -34.71 13.38
C LYS A 55 0.58 -34.81 14.33
N ALA A 56 0.64 -35.67 15.33
CA ALA A 56 -0.41 -35.69 16.35
C ALA A 56 -0.58 -34.31 17.02
N LEU A 57 0.52 -33.72 17.47
CA LEU A 57 0.52 -32.42 18.16
C LEU A 57 -0.12 -31.31 17.30
N TYR A 58 0.34 -31.19 16.07
CA TYR A 58 -0.17 -30.17 15.17
C TYR A 58 -1.63 -30.45 14.77
N THR A 59 -2.00 -31.71 14.53
CA THR A 59 -3.39 -31.94 14.18
C THR A 59 -4.33 -31.64 15.37
N ALA A 60 -3.94 -31.97 16.60
CA ALA A 60 -4.72 -31.54 17.78
C ALA A 60 -4.91 -30.02 17.82
N ARG A 61 -3.82 -29.27 17.65
CA ARG A 61 -3.88 -27.82 17.72
C ARG A 61 -4.78 -27.23 16.65
N LEU A 62 -4.72 -27.78 15.43
CA LEU A 62 -5.56 -27.32 14.34
C LEU A 62 -7.07 -27.58 14.56
N PHE A 63 -7.40 -28.77 15.04
CA PHE A 63 -8.80 -29.03 15.40
C PHE A 63 -9.29 -28.10 16.52
N GLU A 64 -8.44 -27.85 17.53
CA GLU A 64 -8.77 -26.87 18.58
C GLU A 64 -9.03 -25.48 17.97
N SER A 65 -8.26 -25.11 16.94
CA SER A 65 -8.43 -23.82 16.28
C SER A 65 -9.79 -23.77 15.59
N GLU A 66 -10.34 -24.92 15.24
CA GLU A 66 -11.69 -25.00 14.69
C GLU A 66 -12.76 -25.18 15.78
N GLY A 67 -12.40 -25.01 17.05
CA GLY A 67 -13.34 -25.22 18.14
C GLY A 67 -13.75 -26.66 18.36
N ILE A 68 -12.93 -27.61 17.92
CA ILE A 68 -13.23 -29.03 18.11
C ILE A 68 -12.27 -29.60 19.15
N PRO A 69 -12.81 -30.10 20.29
CA PRO A 69 -11.91 -30.61 21.31
C PRO A 69 -11.29 -31.93 20.88
N THR A 70 -10.16 -32.25 21.48
CA THR A 70 -9.28 -33.24 20.98
C THR A 70 -8.75 -34.12 22.13
N VAL A 71 -8.67 -35.43 21.92
CA VAL A 71 -8.12 -36.34 22.93
C VAL A 71 -6.92 -37.09 22.32
N ASN A 72 -5.70 -36.84 22.76
CA ASN A 72 -5.37 -35.84 23.80
C ASN A 72 -5.30 -34.42 23.25
N SER A 73 -5.25 -33.43 24.14
CA SER A 73 -5.11 -32.03 23.74
C SER A 73 -3.71 -31.71 23.23
N SER A 74 -3.56 -30.60 22.49
CA SER A 74 -2.25 -30.21 22.00
C SER A 74 -1.26 -29.94 23.15
N ARG A 75 -1.75 -29.29 24.20
CA ARG A 75 -0.92 -29.03 25.37
C ARG A 75 -0.40 -30.35 26.00
N LEU A 76 -1.27 -31.33 26.21
CA LEU A 76 -0.82 -32.59 26.82
C LEU A 76 0.12 -33.37 25.91
N ILE A 77 -0.20 -33.43 24.61
CA ILE A 77 0.67 -34.10 23.66
C ILE A 77 2.08 -33.48 23.68
N PHE A 78 2.16 -32.15 23.70
CA PHE A 78 3.45 -31.49 23.76
C PHE A 78 4.20 -31.78 25.06
N GLU A 79 3.54 -31.57 26.20
CA GLU A 79 4.23 -31.69 27.47
C GLU A 79 4.54 -33.13 27.84
N ALA A 80 3.53 -33.99 27.76
CA ALA A 80 3.76 -35.42 28.05
C ALA A 80 4.74 -36.06 27.05
N GLY A 81 4.66 -35.65 25.78
CA GLY A 81 5.49 -36.26 24.73
C GLY A 81 6.96 -35.85 24.71
N ASP A 82 7.33 -34.89 25.55
CA ASP A 82 8.70 -34.43 25.63
C ASP A 82 9.30 -34.90 26.95
N LYS A 83 10.41 -35.66 26.88
CA LYS A 83 10.98 -36.22 28.11
C LYS A 83 11.25 -35.13 29.13
N LEU A 84 11.76 -33.98 28.68
CA LEU A 84 12.22 -32.94 29.59
C LEU A 84 11.07 -32.16 30.17
N PHE A 85 10.15 -31.70 29.33
CA PHE A 85 8.95 -31.00 29.81
C PHE A 85 8.15 -31.92 30.75
N ALA A 86 8.06 -33.20 30.40
CA ALA A 86 7.33 -34.15 31.26
C ALA A 86 7.98 -34.37 32.62
N THR A 87 9.31 -34.52 32.70
CA THR A 87 9.88 -34.74 34.02
C THR A 87 9.77 -33.48 34.85
N LEU A 88 9.86 -32.31 34.22
CA LEU A 88 9.63 -31.05 34.93
C LEU A 88 8.25 -31.03 35.61
N ARG A 89 7.22 -31.52 34.93
CA ARG A 89 5.90 -31.52 35.56
C ARG A 89 5.76 -32.62 36.61
N LEU A 90 6.46 -33.74 36.43
CA LEU A 90 6.47 -34.83 37.41
C LEU A 90 7.28 -34.52 38.68
N ALA A 91 8.30 -33.67 38.56
CA ALA A 91 9.24 -33.44 39.65
C ALA A 91 8.58 -32.78 40.84
N GLY A 92 8.84 -33.30 42.02
CA GLY A 92 8.18 -32.82 43.22
C GLY A 92 6.82 -33.46 43.49
N LYS A 93 6.21 -34.08 42.48
CA LYS A 93 4.89 -34.70 42.60
C LYS A 93 4.97 -36.21 42.84
N VAL A 94 5.88 -36.85 42.11
CA VAL A 94 6.13 -38.28 42.25
C VAL A 94 7.64 -38.52 42.16
N PRO A 95 8.12 -39.66 42.69
CA PRO A 95 9.55 -39.91 42.53
C PRO A 95 9.90 -40.28 41.09
N VAL A 96 11.09 -39.84 40.66
CA VAL A 96 11.58 -40.04 39.29
C VAL A 96 13.06 -40.43 39.35
N PRO A 97 13.59 -41.07 38.32
CA PRO A 97 15.02 -41.25 38.35
C PRO A 97 15.74 -39.90 38.39
N GLU A 98 16.90 -39.88 39.01
CA GLU A 98 17.80 -38.73 38.94
C GLU A 98 18.05 -38.37 37.49
N TRP A 99 17.95 -37.09 37.18
CA TRP A 99 18.09 -36.62 35.81
C TRP A 99 18.93 -35.35 35.73
N LYS A 100 19.40 -35.08 34.52
CA LYS A 100 20.20 -33.90 34.27
C LYS A 100 19.98 -33.48 32.82
N ALA A 101 19.94 -32.17 32.58
CA ALA A 101 19.79 -31.65 31.23
C ALA A 101 20.85 -30.58 30.94
N ALA A 102 21.42 -30.68 29.75
CA ALA A 102 22.38 -29.70 29.26
C ALA A 102 21.96 -29.20 27.89
N LEU A 103 22.50 -28.04 27.52
CA LEU A 103 22.09 -27.32 26.33
C LEU A 103 23.20 -27.25 25.28
N SER A 104 24.32 -27.93 25.55
CA SER A 104 25.39 -28.05 24.59
C SER A 104 26.25 -29.28 24.91
N GLU A 105 27.05 -29.68 23.93
CA GLU A 105 28.00 -30.78 24.07
C GLU A 105 28.93 -30.56 25.25
N GLY A 106 29.45 -29.35 25.39
CA GLY A 106 30.37 -29.00 26.46
C GLY A 106 29.71 -29.02 27.82
N GLY A 107 28.44 -28.63 27.88
CA GLY A 107 27.67 -28.77 29.11
C GLY A 107 27.40 -30.22 29.48
N ALA A 108 27.10 -31.04 28.47
CA ALA A 108 26.75 -32.46 28.68
C ALA A 108 27.90 -33.25 29.27
N LEU A 109 29.12 -32.89 28.91
CA LEU A 109 30.32 -33.48 29.50
C LEU A 109 30.36 -33.41 31.03
N ARG A 110 29.68 -32.44 31.59
CA ARG A 110 29.62 -32.26 33.03
C ARG A 110 28.51 -33.04 33.73
N VAL A 111 27.64 -33.69 32.96
CA VAL A 111 26.51 -34.41 33.52
C VAL A 111 26.95 -35.55 34.47
N PRO A 112 28.03 -36.31 34.15
CA PRO A 112 28.51 -37.35 35.07
C PRO A 112 28.99 -36.85 36.43
N ASP A 113 29.36 -35.57 36.51
CA ASP A 113 29.70 -34.92 37.78
C ASP A 113 28.56 -35.08 38.83
N SER A 114 27.31 -35.00 38.37
CA SER A 114 26.12 -35.19 39.23
C SER A 114 25.67 -36.63 39.27
N LEU A 115 25.60 -37.27 38.11
CA LEU A 115 24.90 -38.52 37.96
C LEU A 115 25.80 -39.74 38.14
N GLY A 116 27.09 -39.56 37.95
CA GLY A 116 28.01 -40.69 37.92
C GLY A 116 27.72 -41.60 36.73
N TYR A 117 28.44 -42.71 36.66
CA TYR A 117 28.30 -43.65 35.58
C TYR A 117 27.85 -44.94 36.20
N PRO A 118 27.07 -45.76 35.48
CA PRO A 118 26.65 -45.51 34.12
C PRO A 118 25.42 -44.62 34.08
N LEU A 119 25.23 -43.94 32.98
CA LEU A 119 24.06 -43.09 32.83
C LEU A 119 23.35 -43.43 31.53
N VAL A 120 22.14 -42.91 31.39
CA VAL A 120 21.30 -43.16 30.24
C VAL A 120 21.08 -41.85 29.49
N SER A 121 21.38 -41.91 28.19
CA SER A 121 21.15 -40.82 27.27
C SER A 121 19.91 -41.15 26.44
N LYS A 122 19.04 -40.17 26.23
CA LYS A 122 17.87 -40.40 25.40
C LYS A 122 17.38 -39.10 24.81
N PRO A 123 16.82 -39.16 23.59
CA PRO A 123 16.33 -37.96 22.94
C PRO A 123 15.00 -37.54 23.55
N VAL A 124 14.74 -36.25 23.49
CA VAL A 124 13.65 -35.65 24.21
C VAL A 124 12.26 -36.01 23.60
N PHE A 125 12.23 -36.32 22.31
CA PHE A 125 10.97 -36.49 21.60
C PHE A 125 10.73 -37.93 21.13
N GLY A 126 11.62 -38.84 21.47
CA GLY A 126 11.53 -40.20 20.97
C GLY A 126 10.47 -41.08 21.63
N SER A 127 10.34 -42.29 21.07
CA SER A 127 9.50 -43.35 21.58
C SER A 127 10.07 -44.71 21.13
N TRP A 128 9.44 -45.80 21.60
CA TRP A 128 9.82 -47.17 21.24
C TRP A 128 11.27 -47.57 21.60
N GLY A 129 11.88 -46.86 22.55
CA GLY A 129 13.28 -47.12 22.90
C GLY A 129 14.33 -46.66 21.89
N ARG A 130 13.90 -45.80 20.95
CA ARG A 130 14.76 -45.26 19.90
C ARG A 130 15.90 -44.39 20.45
N LEU A 131 17.12 -44.67 20.01
CA LEU A 131 18.29 -43.83 20.33
C LEU A 131 18.62 -43.78 21.85
N LEU A 132 18.05 -44.70 22.62
CA LEU A 132 18.46 -44.89 24.02
C LEU A 132 19.91 -45.39 24.03
N ALA A 133 20.74 -44.80 24.89
CA ALA A 133 22.11 -45.25 25.06
C ALA A 133 22.47 -45.39 26.53
N LYS A 134 23.09 -46.52 26.86
CA LYS A 134 23.71 -46.73 28.17
C LYS A 134 25.19 -46.38 28.06
N VAL A 135 25.59 -45.37 28.83
CA VAL A 135 26.91 -44.79 28.77
C VAL A 135 27.66 -45.09 30.07
N ASN A 136 28.72 -45.90 29.95
CA ASN A 136 29.46 -46.41 31.09
C ASN A 136 30.71 -45.62 31.44
N ASP A 137 31.19 -44.80 30.51
CA ASP A 137 32.38 -44.01 30.74
C ASP A 137 32.46 -42.79 29.85
N ARG A 138 33.52 -42.01 30.05
CA ARG A 138 33.76 -40.76 29.36
C ARG A 138 33.84 -40.97 27.83
N ASP A 139 34.52 -42.02 27.40
CA ASP A 139 34.68 -42.29 25.97
C ASP A 139 33.33 -42.52 25.29
N SER A 140 32.44 -43.22 25.97
CA SER A 140 31.10 -43.45 25.47
C SER A 140 30.27 -42.18 25.45
N LEU A 141 30.43 -41.35 26.48
CA LEU A 141 29.71 -40.07 26.52
C LEU A 141 30.12 -39.23 25.32
N GLU A 142 31.42 -39.15 25.07
CA GLU A 142 31.96 -38.42 23.93
C GLU A 142 31.42 -38.93 22.60
N ALA A 143 31.40 -40.24 22.44
CA ALA A 143 30.89 -40.84 21.20
C ALA A 143 29.43 -40.45 20.98
N VAL A 144 28.59 -40.59 22.00
CA VAL A 144 27.18 -40.22 21.90
C VAL A 144 27.03 -38.74 21.54
N LEU A 145 27.73 -37.87 22.25
CA LEU A 145 27.63 -36.43 21.99
C LEU A 145 28.18 -36.04 20.60
N GLU A 146 29.23 -36.70 20.15
CA GLU A 146 29.75 -36.51 18.78
C GLU A 146 28.67 -36.82 17.76
N HIS A 147 27.98 -37.93 17.94
CA HIS A 147 26.93 -38.31 16.99
C HIS A 147 25.72 -37.38 17.05
N ARG A 148 25.26 -37.04 18.25
CA ARG A 148 24.15 -36.10 18.39
C ARG A 148 24.44 -34.76 17.71
N LYS A 149 25.66 -34.28 17.89
CA LYS A 149 26.16 -33.05 17.30
C LYS A 149 25.92 -33.01 15.79
N TRP A 150 26.28 -34.08 15.09
CA TRP A 150 26.17 -34.11 13.63
C TRP A 150 24.83 -34.55 13.09
N MET A 151 23.87 -34.83 13.96
CA MET A 151 22.53 -35.14 13.47
C MET A 151 21.80 -33.84 13.17
N LYS A 152 20.98 -33.86 12.13
CA LYS A 152 20.37 -32.63 11.62
C LYS A 152 19.37 -31.99 12.59
N ASN A 153 18.57 -32.80 13.25
CA ASN A 153 17.46 -32.29 14.06
C ASN A 153 18.02 -31.50 15.26
N PRO A 154 17.72 -30.18 15.33
CA PRO A 154 18.17 -29.33 16.46
C PRO A 154 17.77 -29.85 17.83
N LEU A 155 16.61 -30.49 17.92
CA LEU A 155 16.19 -31.22 19.13
C LEU A 155 17.19 -32.22 19.71
N TYR A 156 18.07 -32.78 18.89
CA TYR A 156 19.12 -33.65 19.41
C TYR A 156 20.20 -32.86 20.12
N GLY A 157 20.12 -31.53 20.06
CA GLY A 157 21.00 -30.65 20.82
C GLY A 157 20.49 -30.31 22.22
N ILE A 158 19.33 -30.85 22.59
CA ILE A 158 18.86 -30.78 23.97
C ILE A 158 19.26 -32.11 24.61
N HIS A 159 20.18 -32.03 25.58
CA HIS A 159 20.80 -33.22 26.14
C HIS A 159 20.19 -33.61 27.46
N TYR A 160 19.45 -34.73 27.45
CA TYR A 160 18.69 -35.21 28.59
C TYR A 160 19.22 -36.57 29.00
N PHE A 161 19.49 -36.70 30.29
CA PHE A 161 20.16 -37.88 30.85
C PHE A 161 19.48 -38.32 32.14
N GLN A 162 19.52 -39.61 32.42
CA GLN A 162 19.11 -40.15 33.72
C GLN A 162 20.23 -41.02 34.27
N GLU A 163 20.24 -41.20 35.59
CA GLU A 163 20.99 -42.31 36.20
C GLU A 163 20.53 -43.62 35.59
N PHE A 164 21.43 -44.57 35.40
CA PHE A 164 21.03 -45.91 34.99
C PHE A 164 20.38 -46.61 36.18
N VAL A 165 19.12 -46.99 36.03
CA VAL A 165 18.41 -47.68 37.08
C VAL A 165 18.51 -49.19 36.87
N GLU A 166 18.94 -49.90 37.91
CA GLU A 166 19.06 -51.37 37.86
C GLU A 166 17.71 -51.98 38.16
N LYS A 167 17.01 -52.35 37.10
CA LYS A 167 15.66 -52.87 37.20
C LYS A 167 15.76 -54.39 37.23
N PRO A 168 14.74 -55.06 37.77
CA PRO A 168 14.76 -56.53 37.84
C PRO A 168 14.30 -57.21 36.55
N GLY A 169 15.00 -56.97 35.45
CA GLY A 169 14.70 -57.61 34.17
C GLY A 169 13.38 -57.19 33.51
N ARG A 170 12.82 -56.07 33.95
CA ARG A 170 11.50 -55.63 33.49
C ARG A 170 11.23 -54.21 33.93
N ASP A 171 10.25 -53.58 33.29
CA ASP A 171 9.68 -52.36 33.83
C ASP A 171 8.16 -52.47 33.77
N ILE A 172 7.49 -51.38 34.12
CA ILE A 172 6.03 -51.41 34.31
C ILE A 172 5.41 -50.39 33.39
N ARG A 173 4.32 -50.77 32.76
CA ARG A 173 3.56 -49.89 31.91
C ARG A 173 2.12 -49.86 32.42
N SER A 174 1.67 -48.70 32.87
CA SER A 174 0.31 -48.53 33.36
C SER A 174 -0.46 -47.51 32.54
N TYR A 175 -1.78 -47.50 32.72
CA TYR A 175 -2.67 -46.66 31.94
C TYR A 175 -3.63 -45.95 32.86
N VAL A 176 -3.75 -44.64 32.69
CA VAL A 176 -4.67 -43.81 33.43
C VAL A 176 -5.37 -42.89 32.44
N ILE A 177 -6.71 -42.99 32.44
CA ILE A 177 -7.54 -42.28 31.49
C ILE A 177 -8.54 -41.45 32.29
N GLY A 178 -8.42 -40.13 32.21
CA GLY A 178 -9.31 -39.21 32.91
C GLY A 178 -9.28 -39.33 34.43
N GLY A 179 -8.14 -39.78 34.97
CA GLY A 179 -8.00 -39.97 36.41
C GLY A 179 -8.26 -41.39 36.88
N GLU A 180 -8.78 -42.23 36.00
CA GLU A 180 -9.10 -43.60 36.35
C GLU A 180 -7.97 -44.53 35.91
N PHE A 181 -7.35 -45.20 36.89
CA PHE A 181 -6.43 -46.29 36.59
C PHE A 181 -7.16 -47.37 35.81
N VAL A 182 -6.65 -47.76 34.65
CA VAL A 182 -7.37 -48.77 33.86
C VAL A 182 -6.64 -50.10 33.80
N GLY A 183 -5.34 -50.11 34.08
CA GLY A 183 -4.59 -51.37 34.11
C GLY A 183 -3.09 -51.20 34.00
N ALA A 184 -2.37 -52.30 34.22
CA ALA A 184 -0.91 -52.29 34.14
C ALA A 184 -0.35 -53.63 33.76
N ILE A 185 0.83 -53.59 33.13
CA ILE A 185 1.59 -54.77 32.75
C ILE A 185 3.06 -54.63 33.14
N TYR A 186 3.74 -55.76 33.28
CA TYR A 186 5.19 -55.77 33.27
C TYR A 186 5.60 -55.93 31.81
N ARG A 187 6.71 -55.31 31.43
CA ARG A 187 7.37 -55.58 30.15
C ARG A 187 8.73 -56.22 30.44
N TYR A 188 8.84 -57.53 30.19
CA TYR A 188 10.06 -58.31 30.46
C TYR A 188 11.00 -58.31 29.26
N SER A 189 12.30 -58.28 29.54
CA SER A 189 13.32 -58.40 28.50
C SER A 189 14.64 -58.79 29.15
N ASN A 190 15.46 -59.53 28.42
CA ASN A 190 16.83 -59.73 28.87
C ASN A 190 17.77 -58.62 28.37
N HIS A 191 17.23 -57.65 27.63
CA HIS A 191 17.95 -56.40 27.39
C HIS A 191 17.38 -55.32 28.34
N TRP A 192 18.23 -54.38 28.76
CA TRP A 192 17.80 -53.29 29.67
C TRP A 192 16.72 -52.37 29.09
N ILE A 193 16.62 -52.32 27.76
CA ILE A 193 15.52 -51.63 27.07
C ILE A 193 14.35 -52.60 26.84
N THR A 194 13.25 -52.37 27.53
CA THR A 194 12.14 -53.34 27.59
C THR A 194 10.92 -53.06 26.69
N ASN A 195 10.97 -52.06 25.81
CA ASN A 195 9.75 -51.69 25.05
C ASN A 195 9.25 -52.94 24.31
N THR A 196 7.92 -53.11 24.24
CA THR A 196 7.34 -54.18 23.41
C THR A 196 7.66 -53.95 21.93
N ALA A 197 7.80 -52.69 21.51
CA ALA A 197 8.25 -52.37 20.16
C ALA A 197 9.64 -52.97 19.85
N ARG A 198 10.42 -53.27 20.89
CA ARG A 198 11.76 -53.86 20.70
C ARG A 198 11.84 -55.32 21.16
N GLY A 199 10.70 -55.97 21.36
CA GLY A 199 10.65 -57.37 21.76
C GLY A 199 10.20 -57.60 23.18
N GLY A 200 10.01 -56.52 23.94
CA GLY A 200 9.46 -56.62 25.30
C GLY A 200 8.19 -57.48 25.33
N LYS A 201 8.07 -58.31 26.37
CA LYS A 201 6.96 -59.26 26.52
C LYS A 201 6.02 -58.85 27.65
N ALA A 202 4.72 -58.75 27.34
CA ALA A 202 3.73 -58.23 28.32
C ALA A 202 3.23 -59.30 29.29
N GLU A 203 3.04 -58.89 30.54
CA GLU A 203 2.54 -59.77 31.59
C GLU A 203 1.69 -58.89 32.53
N PRO A 204 0.58 -59.40 33.08
CA PRO A 204 -0.28 -58.50 33.89
C PRO A 204 0.39 -58.06 35.19
N CYS A 205 0.16 -56.81 35.59
CA CYS A 205 0.73 -56.25 36.82
C CYS A 205 -0.37 -55.81 37.77
N SER A 206 -0.35 -56.37 38.98
CA SER A 206 -1.41 -56.13 39.95
C SER A 206 -0.94 -55.52 41.27
N ASP A 207 0.25 -54.92 41.26
CA ASP A 207 0.79 -54.26 42.45
C ASP A 207 -0.05 -53.01 42.79
N PRO A 208 -0.71 -52.98 43.98
CA PRO A 208 -1.53 -51.82 44.38
C PRO A 208 -0.75 -50.51 44.47
N GLU A 209 0.55 -50.62 44.72
CA GLU A 209 1.43 -49.47 44.73
C GLU A 209 1.56 -48.77 43.37
N VAL A 210 1.57 -49.54 42.29
CA VAL A 210 1.72 -48.91 40.98
C VAL A 210 0.45 -48.16 40.61
N GLU A 211 -0.71 -48.65 41.06
CA GLU A 211 -1.98 -47.98 40.78
C GLU A 211 -1.99 -46.57 41.35
N GLU A 212 -1.64 -46.43 42.62
CA GLU A 212 -1.63 -45.15 43.29
C GLU A 212 -0.58 -44.21 42.72
N LEU A 213 0.61 -44.73 42.47
CA LEU A 213 1.66 -43.93 41.84
C LEU A 213 1.25 -43.48 40.43
N SER A 214 0.63 -44.38 39.68
CA SER A 214 0.16 -44.09 38.33
C SER A 214 -0.85 -42.93 38.32
N VAL A 215 -1.81 -42.98 39.24
CA VAL A 215 -2.82 -41.93 39.33
C VAL A 215 -2.17 -40.59 39.67
N LYS A 216 -1.23 -40.60 40.60
CA LYS A 216 -0.51 -39.38 41.01
C LYS A 216 0.29 -38.79 39.84
N ALA A 217 0.94 -39.66 39.07
CA ALA A 217 1.66 -39.22 37.89
C ALA A 217 0.70 -38.55 36.90
N TRP A 218 -0.46 -39.15 36.70
CA TRP A 218 -1.48 -38.57 35.83
C TRP A 218 -1.95 -37.20 36.34
N GLU A 219 -2.10 -37.08 37.67
CA GLU A 219 -2.56 -35.84 38.31
C GLU A 219 -1.55 -34.69 38.18
N ALA A 220 -0.28 -35.03 38.02
CA ALA A 220 0.72 -34.03 37.63
C ALA A 220 0.35 -33.29 36.33
N PHE A 221 -0.35 -33.98 35.42
CA PHE A 221 -0.81 -33.40 34.17
C PHE A 221 -2.25 -32.92 34.23
N GLY A 222 -3.13 -33.70 34.85
CA GLY A 222 -4.50 -33.26 35.14
C GLY A 222 -5.52 -33.43 34.03
N GLU A 223 -5.14 -34.12 32.96
CA GLU A 223 -6.07 -34.36 31.86
C GLU A 223 -5.60 -35.54 31.04
N GLY A 224 -6.52 -36.04 30.22
CA GLY A 224 -6.16 -36.92 29.10
C GLY A 224 -6.01 -38.39 29.42
N ALA A 225 -5.48 -39.11 28.43
CA ALA A 225 -5.28 -40.53 28.50
C ALA A 225 -3.78 -40.77 28.36
N LEU A 226 -3.16 -41.34 29.38
CA LEU A 226 -1.71 -41.49 29.43
C LEU A 226 -1.29 -42.93 29.67
N ALA A 227 -0.29 -43.37 28.90
CA ALA A 227 0.45 -44.58 29.22
C ALA A 227 1.69 -44.15 29.97
N ILE A 228 1.83 -44.68 31.17
CA ILE A 228 2.88 -44.27 32.07
C ILE A 228 3.89 -45.41 32.19
N ASP A 229 5.19 -45.05 32.18
CA ASP A 229 6.29 -46.01 32.36
C ASP A 229 6.91 -45.89 33.76
N ILE A 230 6.95 -46.99 34.50
CA ILE A 230 7.44 -46.99 35.88
C ILE A 230 8.59 -47.99 36.02
N PHE A 231 9.60 -47.64 36.83
CA PHE A 231 10.72 -48.53 37.13
C PHE A 231 10.71 -48.97 38.59
N GLU A 232 10.96 -50.27 38.81
CA GLU A 232 11.29 -50.76 40.14
C GLU A 232 12.79 -50.60 40.35
N SER A 233 13.17 -50.08 41.50
CA SER A 233 14.58 -49.91 41.87
C SER A 233 14.75 -50.18 43.35
N GLU A 234 16.00 -50.29 43.78
CA GLU A 234 16.33 -50.49 45.20
C GLU A 234 15.76 -49.38 46.10
N LYS A 235 15.42 -48.23 45.51
CA LYS A 235 14.80 -47.13 46.26
C LYS A 235 13.29 -47.02 46.01
N GLY A 236 12.67 -48.11 45.57
CA GLY A 236 11.24 -48.12 45.30
C GLY A 236 10.91 -47.72 43.86
N LEU A 237 9.62 -47.48 43.64
CA LEU A 237 9.12 -47.18 42.31
C LEU A 237 9.46 -45.75 41.87
N LEU A 238 9.81 -45.61 40.60
CA LEU A 238 10.11 -44.30 40.01
C LEU A 238 9.33 -44.16 38.72
N VAL A 239 8.80 -42.97 38.47
CA VAL A 239 8.12 -42.68 37.22
C VAL A 239 9.16 -42.20 36.23
N ASN A 240 9.21 -42.84 35.07
CA ASN A 240 10.23 -42.54 34.08
C ASN A 240 9.71 -41.56 33.04
N GLU A 241 8.55 -41.92 32.49
CA GLU A 241 8.03 -41.26 31.31
C GLU A 241 6.51 -41.39 31.27
N VAL A 242 5.86 -40.48 30.57
CA VAL A 242 4.44 -40.60 30.22
C VAL A 242 4.32 -40.48 28.70
N ASN A 243 3.28 -41.07 28.11
CA ASN A 243 3.13 -41.14 26.65
C ASN A 243 1.71 -40.78 26.22
N PRO A 244 1.54 -39.72 25.41
CA PRO A 244 0.22 -39.24 25.01
C PRO A 244 -0.43 -39.86 23.77
N ASN A 245 0.21 -40.81 23.08
CA ASN A 245 -0.46 -41.57 22.02
C ASN A 245 -0.30 -43.04 22.28
N MET A 246 -0.87 -43.47 23.39
CA MET A 246 -0.71 -44.83 23.91
C MET A 246 -0.91 -45.96 22.88
N GLU A 247 0.03 -46.89 22.83
CA GLU A 247 -0.25 -48.20 22.25
C GLU A 247 -0.62 -49.12 23.41
N PHE A 248 -1.45 -50.13 23.13
CA PHE A 248 -2.00 -50.98 24.18
C PHE A 248 -2.45 -52.37 23.75
N LYS A 249 -2.19 -52.77 22.50
CA LYS A 249 -2.72 -54.03 22.02
C LYS A 249 -2.21 -55.23 22.83
N ASN A 250 -0.94 -55.18 23.25
CA ASN A 250 -0.39 -56.26 24.08
C ASN A 250 -0.92 -56.15 25.50
N ALA A 251 -1.05 -54.91 25.99
CA ALA A 251 -1.53 -54.68 27.36
C ALA A 251 -2.99 -55.09 27.55
N ALA A 252 -3.82 -54.74 26.57
CA ALA A 252 -5.24 -55.15 26.58
C ALA A 252 -5.36 -56.67 26.44
N ARG A 253 -4.57 -57.26 25.55
CA ARG A 253 -4.61 -58.71 25.36
C ARG A 253 -4.28 -59.46 26.66
N VAL A 254 -3.36 -58.90 27.44
CA VAL A 254 -2.77 -59.58 28.59
C VAL A 254 -3.54 -59.30 29.91
N THR A 255 -4.22 -58.16 29.99
CA THR A 255 -4.97 -57.77 31.18
C THR A 255 -6.47 -57.97 31.04
N GLY A 256 -6.96 -58.01 29.80
CA GLY A 256 -8.40 -57.96 29.55
C GLY A 256 -8.99 -56.55 29.62
N ALA A 257 -8.16 -55.55 29.92
CA ALA A 257 -8.68 -54.19 30.09
C ALA A 257 -9.04 -53.64 28.73
N ASP A 258 -10.11 -52.86 28.68
CA ASP A 258 -10.61 -52.31 27.43
C ASP A 258 -10.12 -50.87 27.32
N MET A 259 -8.87 -50.71 26.91
CA MET A 259 -8.24 -49.39 26.89
C MET A 259 -8.93 -48.56 25.83
N ALA A 260 -9.22 -49.20 24.70
CA ALA A 260 -9.90 -48.54 23.60
C ALA A 260 -11.25 -47.94 24.05
N GLY A 261 -12.07 -48.78 24.66
CA GLY A 261 -13.38 -48.37 25.21
C GLY A 261 -13.31 -47.23 26.20
N LYS A 262 -12.38 -47.33 27.15
CA LYS A 262 -12.16 -46.27 28.12
C LYS A 262 -11.70 -44.98 27.47
N LEU A 263 -10.86 -45.09 26.44
CA LEU A 263 -10.37 -43.93 25.71
C LEU A 263 -11.55 -43.23 25.01
N VAL A 264 -12.43 -44.01 24.39
CA VAL A 264 -13.60 -43.47 23.71
C VAL A 264 -14.61 -42.85 24.70
N GLU A 265 -14.81 -43.50 25.85
CA GLU A 265 -15.70 -42.96 26.89
C GLU A 265 -15.22 -41.60 27.38
N TYR A 266 -13.91 -41.47 27.54
CA TYR A 266 -13.32 -40.20 27.90
C TYR A 266 -13.53 -39.19 26.78
N ALA A 267 -13.26 -39.58 25.54
CA ALA A 267 -13.55 -38.73 24.40
C ALA A 267 -15.01 -38.28 24.40
N VAL A 268 -15.95 -39.18 24.68
CA VAL A 268 -17.35 -38.76 24.68
C VAL A 268 -17.61 -37.76 25.82
N GLU A 269 -17.00 -37.98 26.99
CA GLU A 269 -17.09 -36.98 28.07
C GLU A 269 -16.53 -35.61 27.66
N VAL A 270 -15.40 -35.55 26.96
CA VAL A 270 -14.87 -34.23 26.55
C VAL A 270 -15.74 -33.53 25.49
N ALA A 271 -16.37 -34.32 24.61
CA ALA A 271 -17.32 -33.80 23.62
C ALA A 271 -18.48 -33.00 24.24
N LYS A 272 -19.00 -33.49 25.36
CA LYS A 272 -20.04 -32.78 26.14
C LYS A 272 -19.51 -31.46 26.71
N THR A 273 -18.19 -31.41 26.86
CA THR A 273 -17.37 -30.21 27.14
C THR A 273 -16.75 -30.37 28.52
N MET B 1 19.57 -6.83 42.20
CA MET B 1 19.15 -7.27 40.83
C MET B 1 20.28 -8.06 40.18
N ARG B 2 20.02 -9.34 39.92
CA ARG B 2 20.94 -10.17 39.17
C ARG B 2 20.22 -10.59 37.89
N ILE B 3 20.78 -10.14 36.77
CA ILE B 3 20.19 -10.33 35.45
C ILE B 3 21.04 -11.29 34.65
N GLY B 4 20.48 -12.45 34.34
CA GLY B 4 21.17 -13.44 33.53
C GLY B 4 20.96 -13.15 32.06
N ILE B 5 22.01 -13.36 31.26
CA ILE B 5 21.88 -13.35 29.81
C ILE B 5 22.45 -14.65 29.27
N THR B 6 21.62 -15.31 28.47
CA THR B 6 21.90 -16.65 28.03
C THR B 6 22.20 -16.52 26.53
N TYR B 7 23.31 -17.09 26.07
CA TYR B 7 23.83 -16.83 24.72
C TYR B 7 24.66 -17.98 24.11
N THR B 8 24.75 -17.97 22.79
CA THR B 8 25.60 -18.88 22.03
C THR B 8 26.88 -18.15 21.63
N VAL B 9 26.69 -16.97 21.01
CA VAL B 9 27.77 -16.06 20.67
C VAL B 9 27.31 -14.65 21.02
N LEU B 10 28.25 -13.74 21.22
CA LEU B 10 27.91 -12.36 21.56
C LEU B 10 27.94 -11.48 20.32
N ARG B 11 26.79 -11.35 19.68
CA ARG B 11 26.62 -10.40 18.58
C ARG B 11 26.50 -8.98 19.14
N ARG B 12 26.43 -8.00 18.25
CA ARG B 12 26.20 -6.61 18.64
C ARG B 12 25.03 -6.57 19.63
N GLU B 13 23.91 -7.18 19.25
CA GLU B 13 22.70 -7.29 20.09
C GLU B 13 23.04 -7.60 21.55
N GLU B 14 23.74 -8.72 21.74
CA GLU B 14 24.03 -9.23 23.08
C GLU B 14 25.00 -8.32 23.80
N MET B 15 25.96 -7.74 23.08
CA MET B 15 26.84 -6.74 23.67
C MET B 15 26.05 -5.53 24.19
N ALA B 16 25.11 -5.02 23.39
CA ALA B 16 24.29 -3.88 23.79
C ALA B 16 23.35 -4.23 24.97
N ILE B 17 22.75 -5.40 24.93
CA ILE B 17 21.90 -5.86 26.04
C ILE B 17 22.72 -5.99 27.34
N LYS B 18 23.93 -6.51 27.22
CA LYS B 18 24.80 -6.65 28.38
C LYS B 18 25.11 -5.29 29.00
N GLU B 19 25.46 -4.33 28.14
CA GLU B 19 25.71 -2.96 28.57
C GLU B 19 24.51 -2.41 29.36
N ARG B 20 23.32 -2.49 28.78
CA ARG B 20 22.11 -1.89 29.38
C ARG B 20 21.80 -2.57 30.71
N ALA B 21 21.88 -3.90 30.72
CA ALA B 21 21.61 -4.68 31.92
C ALA B 21 22.50 -4.29 33.10
N GLY B 22 23.76 -3.95 32.78
CA GLY B 22 24.74 -3.53 33.80
C GLY B 22 24.40 -2.24 34.53
N GLU B 23 23.57 -1.39 33.91
CA GLU B 23 23.10 -0.16 34.55
C GLU B 23 22.00 -0.40 35.59
N PHE B 24 21.37 -1.57 35.57
CA PHE B 24 20.29 -1.88 36.52
C PHE B 24 20.70 -2.80 37.67
N GLY B 25 21.80 -3.53 37.49
CA GLY B 25 22.23 -4.48 38.49
C GLY B 25 23.38 -5.36 38.02
N GLU B 26 23.59 -6.49 38.70
CA GLU B 26 24.68 -7.39 38.37
C GLU B 26 24.28 -8.27 37.18
N VAL B 27 25.16 -8.36 36.18
CA VAL B 27 24.90 -9.19 35.01
C VAL B 27 25.63 -10.51 35.13
N VAL B 28 24.92 -11.60 34.84
CA VAL B 28 25.52 -12.93 34.82
C VAL B 28 25.43 -13.45 33.40
N MET B 29 26.57 -13.55 32.73
CA MET B 29 26.65 -14.02 31.35
C MET B 29 26.68 -15.52 31.36
N LEU B 30 25.70 -16.14 30.71
CA LEU B 30 25.56 -17.57 30.77
C LEU B 30 25.65 -18.18 29.39
N HIS B 31 26.85 -18.63 29.04
CA HIS B 31 27.01 -19.37 27.82
C HIS B 31 26.30 -20.71 27.95
N GLU B 32 25.95 -21.30 26.81
CA GLU B 32 25.27 -22.57 26.77
C GLU B 32 26.00 -23.69 27.54
N ASP B 33 27.34 -23.65 27.53
CA ASP B 33 28.15 -24.61 28.28
C ASP B 33 27.95 -24.47 29.79
N ASP B 34 27.52 -23.29 30.22
CA ASP B 34 27.24 -23.01 31.64
C ASP B 34 25.86 -23.53 32.10
N LEU B 35 25.01 -23.96 31.17
CA LEU B 35 23.61 -24.29 31.49
C LEU B 35 23.43 -25.76 31.83
N LEU B 36 23.09 -26.01 33.09
CA LEU B 36 23.03 -27.35 33.63
C LEU B 36 21.86 -27.41 34.61
N PHE B 37 20.95 -28.35 34.43
CA PHE B 37 19.73 -28.41 35.26
C PHE B 37 19.46 -29.85 35.70
N PRO B 38 18.85 -30.02 36.88
CA PRO B 38 18.56 -28.97 37.87
C PRO B 38 19.84 -28.33 38.38
N GLY B 39 19.78 -27.04 38.67
CA GLY B 39 20.97 -26.29 39.04
C GLY B 39 20.68 -25.34 40.19
N ASN B 40 21.71 -24.62 40.59
CA ASN B 40 21.64 -23.74 41.72
C ASN B 40 21.90 -22.33 41.21
N TYR B 41 20.86 -21.69 40.69
CA TYR B 41 21.00 -20.36 40.07
C TYR B 41 20.41 -19.32 41.00
N ASP B 42 21.03 -18.15 41.05
CA ASP B 42 20.57 -17.06 41.90
C ASP B 42 20.32 -15.86 41.00
N LEU B 43 19.12 -15.79 40.44
CA LEU B 43 18.79 -14.86 39.37
C LEU B 43 17.37 -14.33 39.50
N ASP B 44 17.20 -13.04 39.27
CA ASP B 44 15.89 -12.43 39.35
C ASP B 44 15.19 -12.51 37.99
N VAL B 45 15.95 -12.47 36.91
CA VAL B 45 15.42 -12.63 35.58
C VAL B 45 16.53 -13.16 34.65
N VAL B 46 16.13 -13.83 33.57
CA VAL B 46 17.07 -14.25 32.53
C VAL B 46 16.58 -13.71 31.20
N ILE B 47 17.47 -13.09 30.45
CA ILE B 47 17.17 -12.64 29.09
C ILE B 47 17.68 -13.72 28.16
N ILE B 48 16.78 -14.31 27.38
CA ILE B 48 17.08 -15.50 26.58
C ILE B 48 17.53 -15.09 25.18
N ARG B 49 18.81 -15.28 24.88
CA ARG B 49 19.39 -14.84 23.62
C ARG B 49 20.09 -15.94 22.82
N ASN B 50 19.72 -17.20 23.03
CA ASN B 50 20.40 -18.33 22.38
C ASN B 50 20.10 -18.23 20.88
N VAL B 51 21.08 -18.51 20.05
CA VAL B 51 20.91 -18.39 18.60
C VAL B 51 19.96 -19.49 18.09
N SER B 52 20.09 -20.70 18.63
CA SER B 52 19.17 -21.78 18.33
C SER B 52 17.80 -21.50 18.96
N HIS B 53 16.75 -21.52 18.14
CA HIS B 53 15.40 -21.35 18.65
C HIS B 53 14.99 -22.44 19.66
N PHE B 54 15.30 -23.70 19.36
CA PHE B 54 14.93 -24.77 20.29
C PHE B 54 15.75 -24.73 21.57
N LYS B 55 17.04 -24.38 21.49
CA LYS B 55 17.82 -24.17 22.70
C LYS B 55 17.27 -23.01 23.50
N ALA B 56 16.83 -21.96 22.84
CA ALA B 56 16.18 -20.85 23.55
C ALA B 56 14.94 -21.33 24.30
N LEU B 57 14.08 -22.04 23.58
CA LEU B 57 12.85 -22.58 24.15
C LEU B 57 13.11 -23.45 25.39
N TYR B 58 14.00 -24.44 25.26
CA TYR B 58 14.27 -25.32 26.38
C TYR B 58 14.98 -24.62 27.53
N THR B 59 15.90 -23.67 27.28
CA THR B 59 16.55 -23.00 28.41
C THR B 59 15.57 -22.09 29.16
N ALA B 60 14.68 -21.42 28.44
CA ALA B 60 13.60 -20.66 29.10
C ALA B 60 12.76 -21.54 30.06
N ARG B 61 12.29 -22.70 29.57
CA ARG B 61 11.50 -23.60 30.39
C ARG B 61 12.27 -24.07 31.63
N LEU B 62 13.55 -24.35 31.45
CA LEU B 62 14.37 -24.82 32.57
C LEU B 62 14.54 -23.77 33.65
N PHE B 63 14.80 -22.53 33.25
CA PHE B 63 14.87 -21.45 34.22
C PHE B 63 13.52 -21.19 34.92
N GLU B 64 12.43 -21.27 34.17
CA GLU B 64 11.10 -21.18 34.74
C GLU B 64 10.89 -22.26 35.81
N SER B 65 11.40 -23.47 35.53
CA SER B 65 11.32 -24.59 36.48
C SER B 65 12.16 -24.37 37.74
N GLU B 66 13.15 -23.47 37.68
CA GLU B 66 13.89 -23.05 38.86
C GLU B 66 13.26 -21.84 39.54
N GLY B 67 12.06 -21.44 39.13
CA GLY B 67 11.38 -20.27 39.69
C GLY B 67 11.90 -18.94 39.17
N ILE B 68 12.63 -18.95 38.06
CA ILE B 68 13.26 -17.73 37.54
C ILE B 68 12.52 -17.30 36.27
N PRO B 69 11.97 -16.08 36.26
CA PRO B 69 11.24 -15.65 35.08
C PRO B 69 12.15 -15.32 33.93
N THR B 70 11.61 -15.43 32.74
CA THR B 70 12.38 -15.47 31.53
C THR B 70 11.83 -14.48 30.49
N VAL B 71 12.71 -13.74 29.82
CA VAL B 71 12.34 -12.93 28.67
C VAL B 71 13.07 -13.40 27.40
N ASN B 72 12.36 -13.95 26.41
CA ASN B 72 10.92 -14.22 26.46
C ASN B 72 10.60 -15.51 27.19
N SER B 73 9.31 -15.68 27.52
CA SER B 73 8.87 -16.88 28.23
C SER B 73 8.97 -18.11 27.30
N SER B 74 8.98 -19.30 27.88
CA SER B 74 9.00 -20.51 27.07
C SER B 74 7.73 -20.66 26.24
N ARG B 75 6.59 -20.28 26.82
CA ARG B 75 5.31 -20.27 26.11
C ARG B 75 5.33 -19.36 24.88
N LEU B 76 5.85 -18.14 25.02
CA LEU B 76 5.95 -17.22 23.88
C LEU B 76 7.00 -17.68 22.86
N ILE B 77 8.14 -18.20 23.32
CA ILE B 77 9.14 -18.68 22.38
C ILE B 77 8.55 -19.78 21.50
N PHE B 78 7.81 -20.70 22.09
CA PHE B 78 7.19 -21.74 21.29
C PHE B 78 6.09 -21.24 20.34
N GLU B 79 5.12 -20.50 20.85
CA GLU B 79 4.00 -20.07 20.03
C GLU B 79 4.39 -19.08 18.94
N ALA B 80 5.09 -18.02 19.33
CA ALA B 80 5.57 -17.03 18.37
C ALA B 80 6.58 -17.61 17.37
N GLY B 81 7.43 -18.52 17.82
CA GLY B 81 8.47 -19.12 16.96
C GLY B 81 8.02 -20.22 16.02
N ASP B 82 6.81 -20.71 16.22
CA ASP B 82 6.21 -21.62 15.27
C ASP B 82 5.25 -20.86 14.36
N LYS B 83 5.51 -20.88 13.05
CA LYS B 83 4.71 -20.14 12.07
C LYS B 83 3.22 -20.47 12.16
N LEU B 84 2.91 -21.75 12.35
CA LEU B 84 1.53 -22.22 12.37
C LEU B 84 0.82 -21.85 13.67
N PHE B 85 1.44 -22.15 14.81
CA PHE B 85 0.86 -21.72 16.08
C PHE B 85 0.70 -20.20 16.13
N ALA B 86 1.66 -19.45 15.56
CA ALA B 86 1.58 -17.98 15.56
C ALA B 86 0.45 -17.48 14.67
N THR B 87 0.34 -18.07 13.48
CA THR B 87 -0.70 -17.69 12.55
C THR B 87 -2.09 -17.93 13.19
N LEU B 88 -2.24 -19.08 13.86
CA LEU B 88 -3.47 -19.39 14.58
C LEU B 88 -3.80 -18.32 15.62
N ARG B 89 -2.81 -17.86 16.33
CA ARG B 89 -3.04 -16.85 17.36
C ARG B 89 -3.33 -15.47 16.73
N LEU B 90 -2.64 -15.15 15.63
CA LEU B 90 -2.84 -13.89 14.92
C LEU B 90 -4.21 -13.80 14.21
N ALA B 91 -4.70 -14.93 13.70
CA ALA B 91 -5.84 -14.96 12.77
C ALA B 91 -7.13 -14.31 13.29
N GLY B 92 -7.37 -14.40 14.59
CA GLY B 92 -8.51 -13.68 15.16
C GLY B 92 -8.40 -12.15 15.01
N LYS B 93 -7.18 -11.64 15.19
CA LYS B 93 -6.97 -10.30 15.70
C LYS B 93 -6.42 -9.29 14.71
N VAL B 94 -5.72 -9.76 13.67
CA VAL B 94 -5.10 -8.88 12.69
C VAL B 94 -5.20 -9.54 11.32
N PRO B 95 -5.19 -8.73 10.25
CA PRO B 95 -5.08 -9.32 8.91
C PRO B 95 -3.78 -10.13 8.72
N VAL B 96 -3.89 -11.29 8.11
CA VAL B 96 -2.75 -12.14 7.79
C VAL B 96 -2.91 -12.60 6.35
N PRO B 97 -1.81 -13.02 5.71
CA PRO B 97 -1.97 -13.61 4.38
C PRO B 97 -2.81 -14.89 4.44
N GLU B 98 -3.56 -15.18 3.39
CA GLU B 98 -4.28 -16.45 3.29
C GLU B 98 -3.28 -17.57 3.47
N TRP B 99 -3.68 -18.60 4.21
CA TRP B 99 -2.76 -19.70 4.50
C TRP B 99 -3.51 -21.03 4.53
N LYS B 100 -2.76 -22.12 4.42
CA LYS B 100 -3.32 -23.46 4.60
C LYS B 100 -2.28 -24.32 5.29
N ALA B 101 -2.75 -25.33 6.00
CA ALA B 101 -1.88 -26.32 6.60
C ALA B 101 -2.38 -27.70 6.28
N ALA B 102 -1.45 -28.58 5.96
CA ALA B 102 -1.76 -29.94 5.64
C ALA B 102 -0.78 -30.82 6.39
N LEU B 103 -1.17 -32.06 6.62
CA LEU B 103 -0.39 -32.99 7.42
C LEU B 103 0.24 -34.12 6.59
N SER B 104 0.00 -34.13 5.28
CA SER B 104 0.63 -35.11 4.41
C SER B 104 0.81 -34.50 3.04
N GLU B 105 1.67 -35.14 2.26
CA GLU B 105 1.93 -34.75 0.86
C GLU B 105 0.64 -34.77 0.08
N GLY B 106 -0.16 -35.82 0.29
CA GLY B 106 -1.47 -35.97 -0.34
C GLY B 106 -2.36 -34.77 -0.07
N GLY B 107 -2.45 -34.37 1.18
CA GLY B 107 -3.28 -33.22 1.56
C GLY B 107 -2.74 -31.90 1.05
N ALA B 108 -1.41 -31.78 1.02
CA ALA B 108 -0.71 -30.59 0.55
C ALA B 108 -1.00 -30.33 -0.93
N LEU B 109 -1.12 -31.41 -1.71
CA LEU B 109 -1.49 -31.33 -3.14
C LEU B 109 -2.83 -30.61 -3.43
N ARG B 110 -3.74 -30.55 -2.46
CA ARG B 110 -5.00 -29.83 -2.62
C ARG B 110 -4.90 -28.33 -2.27
N VAL B 111 -3.79 -27.91 -1.71
CA VAL B 111 -3.64 -26.54 -1.24
C VAL B 111 -3.81 -25.50 -2.35
N PRO B 112 -3.27 -25.76 -3.56
CA PRO B 112 -3.49 -24.81 -4.65
C PRO B 112 -4.96 -24.56 -4.96
N ASP B 113 -5.81 -25.57 -4.80
CA ASP B 113 -7.25 -25.39 -4.97
C ASP B 113 -7.81 -24.26 -4.12
N SER B 114 -7.25 -24.03 -2.93
CA SER B 114 -7.67 -22.95 -2.05
C SER B 114 -6.89 -21.65 -2.31
N LEU B 115 -5.57 -21.76 -2.39
CA LEU B 115 -4.70 -20.59 -2.40
C LEU B 115 -4.35 -20.06 -3.79
N GLY B 116 -4.43 -20.92 -4.78
CA GLY B 116 -3.96 -20.62 -6.12
C GLY B 116 -2.44 -20.53 -6.17
N TYR B 117 -1.93 -20.36 -7.38
CA TYR B 117 -0.52 -20.17 -7.63
C TYR B 117 -0.34 -18.70 -7.99
N PRO B 118 0.81 -18.10 -7.64
CA PRO B 118 1.89 -18.75 -6.92
C PRO B 118 1.60 -18.83 -5.41
N LEU B 119 2.16 -19.83 -4.75
CA LEU B 119 2.08 -19.89 -3.30
C LEU B 119 3.48 -20.01 -2.70
N VAL B 120 3.55 -19.80 -1.38
CA VAL B 120 4.79 -19.88 -0.65
C VAL B 120 4.74 -21.02 0.37
N SER B 121 5.80 -21.83 0.35
CA SER B 121 6.00 -22.94 1.26
C SER B 121 7.14 -22.56 2.18
N LYS B 122 6.99 -22.87 3.47
CA LYS B 122 8.02 -22.55 4.45
C LYS B 122 7.91 -23.47 5.66
N PRO B 123 9.05 -23.80 6.29
CA PRO B 123 9.00 -24.69 7.45
C PRO B 123 8.42 -23.95 8.64
N VAL B 124 7.74 -24.66 9.54
CA VAL B 124 7.11 -24.00 10.68
C VAL B 124 8.08 -23.36 11.70
N PHE B 125 9.35 -23.80 11.74
CA PHE B 125 10.29 -23.35 12.77
C PHE B 125 11.52 -22.54 12.28
N GLY B 126 11.63 -22.30 10.98
CA GLY B 126 12.78 -21.59 10.45
C GLY B 126 12.86 -20.10 10.77
N SER B 127 13.99 -19.51 10.38
CA SER B 127 14.21 -18.07 10.43
C SER B 127 15.20 -17.70 9.33
N TRP B 128 15.47 -16.39 9.22
CA TRP B 128 16.44 -15.85 8.24
C TRP B 128 16.09 -16.14 6.77
N GLY B 129 14.83 -16.44 6.47
CA GLY B 129 14.40 -16.80 5.10
C GLY B 129 14.75 -18.20 4.61
N ARG B 130 15.14 -19.07 5.54
CA ARG B 130 15.60 -20.43 5.25
C ARG B 130 14.48 -21.37 4.78
N LEU B 131 14.72 -22.08 3.67
CA LEU B 131 13.75 -23.04 3.10
C LEU B 131 12.40 -22.44 2.62
N LEU B 132 12.37 -21.14 2.41
CA LEU B 132 11.23 -20.48 1.77
C LEU B 132 11.26 -20.85 0.30
N ALA B 133 10.11 -21.25 -0.25
CA ALA B 133 10.02 -21.55 -1.67
C ALA B 133 8.80 -20.89 -2.30
N LYS B 134 9.02 -20.29 -3.46
CA LYS B 134 7.96 -19.72 -4.26
C LYS B 134 7.57 -20.79 -5.28
N VAL B 135 6.35 -21.30 -5.15
CA VAL B 135 5.85 -22.40 -5.95
C VAL B 135 4.84 -21.87 -6.96
N ASN B 136 5.23 -21.88 -8.23
CA ASN B 136 4.45 -21.29 -9.29
C ASN B 136 3.52 -22.29 -9.98
N ASP B 137 3.73 -23.58 -9.74
CA ASP B 137 2.93 -24.62 -10.38
C ASP B 137 3.06 -25.98 -9.67
N ARG B 138 2.29 -26.94 -10.19
CA ARG B 138 2.23 -28.30 -9.68
C ARG B 138 3.59 -28.99 -9.68
N ASP B 139 4.36 -28.84 -10.74
CA ASP B 139 5.68 -29.47 -10.81
C ASP B 139 6.59 -29.01 -9.67
N SER B 140 6.56 -27.71 -9.36
CA SER B 140 7.37 -27.20 -8.26
C SER B 140 6.79 -27.66 -6.91
N LEU B 141 5.47 -27.69 -6.78
CA LEU B 141 4.85 -28.18 -5.55
C LEU B 141 5.30 -29.60 -5.22
N GLU B 142 5.25 -30.48 -6.23
CA GLU B 142 5.67 -31.88 -6.07
C GLU B 142 7.14 -31.99 -5.66
N ALA B 143 8.01 -31.27 -6.36
CA ALA B 143 9.43 -31.25 -6.04
C ALA B 143 9.65 -30.81 -4.61
N VAL B 144 8.96 -29.75 -4.18
CA VAL B 144 9.11 -29.25 -2.83
C VAL B 144 8.64 -30.28 -1.81
N LEU B 145 7.47 -30.86 -2.03
CA LEU B 145 6.94 -31.88 -1.13
C LEU B 145 7.83 -33.12 -1.08
N GLU B 146 8.35 -33.54 -2.24
CA GLU B 146 9.24 -34.69 -2.28
C GLU B 146 10.50 -34.46 -1.46
N HIS B 147 11.09 -33.28 -1.57
CA HIS B 147 12.26 -32.96 -0.77
C HIS B 147 11.96 -32.86 0.72
N ARG B 148 10.85 -32.25 1.10
CA ARG B 148 10.49 -32.14 2.52
C ARG B 148 10.27 -33.52 3.13
N LYS B 149 9.64 -34.40 2.37
CA LYS B 149 9.43 -35.77 2.82
C LYS B 149 10.75 -36.48 3.11
N TRP B 150 11.74 -36.36 2.22
CA TRP B 150 13.04 -37.03 2.40
C TRP B 150 13.88 -36.46 3.52
N MET B 151 13.64 -35.21 3.91
CA MET B 151 14.44 -34.58 4.97
C MET B 151 14.15 -35.27 6.29
N LYS B 152 15.17 -35.34 7.14
CA LYS B 152 15.09 -36.06 8.40
C LYS B 152 14.07 -35.49 9.40
N ASN B 153 14.06 -34.18 9.56
CA ASN B 153 13.29 -33.55 10.64
C ASN B 153 11.78 -33.80 10.43
N PRO B 154 11.13 -34.50 11.37
CA PRO B 154 9.66 -34.70 11.27
C PRO B 154 8.84 -33.41 11.20
N LEU B 155 9.33 -32.31 11.76
CA LEU B 155 8.70 -31.00 11.59
C LEU B 155 8.53 -30.55 10.14
N TYR B 156 9.39 -31.00 9.24
CA TYR B 156 9.26 -30.66 7.83
C TYR B 156 8.08 -31.35 7.20
N GLY B 157 7.50 -32.32 7.89
CA GLY B 157 6.26 -32.94 7.45
C GLY B 157 4.98 -32.19 7.79
N ILE B 158 5.09 -31.05 8.50
CA ILE B 158 3.95 -30.17 8.75
C ILE B 158 3.96 -29.14 7.62
N HIS B 159 2.99 -29.21 6.71
CA HIS B 159 3.06 -28.43 5.49
C HIS B 159 2.27 -27.14 5.62
N TYR B 160 2.99 -26.05 5.76
CA TYR B 160 2.41 -24.73 5.94
C TYR B 160 2.64 -23.93 4.67
N PHE B 161 1.56 -23.37 4.15
CA PHE B 161 1.62 -22.55 2.96
C PHE B 161 0.89 -21.24 3.13
N GLN B 162 1.28 -20.26 2.33
CA GLN B 162 0.63 -18.97 2.23
C GLN B 162 0.49 -18.60 0.79
N GLU B 163 -0.54 -17.83 0.46
CA GLU B 163 -0.59 -17.11 -0.81
C GLU B 163 0.69 -16.28 -0.98
N PHE B 164 1.18 -16.19 -2.20
CA PHE B 164 2.32 -15.33 -2.51
C PHE B 164 1.83 -13.90 -2.52
N VAL B 165 2.39 -13.06 -1.66
CA VAL B 165 1.99 -11.66 -1.64
C VAL B 165 2.93 -10.88 -2.53
N GLU B 166 2.37 -10.05 -3.40
CA GLU B 166 3.19 -9.21 -4.28
C GLU B 166 3.53 -7.97 -3.51
N LYS B 167 4.76 -7.90 -3.01
CA LYS B 167 5.22 -6.80 -2.18
C LYS B 167 5.91 -5.76 -3.08
N PRO B 168 6.04 -4.51 -2.61
CA PRO B 168 6.71 -3.52 -3.44
C PRO B 168 8.22 -3.49 -3.18
N GLY B 169 8.90 -4.59 -3.47
CA GLY B 169 10.35 -4.68 -3.34
C GLY B 169 10.88 -4.62 -1.92
N ARG B 170 10.02 -4.86 -0.95
CA ARG B 170 10.41 -4.72 0.45
C ARG B 170 9.36 -5.35 1.34
N ASP B 171 9.69 -5.56 2.60
CA ASP B 171 8.67 -5.78 3.62
C ASP B 171 8.98 -4.93 4.85
N ILE B 172 8.20 -5.12 5.91
CA ILE B 172 8.30 -4.26 7.07
C ILE B 172 8.62 -5.11 8.29
N ARG B 173 9.56 -4.61 9.10
CA ARG B 173 9.93 -5.25 10.33
C ARG B 173 9.76 -4.27 11.47
N SER B 174 8.92 -4.59 12.44
CA SER B 174 8.64 -3.69 13.55
C SER B 174 8.96 -4.36 14.86
N TYR B 175 9.07 -3.56 15.92
CA TYR B 175 9.41 -4.07 17.24
C TYR B 175 8.43 -3.56 18.28
N VAL B 176 7.81 -4.49 19.01
CA VAL B 176 6.96 -4.15 20.16
C VAL B 176 7.48 -4.87 21.38
N ILE B 177 7.69 -4.11 22.46
CA ILE B 177 8.22 -4.66 23.70
C ILE B 177 7.29 -4.27 24.86
N GLY B 178 6.73 -5.28 25.52
CA GLY B 178 5.82 -5.08 26.63
C GLY B 178 4.60 -4.25 26.26
N GLY B 179 4.20 -4.32 25.00
CA GLY B 179 3.04 -3.55 24.53
C GLY B 179 3.39 -2.19 23.95
N GLU B 180 4.64 -1.75 24.10
CA GLU B 180 5.09 -0.48 23.54
C GLU B 180 5.83 -0.68 22.21
N PHE B 181 5.38 0.01 21.17
CA PHE B 181 6.09 0.06 19.89
C PHE B 181 7.39 0.81 20.09
N VAL B 182 8.50 0.24 19.62
CA VAL B 182 9.79 0.86 19.81
C VAL B 182 10.41 1.32 18.50
N GLY B 183 10.02 0.74 17.38
CA GLY B 183 10.46 1.22 16.08
C GLY B 183 10.18 0.23 14.98
N ALA B 184 10.43 0.65 13.75
CA ALA B 184 10.26 -0.21 12.59
C ALA B 184 11.16 0.20 11.43
N ILE B 185 11.42 -0.77 10.57
CA ILE B 185 12.18 -0.55 9.35
C ILE B 185 11.50 -1.21 8.17
N TYR B 186 11.85 -0.71 6.98
CA TYR B 186 11.65 -1.43 5.73
C TYR B 186 12.89 -2.27 5.49
N ARG B 187 12.69 -3.47 4.93
CA ARG B 187 13.77 -4.32 4.47
C ARG B 187 13.64 -4.44 2.95
N TYR B 188 14.56 -3.78 2.24
CA TYR B 188 14.59 -3.79 0.79
C TYR B 188 15.43 -4.90 0.23
N SER B 189 14.98 -5.47 -0.89
CA SER B 189 15.75 -6.45 -1.60
C SER B 189 15.26 -6.55 -3.03
N ASN B 190 16.17 -6.85 -3.95
CA ASN B 190 15.82 -7.22 -5.32
C ASN B 190 15.18 -8.60 -5.42
N HIS B 191 15.32 -9.42 -4.39
CA HIS B 191 14.70 -10.74 -4.34
C HIS B 191 13.43 -10.67 -3.47
N TRP B 192 12.46 -11.55 -3.71
CA TRP B 192 11.21 -11.56 -2.93
C TRP B 192 11.42 -11.89 -1.44
N ILE B 193 12.48 -12.62 -1.13
CA ILE B 193 12.87 -12.90 0.27
C ILE B 193 13.76 -11.76 0.78
N THR B 194 13.26 -10.97 1.75
CA THR B 194 13.89 -9.71 2.13
C THR B 194 14.71 -9.68 3.43
N ASN B 195 14.89 -10.80 4.12
CA ASN B 195 15.59 -10.77 5.44
C ASN B 195 16.93 -10.06 5.33
N THR B 196 17.29 -9.25 6.33
CA THR B 196 18.63 -8.67 6.37
C THR B 196 19.67 -9.79 6.47
N ALA B 197 19.29 -10.94 6.99
CA ALA B 197 20.20 -12.10 6.97
C ALA B 197 20.67 -12.51 5.56
N ARG B 198 20.04 -12.03 4.47
CA ARG B 198 20.47 -12.48 3.13
C ARG B 198 20.46 -11.58 1.86
N GLY B 199 20.89 -10.33 1.87
CA GLY B 199 20.92 -9.44 2.99
C GLY B 199 20.14 -8.23 2.52
N GLY B 200 18.87 -8.18 2.93
CA GLY B 200 18.05 -6.99 2.74
C GLY B 200 18.69 -5.77 3.36
N LYS B 201 18.30 -4.60 2.87
CA LYS B 201 18.84 -3.34 3.34
C LYS B 201 17.78 -2.62 4.18
N ALA B 202 18.18 -2.10 5.33
CA ALA B 202 17.28 -1.48 6.28
C ALA B 202 17.11 0.02 6.04
N GLU B 203 15.86 0.47 6.07
CA GLU B 203 15.53 1.90 6.05
C GLU B 203 14.50 2.14 7.14
N PRO B 204 14.54 3.32 7.78
CA PRO B 204 13.55 3.56 8.83
C PRO B 204 12.10 3.66 8.30
N CYS B 205 11.17 3.17 9.12
CA CYS B 205 9.75 3.19 8.79
C CYS B 205 8.98 3.95 9.88
N SER B 206 8.42 5.10 9.52
CA SER B 206 7.66 5.91 10.46
C SER B 206 6.14 5.79 10.25
N ASP B 207 5.71 4.78 9.50
CA ASP B 207 4.31 4.64 9.13
C ASP B 207 3.47 4.41 10.40
N PRO B 208 2.56 5.36 10.74
CA PRO B 208 1.77 5.15 11.98
C PRO B 208 0.84 3.95 11.92
N GLU B 209 0.44 3.54 10.72
CA GLU B 209 -0.39 2.35 10.61
C GLU B 209 0.40 1.08 11.00
N VAL B 210 1.68 1.01 10.65
CA VAL B 210 2.44 -0.18 11.02
C VAL B 210 2.61 -0.21 12.54
N GLU B 211 2.70 0.97 13.16
CA GLU B 211 2.76 1.08 14.61
C GLU B 211 1.48 0.54 15.28
N GLU B 212 0.32 1.00 14.82
CA GLU B 212 -0.97 0.52 15.34
C GLU B 212 -1.15 -1.00 15.13
N LEU B 213 -0.86 -1.47 13.91
CA LEU B 213 -1.00 -2.89 13.61
C LEU B 213 0.01 -3.75 14.39
N SER B 214 1.23 -3.25 14.56
CA SER B 214 2.23 -4.00 15.32
C SER B 214 1.79 -4.17 16.77
N VAL B 215 1.21 -3.13 17.36
CA VAL B 215 0.75 -3.25 18.75
C VAL B 215 -0.39 -4.28 18.86
N LYS B 216 -1.31 -4.24 17.90
CA LYS B 216 -2.37 -5.26 17.82
C LYS B 216 -1.83 -6.68 17.68
N ALA B 217 -0.80 -6.84 16.86
CA ALA B 217 -0.22 -8.15 16.64
C ALA B 217 0.44 -8.65 17.94
N TRP B 218 1.12 -7.74 18.63
CA TRP B 218 1.70 -8.07 19.94
C TRP B 218 0.60 -8.50 20.90
N GLU B 219 -0.53 -7.79 20.90
CA GLU B 219 -1.60 -8.07 21.86
C GLU B 219 -2.25 -9.42 21.65
N ALA B 220 -2.11 -10.00 20.46
CA ALA B 220 -2.60 -11.35 20.24
C ALA B 220 -1.83 -12.37 21.09
N PHE B 221 -0.60 -12.03 21.48
CA PHE B 221 0.19 -12.85 22.41
C PHE B 221 0.12 -12.31 23.83
N GLY B 222 0.14 -10.99 23.96
CA GLY B 222 -0.07 -10.34 25.26
C GLY B 222 1.13 -10.35 26.18
N GLU B 223 2.34 -10.54 25.64
CA GLU B 223 3.55 -10.50 26.49
C GLU B 223 4.82 -10.40 25.66
N GLY B 224 5.90 -10.06 26.34
CA GLY B 224 7.22 -10.23 25.76
C GLY B 224 7.73 -9.16 24.81
N ALA B 225 8.85 -9.51 24.18
CA ALA B 225 9.55 -8.66 23.25
C ALA B 225 9.48 -9.34 21.89
N LEU B 226 8.83 -8.71 20.91
CA LEU B 226 8.63 -9.35 19.60
C LEU B 226 9.09 -8.47 18.47
N ALA B 227 9.71 -9.13 17.49
CA ALA B 227 9.99 -8.57 16.19
C ALA B 227 8.93 -9.10 15.23
N ILE B 228 8.22 -8.17 14.60
CA ILE B 228 7.04 -8.50 13.83
C ILE B 228 7.36 -8.25 12.35
N ASP B 229 6.92 -9.18 11.50
CA ASP B 229 7.06 -9.06 10.04
C ASP B 229 5.72 -8.74 9.39
N ILE B 230 5.68 -7.66 8.62
CA ILE B 230 4.44 -7.18 8.00
C ILE B 230 4.68 -7.02 6.50
N PHE B 231 3.68 -7.37 5.69
CA PHE B 231 3.74 -7.22 4.24
C PHE B 231 2.76 -6.14 3.79
N GLU B 232 3.15 -5.37 2.78
CA GLU B 232 2.24 -4.47 2.06
C GLU B 232 1.62 -5.20 0.89
N SER B 233 0.32 -5.09 0.73
CA SER B 233 -0.39 -5.75 -0.36
C SER B 233 -1.43 -4.81 -0.90
N GLU B 234 -1.96 -5.15 -2.07
CA GLU B 234 -3.06 -4.40 -2.65
C GLU B 234 -4.34 -4.38 -1.79
N LYS B 235 -4.44 -5.32 -0.84
CA LYS B 235 -5.50 -5.33 0.17
C LYS B 235 -5.09 -4.67 1.50
N GLY B 236 -3.93 -4.03 1.56
CA GLY B 236 -3.44 -3.41 2.79
C GLY B 236 -2.37 -4.21 3.51
N LEU B 237 -2.09 -3.79 4.74
CA LEU B 237 -1.10 -4.45 5.57
C LEU B 237 -1.55 -5.83 6.05
N LEU B 238 -0.62 -6.78 6.03
CA LEU B 238 -0.85 -8.15 6.52
C LEU B 238 0.27 -8.52 7.46
N VAL B 239 -0.07 -9.15 8.57
CA VAL B 239 0.92 -9.63 9.53
C VAL B 239 1.31 -11.06 9.17
N ASN B 240 2.60 -11.25 8.94
CA ASN B 240 3.12 -12.50 8.44
C ASN B 240 3.62 -13.41 9.57
N GLU B 241 4.45 -12.86 10.44
CA GLU B 241 5.24 -13.65 11.35
C GLU B 241 5.61 -12.79 12.55
N VAL B 242 5.90 -13.45 13.68
CA VAL B 242 6.47 -12.77 14.84
C VAL B 242 7.68 -13.57 15.29
N ASN B 243 8.69 -12.90 15.83
CA ASN B 243 9.96 -13.52 16.18
C ASN B 243 10.34 -13.26 17.63
N PRO B 244 10.51 -14.33 18.43
CA PRO B 244 10.79 -14.15 19.85
C PRO B 244 12.26 -14.07 20.24
N ASN B 245 13.19 -14.10 19.30
CA ASN B 245 14.60 -13.78 19.62
C ASN B 245 15.16 -12.73 18.67
N MET B 246 14.57 -11.56 18.76
CA MET B 246 14.82 -10.46 17.85
C MET B 246 16.32 -10.14 17.62
N GLU B 247 16.70 -10.01 16.37
CA GLU B 247 17.90 -9.26 16.00
C GLU B 247 17.43 -7.85 15.68
N PHE B 248 18.31 -6.89 15.86
CA PHE B 248 17.96 -5.49 15.66
C PHE B 248 19.13 -4.54 15.34
N LYS B 249 20.36 -5.04 15.21
CA LYS B 249 21.50 -4.12 15.09
C LYS B 249 21.37 -3.12 13.92
N ASN B 250 20.86 -3.58 12.78
CA ASN B 250 20.59 -2.68 11.66
C ASN B 250 19.38 -1.79 11.94
N ALA B 251 18.33 -2.40 12.47
CA ALA B 251 17.11 -1.67 12.82
C ALA B 251 17.42 -0.53 13.81
N ALA B 252 18.22 -0.86 14.82
CA ALA B 252 18.71 0.14 15.79
C ALA B 252 19.52 1.25 15.16
N ARG B 253 20.52 0.88 14.36
CA ARG B 253 21.37 1.85 13.64
C ARG B 253 20.55 2.80 12.77
N VAL B 254 19.57 2.25 12.07
CA VAL B 254 18.86 2.99 11.03
C VAL B 254 17.72 3.83 11.62
N THR B 255 17.08 3.35 12.68
CA THR B 255 16.03 4.11 13.36
C THR B 255 16.53 5.00 14.49
N GLY B 256 17.69 4.68 15.05
CA GLY B 256 18.17 5.35 16.24
C GLY B 256 17.44 4.93 17.51
N ALA B 257 16.54 3.95 17.42
CA ALA B 257 15.81 3.44 18.58
C ALA B 257 16.68 2.48 19.41
N ASP B 258 16.46 2.52 20.72
CA ASP B 258 17.22 1.71 21.66
C ASP B 258 16.44 0.42 21.99
N MET B 259 16.39 -0.49 21.01
CA MET B 259 15.78 -1.81 21.21
C MET B 259 16.37 -2.55 22.40
N ALA B 260 17.69 -2.51 22.50
CA ALA B 260 18.40 -3.22 23.55
C ALA B 260 18.00 -2.73 24.95
N GLY B 261 17.94 -1.41 25.12
CA GLY B 261 17.55 -0.80 26.39
C GLY B 261 16.11 -1.09 26.76
N LYS B 262 15.22 -1.03 25.78
CA LYS B 262 13.81 -1.36 26.00
C LYS B 262 13.63 -2.81 26.42
N LEU B 263 14.35 -3.73 25.77
CA LEU B 263 14.32 -5.13 26.15
C LEU B 263 14.75 -5.32 27.60
N VAL B 264 15.84 -4.67 27.97
CA VAL B 264 16.36 -4.76 29.33
C VAL B 264 15.43 -4.11 30.35
N GLU B 265 14.81 -2.99 29.98
CA GLU B 265 13.87 -2.32 30.89
C GLU B 265 12.67 -3.21 31.16
N TYR B 266 12.15 -3.86 30.12
CA TYR B 266 11.07 -4.84 30.26
C TYR B 266 11.49 -6.01 31.15
N ALA B 267 12.71 -6.51 30.94
CA ALA B 267 13.24 -7.58 31.77
C ALA B 267 13.28 -7.19 33.25
N VAL B 268 13.65 -5.95 33.57
CA VAL B 268 13.65 -5.54 34.99
C VAL B 268 12.23 -5.38 35.51
N GLU B 269 11.29 -5.00 34.64
CA GLU B 269 9.88 -5.00 35.02
C GLU B 269 9.39 -6.42 35.37
N VAL B 270 9.70 -7.42 34.55
CA VAL B 270 9.27 -8.80 34.88
C VAL B 270 10.03 -9.36 36.09
N ALA B 271 11.27 -8.92 36.32
CA ALA B 271 12.02 -9.36 37.49
C ALA B 271 11.34 -8.94 38.80
N LYS B 272 10.68 -7.78 38.79
CA LYS B 272 9.98 -7.24 39.96
C LYS B 272 8.53 -7.70 40.06
N THR B 273 8.12 -8.66 39.22
CA THR B 273 6.71 -9.01 39.10
C THR B 273 6.28 -9.99 40.21
N MET C 1 52.23 -22.30 -20.44
CA MET C 1 51.57 -23.02 -19.32
C MET C 1 50.33 -22.26 -18.83
N ARG C 2 49.25 -23.01 -18.60
CA ARG C 2 48.06 -22.46 -17.96
C ARG C 2 47.58 -23.46 -16.90
N ILE C 3 47.74 -23.09 -15.64
CA ILE C 3 47.46 -23.95 -14.50
C ILE C 3 46.20 -23.49 -13.81
N GLY C 4 45.19 -24.36 -13.75
CA GLY C 4 43.95 -24.07 -13.06
C GLY C 4 44.11 -24.44 -11.60
N ILE C 5 43.55 -23.61 -10.72
CA ILE C 5 43.42 -23.97 -9.30
C ILE C 5 41.95 -23.87 -8.90
N THR C 6 41.44 -24.98 -8.42
CA THR C 6 40.04 -25.12 -8.10
C THR C 6 39.91 -25.00 -6.58
N TYR C 7 39.04 -24.11 -6.10
CA TYR C 7 38.96 -23.83 -4.68
C TYR C 7 37.56 -23.53 -4.17
N THR C 8 37.38 -23.70 -2.86
CA THR C 8 36.13 -23.37 -2.16
C THR C 8 36.25 -22.00 -1.50
N VAL C 9 37.29 -21.80 -0.69
CA VAL C 9 37.58 -20.48 -0.12
C VAL C 9 39.09 -20.17 -0.20
N LEU C 10 39.41 -18.95 -0.64
CA LEU C 10 40.80 -18.49 -0.72
C LEU C 10 41.38 -18.28 0.67
N ARG C 11 42.47 -18.98 0.95
CA ARG C 11 43.17 -18.88 2.22
C ARG C 11 44.68 -18.99 1.96
N ARG C 12 45.47 -19.20 3.02
CA ARG C 12 46.93 -19.30 2.93
C ARG C 12 47.44 -20.28 1.85
N GLU C 13 46.99 -21.52 1.92
CA GLU C 13 47.51 -22.58 1.06
C GLU C 13 47.18 -22.34 -0.41
N GLU C 14 45.92 -22.01 -0.68
CA GLU C 14 45.50 -21.73 -2.05
C GLU C 14 46.30 -20.55 -2.59
N MET C 15 46.51 -19.53 -1.75
CA MET C 15 47.27 -18.36 -2.15
C MET C 15 48.76 -18.66 -2.33
N ALA C 16 49.29 -19.58 -1.53
CA ALA C 16 50.66 -20.07 -1.68
C ALA C 16 50.85 -20.87 -2.98
N ILE C 17 49.86 -21.70 -3.31
CA ILE C 17 49.88 -22.47 -4.55
C ILE C 17 49.78 -21.53 -5.77
N LYS C 18 48.92 -20.52 -5.67
CA LYS C 18 48.77 -19.50 -6.72
C LYS C 18 50.09 -18.83 -7.13
N GLU C 19 50.89 -18.45 -6.14
CA GLU C 19 52.15 -17.75 -6.43
C GLU C 19 53.26 -18.68 -6.92
N ARG C 20 53.31 -19.92 -6.44
CA ARG C 20 54.28 -20.92 -6.94
C ARG C 20 54.00 -21.28 -8.39
N ALA C 21 52.73 -21.52 -8.69
CA ALA C 21 52.27 -21.52 -10.08
C ALA C 21 52.41 -20.07 -10.51
N GLY C 22 52.29 -19.76 -11.78
CA GLY C 22 52.49 -18.36 -12.16
C GLY C 22 53.95 -18.06 -12.39
N GLU C 23 54.82 -18.64 -11.56
CA GLU C 23 56.23 -18.76 -11.89
C GLU C 23 56.44 -19.70 -13.08
N PHE C 24 55.47 -20.58 -13.33
CA PHE C 24 55.50 -21.47 -14.50
C PHE C 24 54.64 -21.00 -15.69
N GLY C 25 53.59 -20.23 -15.40
CA GLY C 25 52.68 -19.77 -16.45
C GLY C 25 51.52 -18.95 -15.94
N GLU C 26 50.47 -18.84 -16.74
CA GLU C 26 49.28 -18.10 -16.35
C GLU C 26 48.46 -18.95 -15.40
N VAL C 27 48.04 -18.37 -14.28
CA VAL C 27 47.23 -19.08 -13.30
C VAL C 27 45.79 -18.63 -13.44
N VAL C 28 44.87 -19.60 -13.44
CA VAL C 28 43.43 -19.34 -13.51
C VAL C 28 42.81 -19.86 -12.23
N MET C 29 42.31 -18.94 -11.41
CA MET C 29 41.66 -19.32 -10.18
C MET C 29 40.21 -19.67 -10.48
N LEU C 30 39.82 -20.88 -10.12
CA LEU C 30 38.47 -21.37 -10.42
C LEU C 30 37.69 -21.57 -9.14
N HIS C 31 36.83 -20.61 -8.82
CA HIS C 31 35.91 -20.78 -7.70
C HIS C 31 34.89 -21.83 -8.14
N GLU C 32 34.25 -22.50 -7.19
CA GLU C 32 33.26 -23.52 -7.53
C GLU C 32 32.13 -22.98 -8.41
N ASP C 33 31.83 -21.69 -8.30
CA ASP C 33 30.87 -21.01 -9.19
C ASP C 33 31.30 -21.04 -10.66
N ASP C 34 32.61 -21.08 -10.91
CA ASP C 34 33.17 -21.11 -12.27
C ASP C 34 33.15 -22.51 -12.90
N LEU C 35 32.73 -23.54 -12.15
CA LEU C 35 32.75 -24.93 -12.65
C LEU C 35 31.40 -25.36 -13.21
N LEU C 36 31.34 -25.45 -14.53
CA LEU C 36 30.15 -25.83 -15.24
C LEU C 36 30.60 -26.74 -16.37
N PHE C 37 29.96 -27.91 -16.49
CA PHE C 37 30.32 -28.87 -17.54
C PHE C 37 29.07 -29.40 -18.23
N PRO C 38 29.19 -29.83 -19.50
CA PRO C 38 30.37 -29.66 -20.35
C PRO C 38 30.71 -28.19 -20.54
N GLY C 39 31.99 -27.89 -20.64
CA GLY C 39 32.47 -26.51 -20.72
C GLY C 39 33.77 -26.39 -21.50
N ASN C 40 34.07 -25.16 -21.92
CA ASN C 40 35.29 -24.85 -22.68
C ASN C 40 36.35 -24.29 -21.77
N TYR C 41 37.27 -25.16 -21.38
CA TYR C 41 38.37 -24.78 -20.51
C TYR C 41 39.67 -24.96 -21.28
N ASP C 42 40.57 -24.01 -21.11
CA ASP C 42 41.84 -24.02 -21.78
C ASP C 42 42.90 -24.01 -20.70
N LEU C 43 43.21 -25.20 -20.21
CA LEU C 43 44.09 -25.41 -19.08
C LEU C 43 44.96 -26.63 -19.38
N ASP C 44 46.21 -26.61 -18.91
CA ASP C 44 47.14 -27.71 -19.13
C ASP C 44 47.07 -28.71 -17.99
N VAL C 45 46.64 -28.25 -16.83
CA VAL C 45 46.49 -29.07 -15.64
C VAL C 45 45.65 -28.30 -14.62
N VAL C 46 44.95 -29.01 -13.74
CA VAL C 46 44.18 -28.41 -12.67
C VAL C 46 44.66 -28.95 -11.34
N ILE C 47 44.92 -28.04 -10.40
CA ILE C 47 45.25 -28.43 -9.04
C ILE C 47 43.95 -28.38 -8.23
N ILE C 48 43.53 -29.55 -7.73
CA ILE C 48 42.22 -29.71 -7.09
C ILE C 48 42.33 -29.40 -5.58
N ARG C 49 41.80 -28.24 -5.16
CA ARG C 49 41.86 -27.84 -3.75
C ARG C 49 40.50 -27.68 -3.05
N ASN C 50 39.43 -28.17 -3.68
CA ASN C 50 38.09 -28.09 -3.08
C ASN C 50 38.09 -28.69 -1.68
N VAL C 51 37.48 -27.99 -0.73
CA VAL C 51 37.42 -28.47 0.64
C VAL C 51 36.61 -29.75 0.77
N SER C 52 35.49 -29.85 0.03
CA SER C 52 34.69 -31.06 0.04
C SER C 52 35.36 -32.18 -0.78
N HIS C 53 35.60 -33.31 -0.13
CA HIS C 53 36.20 -34.48 -0.78
C HIS C 53 35.37 -34.89 -1.99
N PHE C 54 34.06 -34.87 -1.82
CA PHE C 54 33.17 -35.25 -2.91
C PHE C 54 33.22 -34.26 -4.07
N LYS C 55 33.21 -32.97 -3.78
CA LYS C 55 33.31 -31.98 -4.85
C LYS C 55 34.65 -32.08 -5.56
N ALA C 56 35.70 -32.34 -4.79
CA ALA C 56 37.02 -32.59 -5.36
C ALA C 56 36.98 -33.78 -6.34
N LEU C 57 36.38 -34.90 -5.92
CA LEU C 57 36.27 -36.09 -6.76
C LEU C 57 35.59 -35.81 -8.11
N TYR C 58 34.43 -35.17 -8.06
CA TYR C 58 33.67 -34.90 -9.28
C TYR C 58 34.35 -33.83 -10.13
N THR C 59 34.94 -32.83 -9.48
CA THR C 59 35.68 -31.82 -10.21
C THR C 59 36.83 -32.48 -11.01
N ALA C 60 37.55 -33.38 -10.37
CA ALA C 60 38.67 -34.08 -11.03
C ALA C 60 38.16 -34.90 -12.21
N ARG C 61 37.08 -35.64 -12.00
CA ARG C 61 36.51 -36.47 -13.06
C ARG C 61 36.02 -35.59 -14.21
N LEU C 62 35.42 -34.45 -13.89
CA LEU C 62 34.90 -33.55 -14.94
C LEU C 62 36.02 -32.92 -15.78
N PHE C 63 37.06 -32.42 -15.14
CA PHE C 63 38.18 -31.91 -15.92
C PHE C 63 38.81 -33.01 -16.80
N GLU C 64 38.97 -34.22 -16.26
CA GLU C 64 39.50 -35.34 -17.05
C GLU C 64 38.64 -35.57 -18.29
N SER C 65 37.31 -35.53 -18.13
CA SER C 65 36.39 -35.68 -19.27
C SER C 65 36.58 -34.60 -20.34
N GLU C 66 37.10 -33.43 -19.98
CA GLU C 66 37.48 -32.41 -20.96
C GLU C 66 38.94 -32.58 -21.41
N GLY C 67 39.57 -33.71 -21.08
CA GLY C 67 40.93 -33.99 -21.52
C GLY C 67 41.97 -33.16 -20.78
N ILE C 68 41.64 -32.70 -19.57
CA ILE C 68 42.54 -31.87 -18.78
C ILE C 68 42.98 -32.67 -17.55
N PRO C 69 44.29 -32.96 -17.42
CA PRO C 69 44.72 -33.75 -16.27
C PRO C 69 44.60 -32.97 -14.97
N THR C 70 44.67 -33.70 -13.87
CA THR C 70 44.23 -33.17 -12.60
C THR C 70 45.12 -33.67 -11.46
N VAL C 71 45.49 -32.79 -10.54
CA VAL C 71 46.24 -33.19 -9.36
C VAL C 71 45.45 -32.86 -8.10
N ASN C 72 44.93 -33.85 -7.37
CA ASN C 72 45.08 -35.28 -7.67
C ASN C 72 44.04 -35.79 -8.65
N SER C 73 44.30 -36.97 -9.22
CA SER C 73 43.40 -37.61 -10.20
C SER C 73 42.09 -38.08 -9.55
N SER C 74 41.04 -38.30 -10.34
CA SER C 74 39.75 -38.74 -9.76
C SER C 74 39.90 -40.11 -9.12
N ARG C 75 40.60 -41.02 -9.81
CA ARG C 75 40.91 -42.36 -9.28
C ARG C 75 41.61 -42.32 -7.92
N LEU C 76 42.60 -41.45 -7.77
CA LEU C 76 43.33 -41.38 -6.51
C LEU C 76 42.49 -40.75 -5.41
N ILE C 77 41.75 -39.70 -5.76
CA ILE C 77 40.84 -39.08 -4.80
C ILE C 77 39.84 -40.12 -4.28
N PHE C 78 39.27 -40.90 -5.18
CA PHE C 78 38.34 -41.98 -4.82
C PHE C 78 39.02 -43.01 -3.89
N GLU C 79 40.09 -43.64 -4.37
CA GLU C 79 40.72 -44.76 -3.65
C GLU C 79 41.38 -44.35 -2.34
N ALA C 80 42.11 -43.25 -2.37
CA ALA C 80 42.83 -42.78 -1.18
C ALA C 80 41.91 -42.09 -0.20
N GLY C 81 40.90 -41.38 -0.73
CA GLY C 81 39.98 -40.61 0.11
C GLY C 81 38.98 -41.45 0.89
N ASP C 82 38.71 -42.68 0.43
CA ASP C 82 37.83 -43.57 1.15
C ASP C 82 38.68 -44.47 2.01
N LYS C 83 38.41 -44.49 3.31
CA LYS C 83 39.31 -45.20 4.23
C LYS C 83 39.36 -46.69 4.00
N LEU C 84 38.23 -47.30 3.66
CA LEU C 84 38.20 -48.74 3.45
C LEU C 84 38.91 -49.09 2.14
N PHE C 85 38.61 -48.37 1.06
CA PHE C 85 39.28 -48.62 -0.23
C PHE C 85 40.78 -48.43 -0.08
N ALA C 86 41.14 -47.40 0.69
CA ALA C 86 42.53 -47.07 0.96
C ALA C 86 43.23 -48.19 1.74
N THR C 87 42.64 -48.68 2.83
CA THR C 87 43.36 -49.69 3.64
C THR C 87 43.49 -50.99 2.88
N LEU C 88 42.53 -51.27 1.99
CA LEU C 88 42.63 -52.41 1.07
C LEU C 88 43.82 -52.29 0.13
N ARG C 89 44.08 -51.08 -0.34
CA ARG C 89 45.23 -50.81 -1.20
C ARG C 89 46.54 -50.90 -0.42
N LEU C 90 46.50 -50.48 0.85
CA LEU C 90 47.67 -50.53 1.73
C LEU C 90 47.98 -51.94 2.28
N ALA C 91 46.94 -52.73 2.46
CA ALA C 91 47.02 -54.00 3.21
C ALA C 91 48.21 -54.88 2.88
N GLY C 92 48.51 -55.05 1.60
CA GLY C 92 49.66 -55.89 1.24
C GLY C 92 51.03 -55.29 1.58
N LYS C 93 51.11 -53.96 1.51
CA LYS C 93 52.37 -53.25 1.29
C LYS C 93 53.03 -52.68 2.54
N VAL C 94 52.22 -52.25 3.51
CA VAL C 94 52.74 -51.59 4.72
C VAL C 94 51.93 -52.06 5.93
N PRO C 95 52.53 -52.04 7.14
CA PRO C 95 51.75 -52.37 8.34
C PRO C 95 50.64 -51.38 8.57
N VAL C 96 49.45 -51.88 8.88
CA VAL C 96 48.32 -51.03 9.25
C VAL C 96 47.74 -51.50 10.57
N PRO C 97 46.96 -50.63 11.25
CA PRO C 97 46.30 -51.16 12.43
C PRO C 97 45.32 -52.26 12.00
N GLU C 98 45.09 -53.21 12.90
CA GLU C 98 44.12 -54.26 12.67
C GLU C 98 42.75 -53.62 12.43
N TRP C 99 42.00 -54.11 11.46
CA TRP C 99 40.75 -53.50 11.08
C TRP C 99 39.68 -54.52 10.72
N LYS C 100 38.44 -54.05 10.63
CA LYS C 100 37.33 -54.93 10.30
C LYS C 100 36.23 -54.11 9.65
N ALA C 101 35.56 -54.71 8.67
CA ALA C 101 34.43 -54.06 8.02
C ALA C 101 33.23 -54.99 8.01
N ALA C 102 32.07 -54.43 8.36
CA ALA C 102 30.81 -55.15 8.33
C ALA C 102 29.80 -54.33 7.52
N LEU C 103 28.78 -55.01 7.01
CA LEU C 103 27.78 -54.37 6.15
C LEU C 103 26.42 -54.20 6.84
N SER C 104 26.33 -54.52 8.12
CA SER C 104 25.11 -54.30 8.87
C SER C 104 25.41 -54.27 10.36
N GLU C 105 24.42 -53.82 11.13
CA GLU C 105 24.49 -53.73 12.58
C GLU C 105 24.83 -55.08 13.20
N GLY C 106 24.16 -56.13 12.74
CA GLY C 106 24.37 -57.48 13.27
C GLY C 106 25.79 -58.00 13.06
N GLY C 107 26.33 -57.76 11.88
CA GLY C 107 27.72 -58.10 11.60
C GLY C 107 28.67 -57.27 12.44
N ALA C 108 28.39 -55.98 12.56
CA ALA C 108 29.25 -55.07 13.32
C ALA C 108 29.38 -55.50 14.77
N LEU C 109 28.29 -56.02 15.34
CA LEU C 109 28.27 -56.58 16.70
C LEU C 109 29.25 -57.72 16.91
N ARG C 110 29.63 -58.41 15.84
CA ARG C 110 30.64 -59.48 15.94
C ARG C 110 32.07 -58.95 15.89
N VAL C 111 32.25 -57.69 15.47
CA VAL C 111 33.59 -57.12 15.31
C VAL C 111 34.50 -57.27 16.54
N PRO C 112 34.01 -56.92 17.74
CA PRO C 112 34.92 -57.06 18.87
C PRO C 112 35.43 -58.50 19.17
N ASP C 113 34.78 -59.53 18.62
CA ASP C 113 35.33 -60.89 18.70
C ASP C 113 36.69 -60.97 17.98
N SER C 114 36.86 -60.20 16.92
CA SER C 114 38.14 -60.12 16.19
C SER C 114 39.10 -59.11 16.79
N LEU C 115 38.61 -57.88 16.99
CA LEU C 115 39.46 -56.74 17.33
C LEU C 115 39.68 -56.55 18.83
N GLY C 116 38.79 -57.11 19.64
CA GLY C 116 38.80 -56.83 21.07
C GLY C 116 38.34 -55.42 21.41
N TYR C 117 38.17 -55.16 22.70
CA TYR C 117 37.95 -53.82 23.20
C TYR C 117 39.23 -53.33 23.85
N PRO C 118 39.52 -52.02 23.77
CA PRO C 118 38.73 -51.00 23.06
C PRO C 118 39.01 -50.99 21.56
N LEU C 119 38.06 -50.53 20.77
CA LEU C 119 38.25 -50.39 19.33
C LEU C 119 37.78 -49.00 18.86
N VAL C 120 38.04 -48.69 17.60
CA VAL C 120 37.71 -47.36 17.09
C VAL C 120 36.73 -47.49 15.94
N SER C 121 35.64 -46.75 16.05
CA SER C 121 34.63 -46.68 15.01
C SER C 121 34.83 -45.37 14.32
N LYS C 122 34.84 -45.39 12.99
CA LYS C 122 34.90 -44.14 12.24
C LYS C 122 34.30 -44.29 10.84
N PRO C 123 33.79 -43.19 10.29
CA PRO C 123 33.21 -43.21 8.95
C PRO C 123 34.30 -43.38 7.89
N VAL C 124 33.96 -43.99 6.76
CA VAL C 124 34.94 -44.21 5.68
C VAL C 124 35.33 -42.95 4.91
N PHE C 125 34.52 -41.89 5.00
CA PHE C 125 34.70 -40.69 4.19
C PHE C 125 35.12 -39.46 4.99
N GLY C 126 35.18 -39.59 6.31
CA GLY C 126 35.39 -38.46 7.19
C GLY C 126 36.81 -37.92 7.22
N SER C 127 36.93 -36.69 7.74
CA SER C 127 38.22 -36.05 8.01
C SER C 127 38.07 -35.11 9.22
N TRP C 128 39.15 -34.41 9.58
CA TRP C 128 39.16 -33.44 10.71
C TRP C 128 38.77 -34.08 12.06
N GLY C 129 38.95 -35.39 12.19
CA GLY C 129 38.59 -36.13 13.41
C GLY C 129 37.12 -36.19 13.78
N ARG C 130 36.22 -36.00 12.80
CA ARG C 130 34.78 -35.97 13.07
C ARG C 130 34.18 -37.37 13.08
N LEU C 131 33.22 -37.60 14.00
CA LEU C 131 32.50 -38.88 14.18
C LEU C 131 33.35 -40.09 14.57
N LEU C 132 34.56 -39.83 15.05
CA LEU C 132 35.41 -40.85 15.64
C LEU C 132 34.83 -41.25 16.98
N ALA C 133 34.80 -42.54 17.25
CA ALA C 133 34.42 -43.03 18.56
C ALA C 133 35.42 -44.07 19.06
N LYS C 134 35.81 -43.93 20.33
CA LYS C 134 36.52 -44.98 21.02
C LYS C 134 35.51 -45.73 21.85
N VAL C 135 35.38 -47.02 21.54
CA VAL C 135 34.30 -47.88 21.99
C VAL C 135 34.89 -48.89 22.97
N ASN C 136 34.56 -48.75 24.25
CA ASN C 136 35.20 -49.56 25.30
C ASN C 136 34.46 -50.82 25.67
N ASP C 137 33.18 -50.90 25.29
CA ASP C 137 32.36 -52.05 25.65
C ASP C 137 31.13 -52.18 24.73
N ARG C 138 30.37 -53.25 24.93
CA ARG C 138 29.20 -53.55 24.10
C ARG C 138 28.14 -52.44 24.13
N ASP C 139 27.89 -51.88 25.31
CA ASP C 139 26.91 -50.79 25.45
C ASP C 139 27.23 -49.61 24.54
N SER C 140 28.52 -49.30 24.43
CA SER C 140 28.97 -48.20 23.57
C SER C 140 28.88 -48.58 22.10
N LEU C 141 29.22 -49.83 21.79
CA LEU C 141 29.10 -50.32 20.41
C LEU C 141 27.65 -50.19 19.95
N GLU C 142 26.73 -50.65 20.79
CA GLU C 142 25.29 -50.51 20.51
C GLU C 142 24.89 -49.04 20.31
N ALA C 143 25.39 -48.14 21.17
CA ALA C 143 25.03 -46.73 21.10
C ALA C 143 25.47 -46.12 19.76
N VAL C 144 26.73 -46.36 19.41
CA VAL C 144 27.29 -45.86 18.16
C VAL C 144 26.50 -46.39 16.96
N LEU C 145 26.20 -47.68 16.98
CA LEU C 145 25.39 -48.29 15.93
C LEU C 145 23.96 -47.72 15.87
N GLU C 146 23.27 -47.60 17.00
CA GLU C 146 21.96 -46.93 17.05
C GLU C 146 22.03 -45.55 16.35
N HIS C 147 23.00 -44.74 16.74
CA HIS C 147 23.09 -43.40 16.20
C HIS C 147 23.45 -43.39 14.71
N ARG C 148 24.36 -44.25 14.29
CA ARG C 148 24.68 -44.35 12.86
C ARG C 148 23.41 -44.68 12.07
N LYS C 149 22.64 -45.66 12.57
CA LYS C 149 21.40 -46.07 11.92
C LYS C 149 20.46 -44.90 11.65
N TRP C 150 20.28 -44.03 12.64
CA TRP C 150 19.34 -42.93 12.52
C TRP C 150 19.88 -41.70 11.79
N MET C 151 21.13 -41.74 11.33
CA MET C 151 21.66 -40.67 10.49
C MET C 151 21.19 -40.81 9.04
N LYS C 152 20.94 -42.04 8.62
CA LYS C 152 20.35 -42.31 7.31
C LYS C 152 21.09 -41.68 6.12
N ASN C 153 22.40 -41.44 6.26
CA ASN C 153 23.28 -41.23 5.11
C ASN C 153 23.74 -42.65 4.79
N PRO C 154 23.48 -43.14 3.57
CA PRO C 154 23.78 -44.55 3.28
C PRO C 154 25.25 -44.96 3.51
N LEU C 155 26.19 -44.05 3.31
CA LEU C 155 27.61 -44.28 3.69
C LEU C 155 27.84 -44.82 5.12
N TYR C 156 27.01 -44.43 6.09
CA TYR C 156 27.16 -44.92 7.47
C TYR C 156 26.69 -46.35 7.62
N GLY C 157 26.15 -46.92 6.55
CA GLY C 157 25.86 -48.34 6.50
C GLY C 157 27.10 -49.20 6.30
N ILE C 158 28.24 -48.58 5.99
CA ILE C 158 29.50 -49.30 5.95
C ILE C 158 30.13 -49.08 7.31
N HIS C 159 30.33 -50.17 8.04
CA HIS C 159 30.82 -50.12 9.39
C HIS C 159 32.30 -50.51 9.39
N TYR C 160 33.16 -49.50 9.48
CA TYR C 160 34.61 -49.68 9.50
C TYR C 160 35.12 -49.50 10.92
N PHE C 161 35.97 -50.43 11.35
CA PHE C 161 36.58 -50.36 12.68
C PHE C 161 38.08 -50.64 12.63
N GLN C 162 38.78 -50.12 13.63
CA GLN C 162 40.19 -50.44 13.88
C GLN C 162 40.39 -50.79 15.34
N GLU C 163 41.41 -51.57 15.63
CA GLU C 163 41.85 -51.72 17.02
C GLU C 163 42.21 -50.35 17.54
N PHE C 164 41.99 -50.09 18.82
CA PHE C 164 42.49 -48.86 19.42
C PHE C 164 43.99 -48.97 19.65
N VAL C 165 44.75 -48.12 18.98
CA VAL C 165 46.21 -48.14 19.07
C VAL C 165 46.65 -47.18 20.18
N GLU C 166 47.52 -47.66 21.06
CA GLU C 166 48.02 -46.85 22.15
C GLU C 166 49.24 -46.08 21.70
N LYS C 167 49.01 -44.85 21.26
CA LYS C 167 50.04 -43.96 20.75
C LYS C 167 50.67 -43.18 21.92
N PRO C 168 51.93 -42.73 21.76
CA PRO C 168 52.58 -41.98 22.85
C PRO C 168 52.25 -40.47 22.86
N GLY C 169 50.97 -40.13 22.97
CA GLY C 169 50.53 -38.74 23.08
C GLY C 169 50.58 -37.93 21.78
N ARG C 170 50.71 -38.62 20.67
CA ARG C 170 50.91 -37.93 19.40
C ARG C 170 50.72 -38.89 18.25
N ASP C 171 50.64 -38.34 17.04
CA ASP C 171 50.82 -39.13 15.85
C ASP C 171 51.59 -38.32 14.80
N ILE C 172 51.71 -38.89 13.60
CA ILE C 172 52.61 -38.39 12.59
C ILE C 172 51.85 -38.14 11.30
N ARG C 173 52.13 -37.01 10.68
CA ARG C 173 51.57 -36.62 9.41
C ARG C 173 52.74 -36.33 8.46
N SER C 174 52.93 -37.19 7.47
CA SER C 174 54.01 -37.03 6.51
C SER C 174 53.46 -36.71 5.13
N TYR C 175 54.30 -36.16 4.27
CA TYR C 175 53.89 -35.66 2.98
C TYR C 175 54.76 -36.22 1.87
N VAL C 176 54.12 -36.86 0.88
CA VAL C 176 54.83 -37.41 -0.25
C VAL C 176 54.17 -36.90 -1.51
N ILE C 177 54.98 -36.29 -2.38
CA ILE C 177 54.48 -35.70 -3.61
C ILE C 177 55.27 -36.29 -4.78
N GLY C 178 54.55 -36.96 -5.69
CA GLY C 178 55.17 -37.67 -6.81
C GLY C 178 56.25 -38.67 -6.43
N GLY C 179 56.12 -39.28 -5.26
CA GLY C 179 57.09 -40.28 -4.79
C GLY C 179 58.23 -39.72 -3.97
N GLU C 180 58.35 -38.38 -3.94
CA GLU C 180 59.38 -37.68 -3.17
C GLU C 180 58.83 -37.28 -1.79
N PHE C 181 59.49 -37.74 -0.74
CA PHE C 181 59.18 -37.28 0.63
C PHE C 181 59.49 -35.79 0.75
N VAL C 182 58.52 -34.98 1.17
CA VAL C 182 58.77 -33.54 1.29
C VAL C 182 58.81 -33.05 2.75
N GLY C 183 58.37 -33.88 3.68
CA GLY C 183 58.40 -33.51 5.09
C GLY C 183 57.38 -34.24 5.93
N ALA C 184 57.60 -34.20 7.24
CA ALA C 184 56.74 -34.85 8.23
C ALA C 184 56.66 -33.98 9.46
N ILE C 185 55.57 -34.14 10.23
CA ILE C 185 55.39 -33.46 11.50
C ILE C 185 54.83 -34.41 12.54
N TYR C 186 55.03 -34.09 13.81
CA TYR C 186 54.27 -34.69 14.91
C TYR C 186 53.06 -33.82 15.22
N ARG C 187 51.95 -34.45 15.60
CA ARG C 187 50.77 -33.73 16.08
C ARG C 187 50.49 -34.16 17.50
N TYR C 188 50.61 -33.22 18.44
CA TYR C 188 50.56 -33.55 19.86
C TYR C 188 49.17 -33.28 20.44
N SER C 189 48.75 -34.14 21.37
CA SER C 189 47.51 -33.92 22.13
C SER C 189 47.50 -34.81 23.37
N ASN C 190 46.80 -34.39 24.42
CA ASN C 190 46.49 -35.34 25.52
C ASN C 190 45.08 -35.95 25.37
N HIS C 191 44.44 -35.74 24.22
CA HIS C 191 43.31 -36.55 23.81
C HIS C 191 43.82 -37.50 22.72
N TRP C 192 43.22 -38.69 22.63
CA TRP C 192 43.64 -39.69 21.65
C TRP C 192 43.43 -39.28 20.19
N ILE C 193 42.51 -38.35 19.96
CA ILE C 193 42.33 -37.75 18.66
C ILE C 193 43.24 -36.53 18.55
N THR C 194 44.27 -36.63 17.69
CA THR C 194 45.36 -35.65 17.65
C THR C 194 45.29 -34.64 16.50
N ASN C 195 44.12 -34.40 15.92
CA ASN C 195 44.04 -33.54 14.72
C ASN C 195 44.32 -32.08 15.05
N THR C 196 45.04 -31.38 14.16
CA THR C 196 45.31 -29.95 14.33
C THR C 196 44.03 -29.13 14.16
N ALA C 197 43.10 -29.65 13.35
CA ALA C 197 41.73 -29.10 13.30
C ALA C 197 41.03 -29.22 14.67
N ARG C 198 41.37 -30.29 15.41
CA ARG C 198 40.81 -30.56 16.74
C ARG C 198 41.59 -29.90 17.89
N GLY C 199 42.54 -29.02 17.56
CA GLY C 199 43.38 -28.36 18.56
C GLY C 199 44.74 -29.00 18.78
N GLY C 200 45.12 -29.96 17.92
CA GLY C 200 46.46 -30.54 17.97
C GLY C 200 47.53 -29.52 17.60
N LYS C 201 48.75 -29.71 18.11
CA LYS C 201 49.86 -28.79 17.86
C LYS C 201 51.00 -29.50 17.13
N ALA C 202 51.50 -28.86 16.06
CA ALA C 202 52.44 -29.49 15.12
C ALA C 202 53.91 -29.20 15.44
N GLU C 203 54.74 -30.24 15.38
CA GLU C 203 56.21 -30.09 15.49
C GLU C 203 56.90 -30.86 14.36
N PRO C 204 58.17 -30.50 14.05
CA PRO C 204 58.86 -31.23 12.98
C PRO C 204 59.22 -32.67 13.35
N CYS C 205 59.11 -33.57 12.38
CA CYS C 205 59.48 -34.97 12.55
C CYS C 205 60.57 -35.31 11.55
N SER C 206 61.72 -35.78 12.05
CA SER C 206 62.92 -36.05 11.23
C SER C 206 63.23 -37.54 11.13
N ASP C 207 62.37 -38.37 11.71
CA ASP C 207 62.65 -39.79 11.85
C ASP C 207 62.73 -40.42 10.46
N PRO C 208 63.89 -41.03 10.10
CA PRO C 208 64.04 -41.66 8.77
C PRO C 208 63.21 -42.94 8.57
N GLU C 209 62.80 -43.56 9.68
CA GLU C 209 61.92 -44.71 9.66
C GLU C 209 60.57 -44.31 9.03
N VAL C 210 60.05 -43.14 9.41
CA VAL C 210 58.76 -42.69 8.89
C VAL C 210 58.89 -42.20 7.45
N GLU C 211 60.07 -41.67 7.09
CA GLU C 211 60.32 -41.25 5.71
C GLU C 211 60.27 -42.44 4.79
N GLU C 212 61.02 -43.49 5.13
CA GLU C 212 60.95 -44.78 4.43
C GLU C 212 59.50 -45.30 4.32
N LEU C 213 58.81 -45.36 5.46
CA LEU C 213 57.46 -45.89 5.49
C LEU C 213 56.46 -45.04 4.72
N SER C 214 56.67 -43.72 4.73
CA SER C 214 55.80 -42.82 3.99
C SER C 214 55.86 -43.08 2.49
N VAL C 215 57.07 -43.23 1.94
CA VAL C 215 57.26 -43.45 0.50
C VAL C 215 56.67 -44.81 0.10
N LYS C 216 56.86 -45.81 0.95
CA LYS C 216 56.24 -47.12 0.76
C LYS C 216 54.71 -47.04 0.69
N ALA C 217 54.10 -46.28 1.61
CA ALA C 217 52.66 -46.07 1.58
C ALA C 217 52.22 -45.39 0.27
N TRP C 218 52.92 -44.32 -0.11
CA TRP C 218 52.63 -43.62 -1.37
C TRP C 218 52.68 -44.58 -2.55
N GLU C 219 53.72 -45.42 -2.57
CA GLU C 219 53.95 -46.37 -3.65
C GLU C 219 52.82 -47.40 -3.82
N ALA C 220 52.11 -47.69 -2.73
CA ALA C 220 50.93 -48.56 -2.80
C ALA C 220 49.87 -47.97 -3.72
N PHE C 221 49.90 -46.64 -3.90
CA PHE C 221 49.04 -45.94 -4.84
C PHE C 221 49.73 -45.54 -6.16
N GLY C 222 51.04 -45.28 -6.12
CA GLY C 222 51.82 -45.05 -7.33
C GLY C 222 51.56 -43.76 -8.08
N GLU C 223 50.90 -42.80 -7.43
CA GLU C 223 50.70 -41.47 -8.01
C GLU C 223 50.30 -40.43 -6.96
N GLY C 224 50.41 -39.16 -7.33
CA GLY C 224 49.75 -38.09 -6.63
C GLY C 224 50.53 -37.42 -5.53
N ALA C 225 49.85 -36.48 -4.88
CA ALA C 225 50.35 -35.79 -3.70
C ALA C 225 49.50 -36.24 -2.51
N LEU C 226 50.11 -36.93 -1.55
CA LEU C 226 49.39 -37.52 -0.43
C LEU C 226 49.93 -37.04 0.91
N ALA C 227 49.03 -36.83 1.85
CA ALA C 227 49.39 -36.67 3.25
C ALA C 227 49.11 -38.01 3.90
N ILE C 228 50.01 -38.45 4.76
CA ILE C 228 50.01 -39.82 5.26
C ILE C 228 50.03 -39.80 6.77
N ASP C 229 49.06 -40.48 7.37
CA ASP C 229 48.89 -40.46 8.81
C ASP C 229 49.47 -41.76 9.36
N ILE C 230 50.45 -41.62 10.25
CA ILE C 230 51.18 -42.76 10.81
C ILE C 230 51.07 -42.72 12.34
N PHE C 231 50.91 -43.91 12.94
CA PHE C 231 50.88 -44.05 14.39
C PHE C 231 52.15 -44.76 14.81
N GLU C 232 52.69 -44.38 15.97
CA GLU C 232 53.76 -45.14 16.61
C GLU C 232 53.07 -46.05 17.60
N SER C 233 53.44 -47.32 17.61
CA SER C 233 52.83 -48.25 18.55
C SER C 233 53.82 -49.19 19.22
N GLU C 234 53.32 -49.95 20.19
CA GLU C 234 54.05 -51.03 20.84
C GLU C 234 54.64 -52.01 19.81
N LYS C 235 54.05 -52.13 18.63
CA LYS C 235 54.51 -53.08 17.63
C LYS C 235 55.09 -52.38 16.40
N GLY C 236 55.50 -51.12 16.57
CA GLY C 236 56.15 -50.38 15.49
C GLY C 236 55.22 -49.43 14.77
N LEU C 237 55.74 -48.76 13.75
CA LEU C 237 54.95 -47.79 13.00
C LEU C 237 53.82 -48.48 12.24
N LEU C 238 52.68 -47.80 12.14
CA LEU C 238 51.51 -48.26 11.41
C LEU C 238 50.93 -47.12 10.59
N VAL C 239 50.54 -47.42 9.35
CA VAL C 239 49.92 -46.43 8.48
C VAL C 239 48.42 -46.51 8.69
N ASN C 240 47.89 -45.47 9.31
CA ASN C 240 46.48 -45.40 9.61
C ASN C 240 45.67 -45.09 8.37
N GLU C 241 45.97 -43.96 7.77
CA GLU C 241 45.27 -43.51 6.57
C GLU C 241 46.12 -42.62 5.68
N VAL C 242 45.58 -42.34 4.51
CA VAL C 242 46.21 -41.51 3.51
C VAL C 242 45.17 -40.46 3.18
N ASN C 243 45.61 -39.30 2.71
CA ASN C 243 44.70 -38.22 2.38
C ASN C 243 45.09 -37.48 1.09
N PRO C 244 44.21 -37.52 0.06
CA PRO C 244 44.47 -36.91 -1.23
C PRO C 244 44.07 -35.43 -1.34
N ASN C 245 43.63 -34.81 -0.25
CA ASN C 245 43.46 -33.37 -0.24
C ASN C 245 44.31 -32.79 0.87
N MET C 246 45.62 -32.94 0.72
CA MET C 246 46.59 -32.58 1.74
C MET C 246 46.46 -31.12 2.15
N GLU C 247 46.12 -30.90 3.41
CA GLU C 247 46.32 -29.62 4.06
C GLU C 247 47.74 -29.64 4.60
N PHE C 248 48.45 -28.52 4.51
CA PHE C 248 49.86 -28.48 4.90
C PHE C 248 50.35 -27.21 5.60
N LYS C 249 49.50 -26.18 5.75
CA LYS C 249 49.97 -24.87 6.19
C LYS C 249 50.83 -24.94 7.47
N ASN C 250 50.40 -25.75 8.44
CA ASN C 250 51.15 -25.94 9.69
C ASN C 250 52.41 -26.78 9.45
N ALA C 251 52.26 -27.81 8.63
CA ALA C 251 53.38 -28.68 8.28
C ALA C 251 54.50 -27.91 7.60
N ALA C 252 54.14 -27.03 6.65
CA ALA C 252 55.12 -26.20 5.93
C ALA C 252 55.76 -25.16 6.85
N ARG C 253 54.92 -24.48 7.63
CA ARG C 253 55.37 -23.52 8.64
C ARG C 253 56.41 -24.15 9.58
N VAL C 254 56.04 -25.27 10.19
CA VAL C 254 56.86 -25.89 11.23
C VAL C 254 58.05 -26.69 10.68
N THR C 255 57.94 -27.21 9.45
CA THR C 255 59.07 -27.94 8.85
C THR C 255 60.02 -27.02 8.06
N GLY C 256 59.48 -25.93 7.50
CA GLY C 256 60.24 -25.11 6.55
C GLY C 256 60.27 -25.68 5.13
N ALA C 257 59.50 -26.74 4.87
CA ALA C 257 59.43 -27.33 3.54
C ALA C 257 58.43 -26.59 2.67
N ASP C 258 58.72 -26.50 1.37
CA ASP C 258 57.85 -25.83 0.43
C ASP C 258 56.85 -26.82 -0.19
N MET C 259 55.82 -27.12 0.56
CA MET C 259 54.80 -28.08 0.12
C MET C 259 54.09 -27.52 -1.10
N ALA C 260 53.70 -26.24 -1.02
CA ALA C 260 53.08 -25.52 -2.13
C ALA C 260 53.87 -25.67 -3.42
N GLY C 261 55.16 -25.38 -3.33
CA GLY C 261 56.04 -25.41 -4.47
C GLY C 261 56.22 -26.79 -5.04
N LYS C 262 56.36 -27.77 -4.16
CA LYS C 262 56.49 -29.16 -4.58
C LYS C 262 55.22 -29.59 -5.29
N LEU C 263 54.06 -29.21 -4.74
CA LEU C 263 52.79 -29.57 -5.34
C LEU C 263 52.67 -29.02 -6.75
N VAL C 264 53.05 -27.76 -6.93
CA VAL C 264 52.96 -27.12 -8.25
C VAL C 264 53.92 -27.79 -9.23
N GLU C 265 55.15 -28.05 -8.80
CA GLU C 265 56.12 -28.76 -9.64
C GLU C 265 55.54 -30.06 -10.17
N TYR C 266 54.92 -30.84 -9.27
CA TYR C 266 54.34 -32.11 -9.66
C TYR C 266 53.25 -31.90 -10.70
N ALA C 267 52.40 -30.90 -10.46
CA ALA C 267 51.35 -30.57 -11.44
C ALA C 267 51.91 -30.21 -12.82
N VAL C 268 52.95 -29.40 -12.89
CA VAL C 268 53.53 -29.07 -14.21
C VAL C 268 54.09 -30.36 -14.82
N GLU C 269 54.68 -31.20 -13.97
CA GLU C 269 55.12 -32.54 -14.37
C GLU C 269 53.95 -33.32 -14.97
N VAL C 270 52.84 -33.38 -14.24
CA VAL C 270 51.62 -34.04 -14.73
C VAL C 270 51.12 -33.45 -16.04
N ALA C 271 51.18 -32.12 -16.17
CA ALA C 271 50.76 -31.45 -17.42
C ALA C 271 51.54 -31.88 -18.66
N LYS C 272 52.80 -32.30 -18.48
CA LYS C 272 53.64 -32.70 -19.60
C LYS C 272 53.02 -33.86 -20.38
N THR C 273 52.77 -34.96 -19.69
CA THR C 273 52.22 -36.15 -20.31
C THR C 273 50.70 -36.00 -20.48
N MET D 1 32.42 -75.68 -8.21
CA MET D 1 31.65 -74.40 -8.42
C MET D 1 30.82 -74.02 -7.19
N ARG D 2 31.21 -72.91 -6.55
CA ARG D 2 30.54 -72.45 -5.34
C ARG D 2 30.15 -70.97 -5.55
N ILE D 3 28.84 -70.72 -5.61
CA ILE D 3 28.29 -69.41 -5.98
C ILE D 3 27.61 -68.73 -4.79
N GLY D 4 28.12 -67.57 -4.39
CA GLY D 4 27.54 -66.83 -3.29
C GLY D 4 26.56 -65.82 -3.82
N ILE D 5 25.49 -65.55 -3.07
CA ILE D 5 24.55 -64.49 -3.39
C ILE D 5 24.43 -63.62 -2.14
N THR D 6 24.75 -62.33 -2.26
CA THR D 6 24.57 -61.40 -1.14
C THR D 6 23.23 -60.68 -1.24
N TYR D 7 22.53 -60.58 -0.12
CA TYR D 7 21.18 -60.02 -0.13
C TYR D 7 20.84 -59.27 1.14
N THR D 8 19.80 -58.46 1.04
CA THR D 8 19.23 -57.72 2.15
C THR D 8 17.96 -58.43 2.62
N VAL D 9 17.06 -58.69 1.67
CA VAL D 9 15.86 -59.50 1.92
C VAL D 9 15.78 -60.63 0.89
N LEU D 10 15.30 -61.80 1.31
CA LEU D 10 15.06 -62.92 0.40
C LEU D 10 13.70 -62.72 -0.23
N ARG D 11 13.69 -62.29 -1.49
CA ARG D 11 12.44 -62.14 -2.25
C ARG D 11 12.51 -62.98 -3.54
N ARG D 12 11.51 -62.80 -4.40
CA ARG D 12 11.36 -63.62 -5.60
C ARG D 12 12.64 -63.69 -6.41
N GLU D 13 13.23 -62.53 -6.67
CA GLU D 13 14.45 -62.44 -7.46
C GLU D 13 15.58 -63.29 -6.88
N GLU D 14 15.77 -63.21 -5.56
CA GLU D 14 16.85 -63.90 -4.87
C GLU D 14 16.63 -65.41 -4.90
N MET D 15 15.38 -65.82 -4.68
CA MET D 15 15.03 -67.24 -4.74
C MET D 15 15.17 -67.81 -6.15
N ALA D 16 14.80 -67.01 -7.15
CA ALA D 16 15.01 -67.38 -8.55
C ALA D 16 16.50 -67.53 -8.86
N ILE D 17 17.32 -66.59 -8.42
CA ILE D 17 18.76 -66.65 -8.65
C ILE D 17 19.34 -67.88 -7.96
N LYS D 18 18.97 -68.09 -6.70
CA LYS D 18 19.40 -69.26 -5.96
C LYS D 18 19.11 -70.57 -6.70
N GLU D 19 17.90 -70.68 -7.25
CA GLU D 19 17.48 -71.90 -7.97
C GLU D 19 18.35 -72.19 -9.19
N ARG D 20 18.59 -71.16 -10.01
CA ARG D 20 19.36 -71.34 -11.23
C ARG D 20 20.81 -71.65 -10.89
N ALA D 21 21.33 -70.95 -9.88
CA ALA D 21 22.68 -71.19 -9.39
C ALA D 21 22.85 -72.62 -8.87
N GLY D 22 21.81 -73.15 -8.23
CA GLY D 22 21.82 -74.53 -7.73
C GLY D 22 22.11 -75.57 -8.79
N GLU D 23 21.80 -75.26 -10.06
CA GLU D 23 22.05 -76.15 -11.17
C GLU D 23 23.55 -76.31 -11.45
N PHE D 24 24.32 -75.25 -11.17
CA PHE D 24 25.75 -75.22 -11.48
C PHE D 24 26.67 -75.62 -10.32
N GLY D 25 26.10 -75.80 -9.13
CA GLY D 25 26.91 -76.20 -7.98
C GLY D 25 26.30 -75.78 -6.65
N GLU D 26 27.16 -75.54 -5.67
CA GLU D 26 26.74 -75.14 -4.33
C GLU D 26 26.40 -73.65 -4.29
N VAL D 27 25.27 -73.33 -3.67
CA VAL D 27 24.84 -71.95 -3.49
C VAL D 27 25.03 -71.55 -2.03
N VAL D 28 25.64 -70.40 -1.78
CA VAL D 28 25.82 -69.86 -0.43
C VAL D 28 25.07 -68.53 -0.33
N MET D 29 23.97 -68.54 0.40
CA MET D 29 23.16 -67.34 0.63
C MET D 29 23.80 -66.51 1.73
N LEU D 30 24.23 -65.30 1.39
CA LEU D 30 24.92 -64.42 2.31
C LEU D 30 24.05 -63.22 2.63
N HIS D 31 23.43 -63.24 3.80
CA HIS D 31 22.75 -62.08 4.33
C HIS D 31 23.82 -61.05 4.68
N GLU D 32 23.45 -59.78 4.75
CA GLU D 32 24.41 -58.75 5.12
C GLU D 32 25.08 -59.00 6.48
N ASP D 33 24.36 -59.64 7.41
CA ASP D 33 24.91 -60.05 8.70
C ASP D 33 26.07 -61.05 8.60
N ASP D 34 26.15 -61.75 7.48
CA ASP D 34 27.21 -62.73 7.27
C ASP D 34 28.46 -62.14 6.63
N LEU D 35 28.43 -60.85 6.29
CA LEU D 35 29.53 -60.21 5.56
C LEU D 35 30.45 -59.52 6.55
N LEU D 36 31.63 -60.10 6.74
CA LEU D 36 32.59 -59.58 7.70
C LEU D 36 33.99 -59.73 7.14
N PHE D 37 34.74 -58.62 7.06
CA PHE D 37 36.06 -58.62 6.40
C PHE D 37 37.14 -57.98 7.28
N PRO D 38 38.40 -58.44 7.15
CA PRO D 38 38.82 -59.57 6.32
C PRO D 38 38.24 -60.87 6.86
N GLY D 39 38.02 -61.82 5.95
CA GLY D 39 37.46 -63.10 6.34
C GLY D 39 37.79 -64.17 5.32
N ASN D 40 37.47 -65.42 5.68
CA ASN D 40 37.74 -66.57 4.84
C ASN D 40 36.45 -66.98 4.18
N TYR D 41 36.36 -66.80 2.88
CA TYR D 41 35.20 -67.18 2.11
C TYR D 41 35.61 -68.15 1.01
N ASP D 42 34.90 -69.25 0.92
CA ASP D 42 35.20 -70.28 -0.06
C ASP D 42 34.18 -70.16 -1.20
N LEU D 43 34.48 -69.27 -2.14
CA LEU D 43 33.53 -68.90 -3.21
C LEU D 43 34.27 -68.65 -4.52
N ASP D 44 33.69 -69.10 -5.63
CA ASP D 44 34.26 -68.86 -6.94
C ASP D 44 33.71 -67.58 -7.59
N VAL D 45 32.50 -67.18 -7.22
CA VAL D 45 31.89 -65.93 -7.68
C VAL D 45 30.80 -65.52 -6.70
N VAL D 46 30.56 -64.21 -6.62
CA VAL D 46 29.48 -63.67 -5.81
C VAL D 46 28.56 -62.83 -6.67
N ILE D 47 27.25 -63.11 -6.60
CA ILE D 47 26.24 -62.32 -7.28
C ILE D 47 25.71 -61.31 -6.27
N ILE D 48 25.92 -60.03 -6.56
CA ILE D 48 25.63 -58.95 -5.60
C ILE D 48 24.19 -58.46 -5.78
N ARG D 49 23.34 -58.66 -4.76
CA ARG D 49 21.93 -58.25 -4.80
C ARG D 49 21.53 -57.41 -3.56
N ASN D 50 22.49 -56.81 -2.88
CA ASN D 50 22.17 -55.92 -1.76
C ASN D 50 21.24 -54.84 -2.26
N VAL D 51 20.23 -54.47 -1.48
CA VAL D 51 19.29 -53.42 -1.91
C VAL D 51 19.93 -52.03 -1.95
N SER D 52 20.77 -51.69 -0.99
CA SER D 52 21.49 -50.41 -1.01
C SER D 52 22.61 -50.47 -2.05
N HIS D 53 22.72 -49.43 -2.88
CA HIS D 53 23.76 -49.33 -3.91
C HIS D 53 25.12 -49.21 -3.27
N PHE D 54 25.16 -48.49 -2.16
CA PHE D 54 26.38 -48.23 -1.44
C PHE D 54 26.87 -49.52 -0.78
N LYS D 55 25.96 -50.28 -0.18
CA LYS D 55 26.34 -51.55 0.38
C LYS D 55 26.80 -52.51 -0.71
N ALA D 56 26.11 -52.49 -1.86
CA ALA D 56 26.51 -53.33 -2.99
C ALA D 56 27.94 -53.02 -3.38
N LEU D 57 28.25 -51.74 -3.53
CA LEU D 57 29.58 -51.28 -3.95
C LEU D 57 30.69 -51.77 -3.04
N TYR D 58 30.54 -51.53 -1.73
CA TYR D 58 31.49 -51.98 -0.75
C TYR D 58 31.59 -53.50 -0.66
N THR D 59 30.47 -54.23 -0.74
CA THR D 59 30.60 -55.70 -0.64
C THR D 59 31.30 -56.29 -1.85
N ALA D 60 31.10 -55.69 -3.02
CA ALA D 60 31.79 -56.13 -4.22
C ALA D 60 33.31 -55.90 -4.10
N ARG D 61 33.69 -54.72 -3.62
CA ARG D 61 35.10 -54.40 -3.44
C ARG D 61 35.76 -55.34 -2.43
N LEU D 62 35.04 -55.63 -1.36
CA LEU D 62 35.55 -56.45 -0.29
C LEU D 62 35.73 -57.88 -0.73
N PHE D 63 34.78 -58.42 -1.49
CA PHE D 63 34.98 -59.74 -2.07
C PHE D 63 36.14 -59.75 -3.07
N GLU D 64 36.28 -58.67 -3.84
CA GLU D 64 37.42 -58.59 -4.76
C GLU D 64 38.73 -58.65 -3.99
N SER D 65 38.75 -58.09 -2.79
CA SER D 65 39.97 -58.05 -1.95
C SER D 65 40.34 -59.44 -1.47
N GLU D 66 39.36 -60.33 -1.37
CA GLU D 66 39.62 -61.74 -1.04
C GLU D 66 39.84 -62.61 -2.29
N GLY D 67 40.09 -61.99 -3.44
CA GLY D 67 40.35 -62.72 -4.69
C GLY D 67 39.11 -63.39 -5.28
N ILE D 68 37.92 -62.91 -4.92
CA ILE D 68 36.66 -63.50 -5.38
C ILE D 68 35.97 -62.53 -6.33
N PRO D 69 35.77 -62.94 -7.60
CA PRO D 69 35.10 -62.05 -8.54
C PRO D 69 33.61 -61.89 -8.21
N THR D 70 33.04 -60.82 -8.71
CA THR D 70 31.79 -60.33 -8.22
C THR D 70 30.94 -59.87 -9.41
N VAL D 71 29.65 -60.18 -9.42
CA VAL D 71 28.76 -59.72 -10.47
C VAL D 71 27.65 -58.89 -9.83
N ASN D 72 27.60 -57.57 -10.03
CA ASN D 72 28.56 -56.82 -10.84
C ASN D 72 29.84 -56.47 -10.08
N SER D 73 30.87 -56.04 -10.80
CA SER D 73 32.14 -55.64 -10.18
C SER D 73 31.98 -54.32 -9.39
N SER D 74 32.91 -54.03 -8.49
CA SER D 74 32.85 -52.78 -7.73
C SER D 74 33.01 -51.56 -8.67
N ARG D 75 33.87 -51.73 -9.67
CA ARG D 75 34.10 -50.71 -10.68
C ARG D 75 32.84 -50.41 -11.49
N LEU D 76 32.13 -51.44 -11.97
CA LEU D 76 30.90 -51.20 -12.72
C LEU D 76 29.81 -50.62 -11.82
N ILE D 77 29.70 -51.12 -10.60
CA ILE D 77 28.68 -50.61 -9.66
C ILE D 77 28.86 -49.10 -9.44
N PHE D 78 30.10 -48.65 -9.25
CA PHE D 78 30.31 -47.22 -9.13
C PHE D 78 30.14 -46.45 -10.44
N GLU D 79 30.83 -46.85 -11.51
CA GLU D 79 30.80 -46.10 -12.77
C GLU D 79 29.38 -45.98 -13.35
N ALA D 80 28.64 -47.09 -13.35
CA ALA D 80 27.31 -47.16 -13.94
C ALA D 80 26.27 -46.65 -12.94
N GLY D 81 26.49 -46.87 -11.66
CA GLY D 81 25.53 -46.48 -10.63
C GLY D 81 25.50 -45.01 -10.32
N ASP D 82 26.61 -44.31 -10.53
CA ASP D 82 26.62 -42.86 -10.41
C ASP D 82 26.18 -42.21 -11.73
N LYS D 83 25.21 -41.32 -11.65
CA LYS D 83 24.63 -40.76 -12.86
C LYS D 83 25.62 -39.95 -13.66
N LEU D 84 26.47 -39.20 -12.97
CA LEU D 84 27.44 -38.35 -13.64
C LEU D 84 28.55 -39.17 -14.27
N PHE D 85 29.17 -40.07 -13.50
CA PHE D 85 30.22 -40.91 -14.05
C PHE D 85 29.68 -41.70 -15.25
N ALA D 86 28.44 -42.15 -15.14
CA ALA D 86 27.82 -42.95 -16.19
C ALA D 86 27.58 -42.16 -17.49
N THR D 87 27.07 -40.92 -17.38
CA THR D 87 26.81 -40.18 -18.61
C THR D 87 28.11 -39.73 -19.28
N LEU D 88 29.14 -39.48 -18.49
CA LEU D 88 30.49 -39.23 -19.04
C LEU D 88 30.99 -40.42 -19.85
N ARG D 89 30.75 -41.61 -19.36
CA ARG D 89 31.08 -42.84 -20.07
C ARG D 89 30.18 -43.07 -21.30
N LEU D 90 28.89 -42.74 -21.23
CA LEU D 90 28.00 -42.92 -22.37
C LEU D 90 28.16 -41.85 -23.46
N ALA D 91 28.50 -40.62 -23.06
CA ALA D 91 28.47 -39.44 -23.94
C ALA D 91 29.20 -39.63 -25.28
N GLY D 92 30.37 -40.23 -25.25
CA GLY D 92 31.10 -40.52 -26.48
C GLY D 92 30.45 -41.56 -27.39
N LYS D 93 29.58 -42.41 -26.83
CA LYS D 93 29.22 -43.65 -27.47
C LYS D 93 27.79 -43.74 -28.01
N VAL D 94 26.84 -43.16 -27.30
CA VAL D 94 25.44 -43.23 -27.68
C VAL D 94 24.79 -41.89 -27.41
N PRO D 95 23.66 -41.60 -28.08
CA PRO D 95 22.95 -40.38 -27.76
C PRO D 95 22.42 -40.36 -26.32
N VAL D 96 22.53 -39.21 -25.68
CA VAL D 96 22.05 -38.99 -24.31
C VAL D 96 21.30 -37.66 -24.26
N PRO D 97 20.39 -37.49 -23.30
CA PRO D 97 19.83 -36.14 -23.16
C PRO D 97 20.91 -35.09 -22.91
N GLU D 98 20.70 -33.88 -23.40
CA GLU D 98 21.57 -32.76 -23.04
C GLU D 98 21.60 -32.70 -21.51
N TRP D 99 22.77 -32.44 -20.95
CA TRP D 99 22.93 -32.46 -19.50
C TRP D 99 23.93 -31.41 -19.10
N LYS D 100 23.91 -31.08 -17.82
CA LYS D 100 24.82 -30.08 -17.27
C LYS D 100 25.16 -30.49 -15.85
N ALA D 101 26.40 -30.23 -15.43
CA ALA D 101 26.80 -30.49 -14.06
C ALA D 101 27.47 -29.26 -13.47
N ALA D 102 27.11 -28.90 -12.26
CA ALA D 102 27.71 -27.75 -11.57
C ALA D 102 28.17 -28.20 -10.19
N LEU D 103 29.10 -27.46 -9.59
CA LEU D 103 29.67 -27.85 -8.30
C LEU D 103 29.26 -26.90 -7.15
N SER D 104 28.39 -25.93 -7.43
CA SER D 104 27.85 -25.03 -6.42
C SER D 104 26.50 -24.50 -6.90
N GLU D 105 25.73 -23.92 -5.98
CA GLU D 105 24.42 -23.39 -6.37
C GLU D 105 24.53 -22.18 -7.30
N GLY D 106 25.59 -21.38 -7.17
CA GLY D 106 25.83 -20.26 -8.10
C GLY D 106 26.06 -20.72 -9.53
N GLY D 107 26.82 -21.79 -9.70
CA GLY D 107 27.00 -22.41 -11.02
C GLY D 107 25.71 -23.03 -11.55
N ALA D 108 25.00 -23.74 -10.67
CA ALA D 108 23.74 -24.37 -11.01
C ALA D 108 22.71 -23.36 -11.51
N LEU D 109 22.76 -22.14 -10.98
CA LEU D 109 21.88 -21.05 -11.43
C LEU D 109 22.12 -20.63 -12.88
N ARG D 110 23.28 -20.94 -13.43
CA ARG D 110 23.55 -20.65 -14.85
C ARG D 110 23.11 -21.79 -15.77
N VAL D 111 22.71 -22.93 -15.22
CA VAL D 111 22.40 -24.11 -16.04
C VAL D 111 21.25 -23.87 -17.03
N PRO D 112 20.19 -23.16 -16.61
CA PRO D 112 19.12 -22.91 -17.57
C PRO D 112 19.57 -22.13 -18.81
N ASP D 113 20.60 -21.30 -18.69
CA ASP D 113 21.17 -20.61 -19.86
C ASP D 113 21.67 -21.60 -20.93
N SER D 114 22.17 -22.76 -20.50
CA SER D 114 22.50 -23.87 -21.42
C SER D 114 21.28 -24.72 -21.80
N LEU D 115 20.58 -25.21 -20.79
CA LEU D 115 19.57 -26.27 -21.01
C LEU D 115 18.18 -25.74 -21.36
N GLY D 116 17.89 -24.49 -21.03
CA GLY D 116 16.51 -23.99 -21.10
C GLY D 116 15.56 -24.63 -20.09
N TYR D 117 14.37 -24.07 -20.00
CA TYR D 117 13.30 -24.61 -19.16
C TYR D 117 12.27 -25.29 -20.05
N PRO D 118 11.65 -26.40 -19.59
CA PRO D 118 11.90 -27.11 -18.35
C PRO D 118 13.18 -27.93 -18.39
N LEU D 119 13.74 -28.15 -17.22
CA LEU D 119 14.87 -29.01 -17.03
C LEU D 119 14.57 -29.97 -15.86
N VAL D 120 15.39 -31.00 -15.75
CA VAL D 120 15.22 -32.02 -14.74
C VAL D 120 16.42 -32.03 -13.83
N SER D 121 16.15 -31.94 -12.53
CA SER D 121 17.14 -32.07 -11.49
C SER D 121 17.00 -33.45 -10.85
N LYS D 122 18.13 -34.12 -10.65
CA LYS D 122 18.14 -35.37 -9.91
C LYS D 122 19.49 -35.58 -9.23
N PRO D 123 19.50 -36.32 -8.12
CA PRO D 123 20.74 -36.62 -7.44
C PRO D 123 21.57 -37.60 -8.27
N VAL D 124 22.89 -37.57 -8.11
CA VAL D 124 23.75 -38.48 -8.87
C VAL D 124 23.62 -39.95 -8.41
N PHE D 125 23.27 -40.17 -7.15
CA PHE D 125 23.27 -41.53 -6.59
C PHE D 125 21.90 -42.19 -6.59
N GLY D 126 20.85 -41.40 -6.71
CA GLY D 126 19.48 -41.88 -6.59
C GLY D 126 19.05 -43.06 -7.46
N SER D 127 18.00 -43.74 -7.01
CA SER D 127 17.42 -44.88 -7.73
C SER D 127 15.90 -44.96 -7.51
N TRP D 128 15.45 -44.68 -6.29
CA TRP D 128 14.02 -44.60 -5.95
C TRP D 128 13.32 -43.50 -6.75
N GLY D 129 14.02 -42.39 -6.97
CA GLY D 129 13.50 -41.31 -7.82
C GLY D 129 12.55 -40.37 -7.12
N ARG D 130 12.57 -40.34 -5.79
CA ARG D 130 11.70 -39.46 -5.03
C ARG D 130 12.18 -38.00 -5.11
N LEU D 131 13.48 -37.82 -5.43
CA LEU D 131 14.09 -36.50 -5.46
C LEU D 131 14.22 -35.89 -6.87
N LEU D 132 13.68 -36.59 -7.86
CA LEU D 132 13.56 -36.05 -9.21
C LEU D 132 12.68 -34.81 -9.16
N ALA D 133 13.04 -33.78 -9.91
CA ALA D 133 12.22 -32.58 -9.98
C ALA D 133 12.15 -32.06 -11.40
N LYS D 134 10.93 -31.77 -11.87
CA LYS D 134 10.74 -31.04 -13.13
C LYS D 134 10.71 -29.56 -12.78
N VAL D 135 11.75 -28.85 -13.20
CA VAL D 135 11.96 -27.46 -12.85
C VAL D 135 11.54 -26.59 -14.04
N ASN D 136 10.46 -25.82 -13.87
CA ASN D 136 9.88 -25.04 -14.97
C ASN D 136 10.36 -23.61 -15.04
N ASP D 137 10.87 -23.09 -13.93
CA ASP D 137 11.35 -21.72 -13.91
C ASP D 137 12.40 -21.52 -12.82
N ARG D 138 12.90 -20.29 -12.73
CA ARG D 138 13.95 -19.95 -11.79
C ARG D 138 13.54 -20.14 -10.34
N ASP D 139 12.29 -19.81 -10.00
CA ASP D 139 11.80 -19.99 -8.64
C ASP D 139 11.87 -21.45 -8.21
N SER D 140 11.55 -22.37 -9.12
CA SER D 140 11.60 -23.81 -8.80
C SER D 140 13.05 -24.26 -8.66
N LEU D 141 13.92 -23.75 -9.54
CA LEU D 141 15.35 -24.03 -9.47
C LEU D 141 15.87 -23.65 -8.09
N GLU D 142 15.60 -22.42 -7.67
CA GLU D 142 16.02 -21.96 -6.36
C GLU D 142 15.45 -22.81 -5.23
N ALA D 143 14.21 -23.26 -5.39
CA ALA D 143 13.58 -24.07 -4.35
C ALA D 143 14.31 -25.40 -4.22
N VAL D 144 14.56 -26.05 -5.35
CA VAL D 144 15.26 -27.33 -5.36
C VAL D 144 16.66 -27.20 -4.76
N LEU D 145 17.43 -26.20 -5.20
CA LEU D 145 18.79 -26.00 -4.68
C LEU D 145 18.79 -25.69 -3.18
N GLU D 146 17.82 -24.90 -2.73
CA GLU D 146 17.75 -24.53 -1.31
C GLU D 146 17.46 -25.76 -0.45
N HIS D 147 16.58 -26.64 -0.93
CA HIS D 147 16.29 -27.88 -0.20
C HIS D 147 17.47 -28.86 -0.19
N ARG D 148 18.10 -29.05 -1.34
CA ARG D 148 19.28 -29.92 -1.42
C ARG D 148 20.36 -29.42 -0.45
N LYS D 149 20.57 -28.11 -0.43
CA LYS D 149 21.56 -27.48 0.45
C LYS D 149 21.34 -27.89 1.91
N TRP D 150 20.09 -27.86 2.36
CA TRP D 150 19.79 -28.17 3.77
C TRP D 150 19.75 -29.67 4.10
N MET D 151 19.83 -30.54 3.10
CA MET D 151 19.97 -31.98 3.37
C MET D 151 21.37 -32.33 3.86
N LYS D 152 22.34 -31.41 3.67
CA LYS D 152 23.68 -31.53 4.24
C LYS D 152 24.25 -32.96 4.08
N ASN D 153 23.99 -33.55 2.92
CA ASN D 153 24.61 -34.80 2.52
C ASN D 153 25.50 -34.36 1.38
N PRO D 154 26.82 -34.55 1.53
CA PRO D 154 27.72 -33.86 0.60
C PRO D 154 27.60 -34.32 -0.86
N LEU D 155 26.97 -35.48 -1.09
CA LEU D 155 26.65 -35.95 -2.42
C LEU D 155 25.66 -35.03 -3.16
N TYR D 156 24.90 -34.20 -2.44
CA TYR D 156 24.02 -33.18 -3.10
C TYR D 156 24.77 -31.90 -3.43
N GLY D 157 26.07 -31.89 -3.24
CA GLY D 157 26.90 -30.82 -3.75
C GLY D 157 27.29 -31.00 -5.21
N ILE D 158 26.94 -32.16 -5.79
CA ILE D 158 27.07 -32.35 -7.23
C ILE D 158 25.71 -32.06 -7.81
N HIS D 159 25.58 -30.98 -8.56
CA HIS D 159 24.30 -30.59 -9.11
C HIS D 159 24.25 -31.05 -10.55
N TYR D 160 23.51 -32.13 -10.79
CA TYR D 160 23.37 -32.75 -12.09
C TYR D 160 22.00 -32.43 -12.66
N PHE D 161 21.95 -32.02 -13.93
CA PHE D 161 20.68 -31.65 -14.58
C PHE D 161 20.64 -32.19 -16.00
N GLN D 162 19.44 -32.39 -16.50
CA GLN D 162 19.19 -32.74 -17.88
C GLN D 162 18.10 -31.84 -18.44
N GLU D 163 18.08 -31.72 -19.76
CA GLU D 163 16.91 -31.16 -20.45
C GLU D 163 15.71 -32.04 -20.15
N PHE D 164 14.52 -31.45 -20.10
CA PHE D 164 13.31 -32.24 -19.96
C PHE D 164 12.96 -32.81 -21.33
N VAL D 165 12.97 -34.13 -21.45
CA VAL D 165 12.64 -34.80 -22.71
C VAL D 165 11.11 -35.04 -22.75
N GLU D 166 10.45 -34.55 -23.79
CA GLU D 166 9.03 -34.81 -23.99
C GLU D 166 8.85 -36.22 -24.56
N LYS D 167 8.60 -37.18 -23.68
CA LYS D 167 8.44 -38.58 -24.06
C LYS D 167 6.98 -38.85 -24.41
N PRO D 168 6.73 -39.89 -25.24
CA PRO D 168 5.36 -40.20 -25.65
C PRO D 168 4.57 -41.00 -24.60
N GLY D 169 4.51 -40.49 -23.36
CA GLY D 169 3.72 -41.13 -22.31
C GLY D 169 4.26 -42.47 -21.79
N ARG D 170 5.54 -42.74 -22.06
CA ARG D 170 6.17 -43.98 -21.66
C ARG D 170 7.68 -43.85 -21.79
N ASP D 171 8.41 -44.80 -21.21
CA ASP D 171 9.81 -44.93 -21.54
C ASP D 171 10.16 -46.42 -21.62
N ILE D 172 11.46 -46.70 -21.76
CA ILE D 172 11.92 -48.03 -22.10
C ILE D 172 12.97 -48.45 -21.09
N ARG D 173 12.87 -49.70 -20.66
CA ARG D 173 13.88 -50.31 -19.83
C ARG D 173 14.31 -51.61 -20.49
N SER D 174 15.58 -51.68 -20.87
CA SER D 174 16.13 -52.88 -21.50
C SER D 174 17.18 -53.52 -20.62
N TYR D 175 17.48 -54.78 -20.94
CA TYR D 175 18.40 -55.58 -20.16
C TYR D 175 19.45 -56.18 -21.08
N VAL D 176 20.70 -55.97 -20.71
CA VAL D 176 21.84 -56.53 -21.42
C VAL D 176 22.77 -57.14 -20.37
N ILE D 177 23.07 -58.43 -20.55
CA ILE D 177 23.88 -59.19 -19.62
C ILE D 177 25.02 -59.83 -20.39
N GLY D 178 26.24 -59.45 -20.05
CA GLY D 178 27.41 -59.98 -20.74
C GLY D 178 27.44 -59.68 -22.22
N GLY D 179 26.83 -58.57 -22.63
CA GLY D 179 26.83 -58.19 -24.03
C GLY D 179 25.64 -58.69 -24.81
N GLU D 180 24.84 -59.56 -24.20
CA GLU D 180 23.67 -60.12 -24.86
C GLU D 180 22.41 -59.35 -24.46
N PHE D 181 21.63 -58.93 -25.44
CA PHE D 181 20.31 -58.36 -25.22
C PHE D 181 19.37 -59.46 -24.75
N VAL D 182 18.72 -59.28 -23.60
CA VAL D 182 17.81 -60.30 -23.09
C VAL D 182 16.33 -59.89 -23.08
N GLY D 183 16.02 -58.62 -23.34
CA GLY D 183 14.64 -58.16 -23.35
C GLY D 183 14.52 -56.69 -22.99
N ALA D 184 13.31 -56.17 -23.19
CA ALA D 184 13.02 -54.76 -22.95
C ALA D 184 11.54 -54.63 -22.71
N ILE D 185 11.19 -53.60 -21.92
CA ILE D 185 9.81 -53.26 -21.66
C ILE D 185 9.53 -51.78 -21.89
N TYR D 186 8.28 -51.47 -22.22
CA TYR D 186 7.78 -50.11 -22.13
C TYR D 186 7.18 -49.95 -20.73
N ARG D 187 7.35 -48.78 -20.13
CA ARG D 187 6.71 -48.46 -18.85
C ARG D 187 5.82 -47.25 -19.10
N TYR D 188 4.51 -47.48 -19.04
CA TYR D 188 3.54 -46.45 -19.35
C TYR D 188 3.15 -45.72 -18.07
N SER D 189 2.83 -44.44 -18.20
CA SER D 189 2.30 -43.65 -17.10
C SER D 189 1.77 -42.35 -17.64
N ASN D 190 0.86 -41.73 -16.90
CA ASN D 190 0.36 -40.39 -17.24
C ASN D 190 1.20 -39.29 -16.58
N HIS D 191 2.07 -39.67 -15.66
CA HIS D 191 3.07 -38.74 -15.09
C HIS D 191 4.37 -38.90 -15.85
N TRP D 192 5.10 -37.80 -16.00
CA TRP D 192 6.41 -37.82 -16.69
C TRP D 192 7.44 -38.76 -16.07
N ILE D 193 7.36 -38.96 -14.76
CA ILE D 193 8.10 -40.03 -14.07
C ILE D 193 7.34 -41.35 -14.22
N THR D 194 7.86 -42.23 -15.07
CA THR D 194 7.21 -43.49 -15.42
C THR D 194 7.65 -44.63 -14.51
N ASN D 195 8.68 -44.39 -13.71
CA ASN D 195 9.40 -45.44 -12.99
C ASN D 195 8.46 -46.47 -12.33
N THR D 196 8.73 -47.76 -12.60
CA THR D 196 8.01 -48.88 -11.98
C THR D 196 8.47 -49.07 -10.54
N GLY D 200 0.74 -52.04 -12.90
CA GLY D 200 0.75 -53.00 -14.01
C GLY D 200 0.65 -52.33 -15.36
N LYS D 201 1.43 -51.27 -15.56
CA LYS D 201 1.43 -50.49 -16.80
C LYS D 201 2.72 -50.70 -17.61
N ALA D 202 3.14 -51.97 -17.70
CA ALA D 202 4.34 -52.35 -18.45
C ALA D 202 3.99 -53.40 -19.49
N GLU D 203 4.64 -53.33 -20.65
CA GLU D 203 4.53 -54.36 -21.67
C GLU D 203 5.85 -54.55 -22.40
N PRO D 204 6.03 -55.70 -23.09
CA PRO D 204 7.31 -55.93 -23.75
C PRO D 204 7.58 -54.91 -24.87
N CYS D 205 8.86 -54.65 -25.13
CA CYS D 205 9.29 -53.72 -26.16
C CYS D 205 10.08 -54.50 -27.19
N SER D 206 9.57 -54.57 -28.41
CA SER D 206 10.24 -55.31 -29.50
C SER D 206 10.72 -54.37 -30.59
N ASP D 207 11.07 -53.15 -30.24
CA ASP D 207 11.61 -52.22 -31.22
C ASP D 207 13.07 -52.62 -31.50
N PRO D 208 13.40 -53.05 -32.73
CA PRO D 208 14.77 -53.53 -33.00
C PRO D 208 15.84 -52.50 -32.70
N GLU D 209 15.47 -51.24 -32.89
CA GLU D 209 16.33 -50.11 -32.59
C GLU D 209 16.73 -50.00 -31.11
N VAL D 210 15.89 -50.43 -30.17
CA VAL D 210 16.28 -50.31 -28.76
C VAL D 210 17.25 -51.43 -28.39
N GLU D 211 17.08 -52.58 -29.02
CA GLU D 211 18.05 -53.66 -28.86
C GLU D 211 19.45 -53.21 -29.30
N GLU D 212 19.55 -52.62 -30.49
CA GLU D 212 20.84 -52.13 -31.01
C GLU D 212 21.43 -51.07 -30.07
N LEU D 213 20.65 -50.07 -29.75
CA LEU D 213 21.11 -49.01 -28.87
C LEU D 213 21.50 -49.58 -27.51
N SER D 214 20.75 -50.55 -27.03
CA SER D 214 20.97 -51.12 -25.70
C SER D 214 22.33 -51.79 -25.61
N VAL D 215 22.69 -52.53 -26.64
CA VAL D 215 23.99 -53.20 -26.70
C VAL D 215 25.11 -52.16 -26.79
N LYS D 216 24.90 -51.11 -27.57
CA LYS D 216 25.93 -50.06 -27.67
C LYS D 216 26.13 -49.36 -26.33
N ALA D 217 25.04 -49.10 -25.61
CA ALA D 217 25.13 -48.54 -24.27
C ALA D 217 25.94 -49.44 -23.34
N TRP D 218 25.60 -50.73 -23.31
CA TRP D 218 26.35 -51.69 -22.50
C TRP D 218 27.84 -51.69 -22.86
N GLU D 219 28.14 -51.58 -24.16
CA GLU D 219 29.53 -51.60 -24.65
C GLU D 219 30.37 -50.41 -24.22
N ALA D 220 29.72 -49.32 -23.80
CA ALA D 220 30.45 -48.20 -23.20
C ALA D 220 31.10 -48.60 -21.88
N PHE D 221 30.54 -49.60 -21.20
CA PHE D 221 31.12 -50.11 -19.96
C PHE D 221 31.87 -51.41 -20.20
N GLY D 222 31.35 -52.23 -21.11
CA GLY D 222 32.05 -53.40 -21.57
C GLY D 222 32.04 -54.56 -20.60
N GLU D 223 31.15 -54.56 -19.61
CA GLU D 223 31.03 -55.71 -18.71
C GLU D 223 29.72 -55.71 -17.98
N GLY D 224 29.36 -56.87 -17.45
CA GLY D 224 28.33 -56.96 -16.46
C GLY D 224 26.90 -57.15 -16.94
N ALA D 225 26.01 -57.01 -15.97
CA ALA D 225 24.58 -57.14 -16.15
C ALA D 225 24.00 -55.77 -15.90
N LEU D 226 23.39 -55.16 -16.91
CA LEU D 226 22.85 -53.80 -16.78
C LEU D 226 21.41 -53.70 -17.22
N ALA D 227 20.65 -52.92 -16.46
CA ALA D 227 19.37 -52.38 -16.89
C ALA D 227 19.63 -50.99 -17.47
N ILE D 228 19.03 -50.71 -18.62
CA ILE D 228 19.29 -49.50 -19.35
C ILE D 228 17.96 -48.79 -19.57
N ASP D 229 17.93 -47.50 -19.26
CA ASP D 229 16.74 -46.66 -19.40
C ASP D 229 16.88 -45.80 -20.65
N ILE D 230 15.92 -45.91 -21.56
CA ILE D 230 15.94 -45.23 -22.84
C ILE D 230 14.66 -44.39 -23.01
N PHE D 231 14.83 -43.18 -23.56
CA PHE D 231 13.71 -42.29 -23.86
C PHE D 231 13.51 -42.20 -25.37
N GLU D 232 12.25 -42.20 -25.80
CA GLU D 232 11.90 -41.78 -27.15
C GLU D 232 11.70 -40.27 -27.14
N SER D 233 12.08 -39.62 -28.22
CA SER D 233 11.95 -38.16 -28.32
C SER D 233 11.84 -37.75 -29.76
N GLU D 234 11.53 -36.48 -29.98
CA GLU D 234 11.49 -35.87 -31.31
C GLU D 234 12.79 -36.04 -32.10
N LYS D 235 13.91 -36.17 -31.39
CA LYS D 235 15.21 -36.35 -32.03
C LYS D 235 15.76 -37.77 -31.88
N GLY D 236 14.89 -38.75 -31.66
CA GLY D 236 15.30 -40.16 -31.63
C GLY D 236 15.50 -40.69 -30.22
N LEU D 237 16.01 -41.92 -30.14
CA LEU D 237 16.23 -42.58 -28.88
C LEU D 237 17.39 -41.96 -28.11
N LEU D 238 17.24 -41.81 -26.80
CA LEU D 238 18.30 -41.30 -25.95
C LEU D 238 18.52 -42.25 -24.78
N VAL D 239 19.76 -42.48 -24.41
CA VAL D 239 20.06 -43.29 -23.24
C VAL D 239 20.12 -42.34 -22.04
N ASN D 240 19.20 -42.54 -21.10
CA ASN D 240 19.13 -41.74 -19.90
C ASN D 240 20.09 -42.22 -18.82
N GLU D 241 20.04 -43.51 -18.51
CA GLU D 241 20.89 -44.05 -17.49
C GLU D 241 21.02 -45.56 -17.57
N VAL D 242 22.01 -46.08 -16.86
CA VAL D 242 22.21 -47.50 -16.75
C VAL D 242 22.15 -47.83 -15.28
N ASN D 243 21.81 -49.07 -14.97
CA ASN D 243 21.67 -49.46 -13.61
C ASN D 243 22.31 -50.81 -13.37
N PRO D 244 23.36 -50.84 -12.55
CA PRO D 244 24.14 -52.04 -12.29
C PRO D 244 23.64 -52.91 -11.17
N ASN D 245 22.52 -52.55 -10.55
CA ASN D 245 21.97 -53.44 -9.55
C ASN D 245 20.72 -54.17 -10.06
N MET D 246 20.18 -53.72 -11.20
CA MET D 246 19.23 -54.49 -12.01
C MET D 246 18.14 -55.23 -11.23
N GLU D 247 17.02 -54.56 -11.04
CA GLU D 247 15.79 -55.24 -10.60
C GLU D 247 15.20 -55.79 -11.88
N PHE D 248 14.69 -57.02 -11.85
CA PHE D 248 14.17 -57.66 -13.07
C PHE D 248 12.85 -58.41 -12.92
N LYS D 249 12.29 -58.46 -11.72
CA LYS D 249 11.15 -59.36 -11.46
C LYS D 249 9.96 -58.99 -12.36
N ASN D 250 9.68 -57.70 -12.48
CA ASN D 250 8.64 -57.21 -13.37
C ASN D 250 8.93 -57.47 -14.85
N ALA D 251 10.13 -57.12 -15.27
CA ALA D 251 10.52 -57.29 -16.67
C ALA D 251 10.55 -58.75 -17.10
N ALA D 252 10.94 -59.64 -16.19
CA ALA D 252 10.94 -61.09 -16.44
C ALA D 252 9.53 -61.61 -16.66
N ARG D 253 8.61 -61.24 -15.77
CA ARG D 253 7.20 -61.64 -15.94
C ARG D 253 6.60 -61.08 -17.23
N VAL D 254 6.78 -59.78 -17.46
CA VAL D 254 6.21 -59.09 -18.63
C VAL D 254 6.77 -59.63 -19.95
N THR D 255 8.09 -59.80 -20.03
CA THR D 255 8.73 -60.28 -21.26
C THR D 255 8.79 -61.81 -21.36
N GLY D 256 8.72 -62.48 -20.22
CA GLY D 256 8.93 -63.92 -20.18
C GLY D 256 10.39 -64.36 -20.31
N ALA D 257 11.33 -63.42 -20.22
CA ALA D 257 12.75 -63.78 -20.33
C ALA D 257 13.27 -64.32 -19.00
N ASP D 258 14.12 -65.34 -19.08
CA ASP D 258 14.73 -65.90 -17.89
C ASP D 258 15.91 -65.05 -17.44
N MET D 259 15.59 -63.95 -16.77
CA MET D 259 16.58 -62.96 -16.36
C MET D 259 17.48 -63.52 -15.27
N ALA D 260 16.89 -64.21 -14.31
CA ALA D 260 17.63 -64.88 -13.26
C ALA D 260 18.67 -65.83 -13.86
N GLY D 261 18.22 -66.69 -14.77
CA GLY D 261 19.09 -67.66 -15.43
C GLY D 261 20.24 -67.05 -16.19
N LYS D 262 19.96 -65.98 -16.93
CA LYS D 262 20.99 -65.30 -17.71
C LYS D 262 22.04 -64.67 -16.79
N LEU D 263 21.57 -64.12 -15.67
CA LEU D 263 22.46 -63.53 -14.68
C LEU D 263 23.41 -64.59 -14.12
N VAL D 264 22.85 -65.73 -13.73
CA VAL D 264 23.64 -66.82 -13.17
C VAL D 264 24.61 -67.36 -14.21
N GLU D 265 24.16 -67.58 -15.43
CA GLU D 265 25.04 -68.05 -16.49
C GLU D 265 26.24 -67.14 -16.66
N TYR D 266 26.00 -65.83 -16.67
CA TYR D 266 27.09 -64.87 -16.75
C TYR D 266 28.03 -65.03 -15.57
N ALA D 267 27.47 -65.24 -14.37
CA ALA D 267 28.29 -65.37 -13.17
C ALA D 267 29.19 -66.62 -13.22
N VAL D 268 28.68 -67.72 -13.75
CA VAL D 268 29.52 -68.93 -13.84
C VAL D 268 30.62 -68.71 -14.89
N GLU D 269 30.34 -67.99 -15.98
CA GLU D 269 31.41 -67.68 -16.94
C GLU D 269 32.46 -66.80 -16.29
N VAL D 270 32.02 -65.83 -15.50
CA VAL D 270 32.93 -65.02 -14.69
C VAL D 270 33.70 -65.87 -13.67
N ALA D 271 33.01 -66.79 -12.99
CA ALA D 271 33.66 -67.68 -12.02
C ALA D 271 34.83 -68.43 -12.66
N LYS D 272 34.65 -68.84 -13.90
CA LYS D 272 35.71 -69.50 -14.65
C LYS D 272 36.76 -68.49 -15.16
N THR D 273 36.85 -67.36 -14.45
CA THR D 273 37.81 -66.28 -14.71
C THR D 273 37.41 -65.47 -15.94
N VAL E 2 -5.54 -60.45 -3.55
CA VAL E 2 -4.36 -59.66 -4.01
C VAL E 2 -3.07 -60.43 -3.70
N GLU E 3 -2.02 -60.17 -4.48
CA GLU E 3 -0.71 -60.76 -4.21
C GLU E 3 -0.04 -60.02 -3.04
N CYS E 4 0.48 -60.78 -2.08
CA CYS E 4 1.32 -60.21 -1.03
C CYS E 4 2.64 -59.77 -1.63
N PRO E 5 3.05 -58.51 -1.39
CA PRO E 5 4.29 -58.04 -2.01
C PRO E 5 5.56 -58.72 -1.46
N VAL E 6 5.44 -59.44 -0.34
CA VAL E 6 6.59 -60.11 0.29
C VAL E 6 6.79 -61.53 -0.24
N CYS E 7 5.76 -62.37 -0.15
CA CYS E 7 5.90 -63.78 -0.55
C CYS E 7 5.42 -64.12 -1.98
N GLY E 8 4.71 -63.19 -2.62
CA GLY E 8 4.17 -63.42 -3.98
C GLY E 8 2.85 -64.18 -4.04
N SER E 9 2.36 -64.67 -2.89
CA SER E 9 1.15 -65.49 -2.85
C SER E 9 -0.10 -64.64 -3.05
N GLU E 10 -1.11 -65.20 -3.71
CA GLU E 10 -2.44 -64.57 -3.73
C GLU E 10 -3.15 -64.89 -2.40
N ILE E 11 -3.70 -63.86 -1.76
CA ILE E 11 -4.26 -64.01 -0.41
C ILE E 11 -5.65 -63.40 -0.26
N GLU E 12 -6.30 -63.81 0.83
CA GLU E 12 -7.66 -63.40 1.16
C GLU E 12 -7.57 -62.38 2.29
N ILE E 13 -8.16 -61.20 2.12
CA ILE E 13 -8.16 -60.21 3.19
C ILE E 13 -9.58 -59.90 3.67
N GLY E 14 -10.49 -59.64 2.74
CA GLY E 14 -11.88 -59.34 3.07
C GLY E 14 -12.05 -57.89 3.50
N GLU E 15 -13.08 -57.65 4.32
CA GLU E 15 -13.43 -56.30 4.76
C GLU E 15 -12.22 -55.61 5.44
N VAL E 16 -11.70 -54.57 4.80
CA VAL E 16 -10.50 -53.87 5.26
C VAL E 16 -10.64 -52.39 4.89
N GLU E 17 -9.92 -51.51 5.58
CA GLU E 17 -9.94 -50.06 5.29
C GLU E 17 -8.61 -49.52 4.76
N LEU E 18 -8.68 -48.34 4.14
CA LEU E 18 -7.49 -47.68 3.62
C LEU E 18 -6.49 -47.40 4.75
N HIS E 19 -5.21 -47.72 4.49
CA HIS E 19 -4.12 -47.59 5.47
C HIS E 19 -4.25 -48.51 6.70
N GLN E 20 -5.09 -49.53 6.61
CA GLN E 20 -5.14 -50.53 7.66
C GLN E 20 -3.94 -51.47 7.57
N ILE E 21 -3.36 -51.79 8.72
CA ILE E 21 -2.29 -52.77 8.79
C ILE E 21 -2.90 -54.15 8.85
N VAL E 22 -2.45 -55.03 7.97
CA VAL E 22 -2.96 -56.40 7.89
C VAL E 22 -1.79 -57.36 8.08
N GLU E 23 -2.09 -58.65 8.08
CA GLU E 23 -1.07 -59.70 8.15
C GLU E 23 -1.35 -60.73 7.07
N CYS E 24 -0.31 -61.13 6.34
CA CYS E 24 -0.47 -62.12 5.28
C CYS E 24 -0.78 -63.52 5.87
N PRO E 25 -1.89 -64.14 5.44
CA PRO E 25 -2.25 -65.49 5.93
C PRO E 25 -1.15 -66.54 5.80
N VAL E 26 -0.36 -66.49 4.73
CA VAL E 26 0.69 -67.49 4.49
C VAL E 26 2.04 -67.13 5.15
N CYS E 27 2.64 -66.01 4.76
CA CYS E 27 4.02 -65.71 5.18
C CYS E 27 4.11 -64.85 6.45
N GLY E 28 2.98 -64.29 6.88
CA GLY E 28 2.91 -63.53 8.11
C GLY E 28 3.59 -62.16 8.10
N ALA E 29 3.79 -61.58 6.92
CA ALA E 29 4.36 -60.23 6.80
C ALA E 29 3.34 -59.15 7.16
N GLU E 30 3.80 -58.12 7.88
CA GLU E 30 2.96 -56.94 8.16
C GLU E 30 2.86 -56.06 6.92
N LEU E 31 1.63 -55.76 6.50
CA LEU E 31 1.39 -55.01 5.26
C LEU E 31 0.43 -53.84 5.49
N GLU E 32 0.59 -52.81 4.68
CA GLU E 32 -0.32 -51.65 4.71
C GLU E 32 -1.19 -51.61 3.46
N VAL E 33 -2.49 -51.48 3.68
CA VAL E 33 -3.44 -51.25 2.60
C VAL E 33 -3.20 -49.83 2.06
N VAL E 34 -2.51 -49.74 0.92
CA VAL E 34 -2.11 -48.44 0.35
C VAL E 34 -3.19 -47.87 -0.58
N SER E 35 -4.00 -48.75 -1.17
CA SER E 35 -5.11 -48.32 -2.01
C SER E 35 -6.28 -49.29 -1.97
N LEU E 36 -7.45 -48.79 -2.31
CA LEU E 36 -8.64 -49.62 -2.51
C LEU E 36 -9.18 -49.37 -3.92
N GLU E 37 -8.28 -48.99 -4.83
CA GLU E 37 -8.65 -48.60 -6.18
C GLU E 37 -7.74 -49.25 -7.22
N PRO E 38 -7.64 -50.59 -7.22
CA PRO E 38 -8.25 -51.56 -6.31
C PRO E 38 -7.38 -51.84 -5.06
N LEU E 39 -7.77 -52.83 -4.27
CA LEU E 39 -7.06 -53.21 -3.06
C LEU E 39 -5.59 -53.54 -3.40
N THR E 40 -4.70 -52.68 -2.90
CA THR E 40 -3.26 -52.78 -3.16
C THR E 40 -2.51 -52.78 -1.83
N LEU E 41 -1.68 -53.81 -1.62
CA LEU E 41 -0.89 -53.93 -0.42
C LEU E 41 0.54 -53.52 -0.68
N GLU E 42 1.16 -52.93 0.34
CA GLU E 42 2.58 -52.60 0.31
C GLU E 42 3.15 -52.91 1.68
N GLU E 43 4.48 -53.04 1.73
CA GLU E 43 5.17 -53.20 2.99
C GLU E 43 5.11 -51.90 3.80
N LEU E 44 5.35 -52.04 5.10
CA LEU E 44 5.26 -50.90 6.02
C LEU E 44 6.23 -49.81 5.56
N PRO E 45 5.83 -48.54 5.67
CA PRO E 45 6.81 -47.51 5.34
C PRO E 45 7.88 -47.41 6.44
N GLU E 46 8.97 -46.70 6.18
CA GLU E 46 10.08 -46.66 7.12
C GLU E 46 9.70 -45.87 8.38
N VAL E 47 10.25 -46.27 9.52
CA VAL E 47 9.98 -45.58 10.79
C VAL E 47 10.71 -44.22 10.78
N GLU E 48 10.02 -43.16 11.19
CA GLU E 48 10.59 -41.82 11.27
C GLU E 48 10.96 -41.54 12.72
N GLU E 49 11.75 -40.49 12.95
CA GLU E 49 12.40 -40.33 14.23
C GLU E 49 11.45 -39.90 15.36
N ASP E 50 10.21 -39.52 15.02
CA ASP E 50 9.18 -39.18 16.02
C ASP E 50 7.98 -40.15 16.09
N TRP E 51 8.14 -41.32 15.47
CA TRP E 51 7.07 -42.32 15.46
C TRP E 51 6.96 -43.01 16.81
N GLY E 52 5.73 -43.18 17.27
CA GLY E 52 5.45 -44.03 18.41
C GLY E 52 4.33 -43.48 19.27
N MET F 1 47.01 -7.29 19.86
CA MET F 1 46.67 -7.73 18.48
C MET F 1 46.51 -9.26 18.38
N VAL F 2 46.03 -9.72 17.24
CA VAL F 2 45.74 -11.15 17.01
C VAL F 2 45.69 -11.44 15.50
N GLU F 3 45.95 -12.69 15.11
CA GLU F 3 45.87 -13.07 13.69
C GLU F 3 44.48 -13.52 13.26
N CYS F 4 44.00 -12.94 12.16
CA CYS F 4 42.77 -13.40 11.50
C CYS F 4 43.04 -14.74 10.79
N PRO F 5 42.23 -15.78 11.07
CA PRO F 5 42.45 -17.10 10.48
C PRO F 5 42.08 -17.20 8.99
N VAL F 6 41.32 -16.24 8.46
CA VAL F 6 40.96 -16.20 7.05
C VAL F 6 42.05 -15.49 6.24
N CYS F 7 42.41 -14.29 6.69
CA CYS F 7 43.27 -13.36 5.96
C CYS F 7 44.75 -13.56 6.25
N GLY F 8 45.09 -13.76 7.53
CA GLY F 8 46.48 -13.86 7.96
C GLY F 8 46.98 -12.56 8.59
N SER F 9 46.21 -11.49 8.45
CA SER F 9 46.59 -10.17 8.97
C SER F 9 46.59 -10.13 10.50
N GLU F 10 47.49 -9.32 11.06
CA GLU F 10 47.47 -8.97 12.48
C GLU F 10 46.58 -7.73 12.68
N ILE F 11 45.62 -7.85 13.60
CA ILE F 11 44.60 -6.82 13.79
C ILE F 11 44.38 -6.54 15.28
N GLU F 12 43.92 -5.33 15.58
CA GLU F 12 43.49 -4.95 16.92
C GLU F 12 41.97 -4.99 16.95
N ILE F 13 41.40 -5.74 17.89
CA ILE F 13 39.94 -5.82 18.05
C ILE F 13 39.43 -5.15 19.34
N GLY F 14 40.36 -4.79 20.23
CA GLY F 14 39.99 -4.10 21.47
C GLY F 14 39.70 -5.06 22.59
N GLU F 15 38.85 -4.63 23.52
CA GLU F 15 38.56 -5.39 24.73
C GLU F 15 37.39 -6.35 24.48
N VAL F 16 37.69 -7.49 23.87
CA VAL F 16 36.66 -8.46 23.50
C VAL F 16 36.33 -9.40 24.66
N GLU F 17 35.17 -10.06 24.55
CA GLU F 17 34.76 -11.13 25.47
C GLU F 17 34.80 -12.48 24.74
N LEU F 18 34.72 -13.55 25.52
CA LEU F 18 34.71 -14.90 24.97
C LEU F 18 33.41 -15.15 24.22
N HIS F 19 33.53 -15.80 23.06
CA HIS F 19 32.40 -16.10 22.15
C HIS F 19 31.83 -14.85 21.46
N GLN F 20 32.53 -13.72 21.54
CA GLN F 20 32.10 -12.48 20.91
C GLN F 20 32.37 -12.49 19.39
N ILE F 21 31.46 -11.88 18.64
CA ILE F 21 31.56 -11.82 17.18
C ILE F 21 32.29 -10.56 16.77
N VAL F 22 33.30 -10.72 15.92
CA VAL F 22 34.11 -9.60 15.45
C VAL F 22 34.23 -9.67 13.94
N GLU F 23 34.35 -8.50 13.32
CA GLU F 23 34.55 -8.36 11.88
C GLU F 23 35.99 -7.92 11.68
N CYS F 24 36.73 -8.65 10.83
CA CYS F 24 38.10 -8.28 10.52
C CYS F 24 38.11 -6.97 9.74
N PRO F 25 38.87 -5.96 10.23
CA PRO F 25 38.99 -4.67 9.52
C PRO F 25 39.64 -4.72 8.12
N VAL F 26 40.44 -5.75 7.83
CA VAL F 26 41.09 -5.90 6.51
C VAL F 26 40.22 -6.67 5.51
N CYS F 27 39.90 -7.93 5.81
CA CYS F 27 39.18 -8.80 4.86
C CYS F 27 37.64 -8.90 5.08
N GLY F 28 37.11 -8.28 6.13
CA GLY F 28 35.67 -8.35 6.40
C GLY F 28 35.14 -9.70 6.86
N ALA F 29 36.04 -10.63 7.22
CA ALA F 29 35.66 -11.94 7.74
C ALA F 29 34.90 -11.79 9.06
N GLU F 30 33.76 -12.48 9.16
CA GLU F 30 33.00 -12.54 10.41
C GLU F 30 33.61 -13.68 11.23
N LEU F 31 34.01 -13.36 12.47
CA LEU F 31 34.79 -14.27 13.32
C LEU F 31 34.26 -14.35 14.75
N GLU F 32 34.61 -15.44 15.43
CA GLU F 32 34.23 -15.69 16.83
C GLU F 32 35.48 -15.79 17.68
N VAL F 33 35.52 -15.01 18.76
CA VAL F 33 36.57 -15.11 19.75
C VAL F 33 36.35 -16.39 20.53
N VAL F 34 37.14 -17.43 20.21
CA VAL F 34 36.96 -18.73 20.82
C VAL F 34 37.90 -18.94 22.03
N SER F 35 38.77 -17.96 22.31
CA SER F 35 39.68 -18.02 23.46
C SER F 35 40.30 -16.65 23.77
N LEU F 36 40.48 -16.35 25.05
CA LEU F 36 41.05 -15.08 25.51
C LEU F 36 42.46 -15.21 26.11
N GLU F 37 42.67 -16.21 26.98
CA GLU F 37 43.96 -16.35 27.68
C GLU F 37 45.09 -16.44 26.65
N PRO F 38 44.95 -17.35 25.68
CA PRO F 38 45.55 -17.15 24.37
C PRO F 38 44.48 -16.63 23.40
N LEU F 39 44.60 -15.37 22.99
CA LEU F 39 43.57 -14.70 22.18
C LEU F 39 43.46 -15.33 20.79
N THR F 40 42.35 -16.02 20.56
CA THR F 40 42.18 -16.83 19.35
C THR F 40 40.86 -16.52 18.67
N LEU F 41 40.93 -16.10 17.40
CA LEU F 41 39.76 -15.99 16.54
C LEU F 41 39.57 -17.27 15.71
N GLU F 42 38.36 -17.42 15.20
CA GLU F 42 37.94 -18.63 14.52
C GLU F 42 36.73 -18.30 13.67
N GLU F 43 36.59 -18.95 12.53
CA GLU F 43 35.39 -18.77 11.71
C GLU F 43 34.23 -19.49 12.41
N LEU F 44 33.02 -18.96 12.23
CA LEU F 44 31.82 -19.48 12.90
C LEU F 44 31.46 -20.90 12.48
N PRO F 45 30.89 -21.68 13.43
CA PRO F 45 30.36 -23.00 13.08
C PRO F 45 29.20 -22.90 12.08
N GLU F 46 28.80 -24.03 11.52
CA GLU F 46 27.76 -24.04 10.50
C GLU F 46 26.42 -23.62 11.09
N VAL F 47 25.64 -22.91 10.26
CA VAL F 47 24.30 -22.50 10.62
C VAL F 47 23.42 -23.75 10.70
N GLU F 48 22.72 -23.90 11.82
CA GLU F 48 21.77 -25.00 12.01
C GLU F 48 20.40 -24.58 11.51
N GLU F 49 19.54 -25.56 11.26
CA GLU F 49 18.23 -25.30 10.66
C GLU F 49 17.23 -24.55 11.55
N ASP F 50 17.54 -24.38 12.84
CA ASP F 50 16.73 -23.58 13.77
C ASP F 50 17.44 -22.31 14.28
N TRP F 51 18.53 -21.90 13.64
CA TRP F 51 19.20 -20.66 14.01
C TRP F 51 18.42 -19.46 13.52
N GLY F 52 18.40 -18.43 14.36
CA GLY F 52 17.93 -17.12 13.95
C GLY F 52 17.22 -16.33 15.03
N MET G 1 -4.60 15.70 -45.41
CA MET G 1 -4.78 16.89 -44.54
C MET G 1 -6.14 16.85 -43.84
N ARG G 2 -6.11 16.72 -42.51
CA ARG G 2 -7.32 16.83 -41.67
C ARG G 2 -7.19 18.02 -40.70
N ILE G 3 -8.07 19.01 -40.87
CA ILE G 3 -7.99 20.27 -40.13
C ILE G 3 -9.17 20.34 -39.18
N GLY G 4 -8.89 20.41 -37.89
CA GLY G 4 -9.93 20.57 -36.88
C GLY G 4 -10.28 22.04 -36.72
N ILE G 5 -11.56 22.32 -36.53
CA ILE G 5 -11.99 23.64 -36.13
C ILE G 5 -12.83 23.54 -34.88
N THR G 6 -12.33 24.19 -33.86
CA THR G 6 -12.85 24.10 -32.52
C THR G 6 -13.73 25.36 -32.31
N TYR G 7 -14.98 25.18 -31.96
CA TYR G 7 -15.91 26.31 -31.91
C TYR G 7 -16.98 26.18 -30.82
N THR G 8 -17.65 27.29 -30.56
CA THR G 8 -18.73 27.36 -29.59
C THR G 8 -20.05 27.56 -30.33
N VAL G 9 -20.13 28.61 -31.13
CA VAL G 9 -21.23 28.83 -32.05
C VAL G 9 -20.63 29.15 -33.42
N LEU G 10 -21.32 28.71 -34.46
CA LEU G 10 -20.83 28.92 -35.83
C LEU G 10 -21.12 30.33 -36.29
N ARG G 11 -20.19 31.24 -36.05
CA ARG G 11 -20.34 32.61 -36.51
C ARG G 11 -19.90 32.70 -37.96
N ARG G 12 -20.04 33.89 -38.55
CA ARG G 12 -19.69 34.10 -39.94
C ARG G 12 -18.21 33.75 -40.17
N GLU G 13 -17.36 34.12 -39.22
CA GLU G 13 -15.93 33.84 -39.34
C GLU G 13 -15.65 32.33 -39.34
N GLU G 14 -16.33 31.57 -38.47
CA GLU G 14 -16.15 30.10 -38.44
C GLU G 14 -16.57 29.40 -39.72
N MET G 15 -17.67 29.87 -40.33
CA MET G 15 -18.16 29.29 -41.57
C MET G 15 -17.18 29.58 -42.71
N ALA G 16 -16.68 30.80 -42.76
CA ALA G 16 -15.67 31.17 -43.73
C ALA G 16 -14.41 30.30 -43.57
N ILE G 17 -13.96 30.13 -42.32
CA ILE G 17 -12.78 29.31 -42.03
C ILE G 17 -12.99 27.86 -42.44
N LYS G 18 -14.19 27.35 -42.17
CA LYS G 18 -14.57 26.00 -42.60
C LYS G 18 -14.45 25.88 -44.12
N GLU G 19 -15.02 26.84 -44.84
CA GLU G 19 -15.00 26.81 -46.30
C GLU G 19 -13.55 26.82 -46.81
N ARG G 20 -12.71 27.70 -46.29
CA ARG G 20 -11.33 27.78 -46.77
C ARG G 20 -10.56 26.50 -46.43
N ALA G 21 -10.75 26.01 -45.21
CA ALA G 21 -10.15 24.74 -44.79
C ALA G 21 -10.49 23.59 -45.75
N GLY G 22 -11.72 23.59 -46.26
CA GLY G 22 -12.15 22.59 -47.25
C GLY G 22 -11.34 22.57 -48.53
N GLU G 23 -10.81 23.73 -48.94
CA GLU G 23 -9.93 23.83 -50.12
C GLU G 23 -8.65 23.03 -49.94
N PHE G 24 -8.19 22.91 -48.70
CA PHE G 24 -6.90 22.28 -48.41
C PHE G 24 -7.02 20.84 -47.91
N GLY G 25 -8.21 20.43 -47.50
CA GLY G 25 -8.42 19.04 -47.12
C GLY G 25 -9.71 18.80 -46.38
N GLU G 26 -9.71 17.74 -45.58
CA GLU G 26 -10.84 17.30 -44.80
C GLU G 26 -11.01 18.17 -43.56
N VAL G 27 -12.19 18.74 -43.36
CA VAL G 27 -12.45 19.61 -42.20
C VAL G 27 -13.25 18.84 -41.12
N VAL G 28 -12.81 18.95 -39.87
CA VAL G 28 -13.51 18.32 -38.74
C VAL G 28 -14.00 19.41 -37.77
N MET G 29 -15.31 19.65 -37.76
CA MET G 29 -15.90 20.66 -36.89
C MET G 29 -16.08 20.08 -35.49
N LEU G 30 -15.34 20.62 -34.54
CA LEU G 30 -15.38 20.15 -33.16
C LEU G 30 -16.11 21.15 -32.29
N HIS G 31 -17.36 20.84 -31.97
CA HIS G 31 -18.08 21.61 -30.97
C HIS G 31 -17.48 21.25 -29.60
N GLU G 32 -17.66 22.11 -28.62
CA GLU G 32 -17.08 21.87 -27.30
C GLU G 32 -17.48 20.56 -26.65
N ASP G 33 -18.71 20.13 -26.88
CA ASP G 33 -19.20 18.80 -26.46
C ASP G 33 -18.38 17.64 -27.06
N ASP G 34 -17.73 17.87 -28.20
CA ASP G 34 -16.89 16.85 -28.85
C ASP G 34 -15.47 16.78 -28.24
N LEU G 35 -15.18 17.67 -27.28
CA LEU G 35 -13.83 17.78 -26.71
C LEU G 35 -13.71 17.04 -25.38
N LEU G 36 -13.04 15.90 -25.41
CA LEU G 36 -12.83 15.08 -24.22
C LEU G 36 -11.40 14.50 -24.24
N PHE G 37 -10.65 14.75 -23.17
CA PHE G 37 -9.24 14.32 -23.11
C PHE G 37 -8.93 13.53 -21.84
N PRO G 38 -7.92 12.64 -21.89
CA PRO G 38 -7.21 12.19 -23.08
C PRO G 38 -8.17 11.54 -24.07
N GLY G 39 -7.85 11.62 -25.34
CA GLY G 39 -8.71 11.08 -26.36
C GLY G 39 -7.96 10.85 -27.65
N ASN G 40 -8.59 10.12 -28.57
CA ASN G 40 -8.01 9.76 -29.84
C ASN G 40 -8.50 10.69 -30.93
N TYR G 41 -7.65 11.60 -31.36
CA TYR G 41 -8.01 12.60 -32.34
C TYR G 41 -7.10 12.46 -33.55
N ASP G 42 -7.69 12.36 -34.73
CA ASP G 42 -6.92 12.14 -35.95
C ASP G 42 -6.84 13.43 -36.76
N LEU G 43 -5.95 14.33 -36.34
CA LEU G 43 -5.94 15.69 -36.88
C LEU G 43 -4.50 16.14 -37.06
N ASP G 44 -4.26 16.91 -38.11
CA ASP G 44 -2.92 17.44 -38.41
C ASP G 44 -2.72 18.85 -37.85
N VAL G 45 -3.81 19.58 -37.65
CA VAL G 45 -3.76 20.89 -37.01
C VAL G 45 -5.17 21.23 -36.54
N VAL G 46 -5.27 22.01 -35.48
CA VAL G 46 -6.55 22.48 -35.00
C VAL G 46 -6.53 24.01 -34.97
N ILE G 47 -7.57 24.62 -35.55
CA ILE G 47 -7.73 26.06 -35.54
C ILE G 47 -8.67 26.34 -34.37
N ILE G 48 -8.18 27.10 -33.40
CA ILE G 48 -8.90 27.31 -32.14
C ILE G 48 -9.79 28.54 -32.25
N ARG G 49 -11.11 28.35 -32.21
CA ARG G 49 -12.08 29.43 -32.33
C ARG G 49 -13.14 29.46 -31.22
N ASN G 50 -12.80 28.95 -30.03
CA ASN G 50 -13.76 28.93 -28.93
C ASN G 50 -14.01 30.37 -28.51
N VAL G 51 -15.27 30.73 -28.32
CA VAL G 51 -15.62 32.10 -27.93
C VAL G 51 -14.98 32.48 -26.59
N SER G 52 -15.03 31.57 -25.64
CA SER G 52 -14.38 31.78 -24.33
C SER G 52 -12.86 31.71 -24.45
N HIS G 53 -12.17 32.73 -23.99
CA HIS G 53 -10.71 32.79 -24.04
C HIS G 53 -10.06 31.66 -23.22
N PHE G 54 -10.61 31.39 -22.04
CA PHE G 54 -10.09 30.33 -21.18
C PHE G 54 -10.34 28.95 -21.77
N LYS G 55 -11.52 28.74 -22.33
CA LYS G 55 -11.74 27.48 -23.02
C LYS G 55 -10.78 27.34 -24.20
N ALA G 56 -10.55 28.39 -24.97
CA ALA G 56 -9.55 28.33 -26.06
C ALA G 56 -8.16 27.95 -25.55
N LEU G 57 -7.74 28.56 -24.43
CA LEU G 57 -6.42 28.28 -23.88
C LEU G 57 -6.24 26.80 -23.50
N TYR G 58 -7.22 26.25 -22.81
CA TYR G 58 -7.15 24.87 -22.34
C TYR G 58 -7.34 23.88 -23.48
N THR G 59 -8.21 24.19 -24.45
CA THR G 59 -8.31 23.30 -25.61
C THR G 59 -7.02 23.30 -26.45
N ALA G 60 -6.39 24.46 -26.63
CA ALA G 60 -5.10 24.48 -27.30
C ALA G 60 -4.10 23.59 -26.57
N ARG G 61 -4.01 23.76 -25.26
CA ARG G 61 -3.05 23.00 -24.48
C ARG G 61 -3.33 21.49 -24.55
N LEU G 62 -4.60 21.13 -24.53
CA LEU G 62 -4.99 19.76 -24.55
C LEU G 62 -4.71 19.13 -25.90
N PHE G 63 -4.97 19.85 -26.99
CA PHE G 63 -4.59 19.29 -28.30
C PHE G 63 -3.08 19.13 -28.45
N GLU G 64 -2.30 20.08 -27.91
CA GLU G 64 -0.85 19.95 -27.92
C GLU G 64 -0.43 18.68 -27.18
N SER G 65 -1.08 18.37 -26.07
CA SER G 65 -0.79 17.15 -25.30
C SER G 65 -0.97 15.88 -26.11
N GLU G 66 -1.79 15.95 -27.16
CA GLU G 66 -2.01 14.82 -28.06
C GLU G 66 -1.12 14.90 -29.29
N GLY G 67 -0.09 15.74 -29.25
CA GLY G 67 0.80 15.89 -30.39
C GLY G 67 0.18 16.59 -31.59
N ILE G 68 -0.83 17.40 -31.35
CA ILE G 68 -1.55 18.08 -32.43
C ILE G 68 -1.29 19.58 -32.35
N PRO G 69 -0.69 20.17 -33.40
CA PRO G 69 -0.41 21.58 -33.35
C PRO G 69 -1.68 22.37 -33.50
N THR G 70 -1.63 23.58 -32.99
CA THR G 70 -2.80 24.34 -32.72
C THR G 70 -2.55 25.79 -33.18
N VAL G 71 -3.53 26.39 -33.85
CA VAL G 71 -3.47 27.80 -34.21
C VAL G 71 -4.66 28.55 -33.60
N ASN G 72 -4.45 29.44 -32.62
CA ASN G 72 -3.16 29.75 -32.03
C ASN G 72 -2.72 28.73 -31.01
N SER G 73 -1.43 28.78 -30.66
CA SER G 73 -0.85 27.94 -29.62
C SER G 73 -1.32 28.38 -28.22
N SER G 74 -1.22 27.48 -27.25
CA SER G 74 -1.61 27.79 -25.88
C SER G 74 -0.74 28.89 -25.25
N ARG G 75 0.56 28.84 -25.52
CA ARG G 75 1.46 29.88 -25.09
C ARG G 75 1.03 31.26 -25.63
N LEU G 76 0.74 31.36 -26.91
CA LEU G 76 0.33 32.65 -27.48
C LEU G 76 -1.00 33.10 -26.91
N ILE G 77 -1.96 32.18 -26.85
CA ILE G 77 -3.29 32.51 -26.29
C ILE G 77 -3.18 33.06 -24.86
N PHE G 78 -2.36 32.41 -24.05
CA PHE G 78 -2.04 32.82 -22.67
C PHE G 78 -1.41 34.23 -22.65
N GLU G 79 -0.28 34.36 -23.33
CA GLU G 79 0.50 35.59 -23.25
C GLU G 79 -0.13 36.78 -23.94
N ALA G 80 -0.76 36.56 -25.09
CA ALA G 80 -1.42 37.64 -25.83
C ALA G 80 -2.80 37.96 -25.27
N GLY G 81 -3.47 36.96 -24.70
CA GLY G 81 -4.84 37.13 -24.18
C GLY G 81 -4.92 37.80 -22.81
N ASP G 82 -3.79 37.89 -22.12
CA ASP G 82 -3.72 38.56 -20.82
C ASP G 82 -3.09 39.94 -21.01
N LYS G 83 -3.82 40.98 -20.62
CA LYS G 83 -3.38 42.35 -20.90
C LYS G 83 -2.04 42.71 -20.30
N LEU G 84 -1.78 42.22 -19.09
CA LEU G 84 -0.52 42.49 -18.42
C LEU G 84 0.63 41.68 -19.02
N PHE G 85 0.47 40.37 -19.22
CA PHE G 85 1.55 39.60 -19.81
C PHE G 85 1.86 40.18 -21.21
N ALA G 86 0.82 40.57 -21.92
CA ALA G 86 0.99 41.13 -23.26
C ALA G 86 1.73 42.47 -23.28
N THR G 87 1.40 43.41 -22.39
CA THR G 87 2.11 44.70 -22.44
C THR G 87 3.57 44.50 -22.07
N LEU G 88 3.83 43.59 -21.14
CA LEU G 88 5.21 43.25 -20.77
C LEU G 88 6.02 42.79 -22.00
N ARG G 89 5.39 41.98 -22.85
CA ARG G 89 6.02 41.50 -24.07
C ARG G 89 6.17 42.64 -25.09
N LEU G 90 5.17 43.51 -25.18
CA LEU G 90 5.23 44.67 -26.08
C LEU G 90 6.20 45.78 -25.61
N ALA G 91 6.34 45.95 -24.28
CA ALA G 91 7.08 47.09 -23.68
C ALA G 91 8.45 47.38 -24.28
N GLY G 92 9.23 46.34 -24.57
CA GLY G 92 10.51 46.57 -25.22
C GLY G 92 10.42 47.16 -26.63
N LYS G 93 9.41 46.70 -27.38
CA LYS G 93 9.49 46.64 -28.84
C LYS G 93 8.68 47.68 -29.58
N VAL G 94 7.57 48.11 -29.00
CA VAL G 94 6.69 49.07 -29.63
C VAL G 94 6.20 50.07 -28.60
N PRO G 95 5.83 51.29 -29.06
CA PRO G 95 5.23 52.24 -28.12
C PRO G 95 3.87 51.75 -27.59
N VAL G 96 3.62 51.98 -26.31
CA VAL G 96 2.41 51.56 -25.64
C VAL G 96 1.94 52.70 -24.73
N PRO G 97 0.64 52.80 -24.49
CA PRO G 97 0.22 53.79 -23.51
C PRO G 97 0.93 53.58 -22.19
N GLU G 98 1.20 54.65 -21.46
CA GLU G 98 1.73 54.50 -20.10
C GLU G 98 0.81 53.62 -19.27
N TRP G 99 1.38 52.73 -18.46
CA TRP G 99 0.60 51.79 -17.67
C TRP G 99 1.19 51.58 -16.29
N LYS G 100 0.35 51.08 -15.40
CA LYS G 100 0.80 50.73 -14.07
C LYS G 100 0.08 49.46 -13.64
N ALA G 101 0.75 48.62 -12.87
CA ALA G 101 0.11 47.45 -12.28
C ALA G 101 0.37 47.43 -10.79
N ALA G 102 -0.66 47.06 -10.03
CA ALA G 102 -0.57 46.99 -8.57
C ALA G 102 -1.21 45.68 -8.12
N LEU G 103 -0.78 45.19 -6.96
CA LEU G 103 -1.25 43.90 -6.45
C LEU G 103 -2.25 44.01 -5.29
N SER G 104 -2.55 45.22 -4.83
CA SER G 104 -3.54 45.44 -3.79
C SER G 104 -4.14 46.83 -3.94
N GLU G 105 -5.22 47.12 -3.22
CA GLU G 105 -5.89 48.39 -3.40
C GLU G 105 -5.03 49.52 -2.85
N GLY G 106 -4.33 49.25 -1.75
CA GLY G 106 -3.34 50.20 -1.23
C GLY G 106 -2.30 50.61 -2.27
N GLY G 107 -1.76 49.63 -2.99
CA GLY G 107 -0.84 49.93 -4.09
C GLY G 107 -1.55 50.64 -5.23
N ALA G 108 -2.76 50.19 -5.53
CA ALA G 108 -3.59 50.78 -6.58
C ALA G 108 -3.91 52.27 -6.33
N LEU G 109 -4.08 52.63 -5.06
CA LEU G 109 -4.28 54.04 -4.65
C LEU G 109 -3.09 54.96 -4.96
N ARG G 110 -1.89 54.40 -5.07
CA ARG G 110 -0.72 55.19 -5.47
C ARG G 110 -0.55 55.34 -6.99
N VAL G 111 -1.35 54.64 -7.80
CA VAL G 111 -1.19 54.67 -9.26
C VAL G 111 -1.36 56.06 -9.88
N PRO G 112 -2.34 56.86 -9.40
CA PRO G 112 -2.50 58.21 -9.93
C PRO G 112 -1.30 59.13 -9.77
N ASP G 113 -0.41 58.83 -8.82
CA ASP G 113 0.85 59.56 -8.65
C ASP G 113 1.78 59.39 -9.86
N SER G 114 1.73 58.22 -10.51
CA SER G 114 2.47 57.97 -11.75
C SER G 114 1.71 58.43 -13.00
N LEU G 115 0.46 58.03 -13.12
CA LEU G 115 -0.30 58.20 -14.36
C LEU G 115 -1.13 59.49 -14.41
N GLY G 116 -1.45 60.06 -13.24
CA GLY G 116 -2.37 61.20 -13.16
C GLY G 116 -3.77 60.79 -13.56
N TYR G 117 -4.72 61.71 -13.40
CA TYR G 117 -6.10 61.51 -13.84
C TYR G 117 -6.32 62.29 -15.15
N PRO G 118 -7.23 61.84 -16.01
CA PRO G 118 -7.98 60.60 -15.90
C PRO G 118 -7.14 59.37 -16.27
N LEU G 119 -7.47 58.24 -15.70
CA LEU G 119 -6.81 56.97 -16.04
C LEU G 119 -7.86 55.89 -16.31
N VAL G 120 -7.43 54.79 -16.92
CA VAL G 120 -8.32 53.73 -17.33
C VAL G 120 -8.00 52.46 -16.53
N SER G 121 -9.03 51.95 -15.85
CA SER G 121 -8.96 50.68 -15.13
C SER G 121 -9.62 49.63 -15.99
N LYS G 122 -8.95 48.50 -16.20
CA LYS G 122 -9.54 47.44 -16.97
C LYS G 122 -9.09 46.08 -16.44
N PRO G 123 -9.92 45.06 -16.61
CA PRO G 123 -9.51 43.75 -16.17
C PRO G 123 -8.49 43.18 -17.13
N VAL G 124 -7.72 42.24 -16.64
CA VAL G 124 -6.58 41.67 -17.35
C VAL G 124 -7.00 40.66 -18.46
N PHE G 125 -8.15 40.03 -18.30
CA PHE G 125 -8.56 38.93 -19.17
C PHE G 125 -9.77 39.29 -20.02
N GLY G 126 -10.19 40.55 -20.02
CA GLY G 126 -11.43 40.94 -20.68
C GLY G 126 -11.37 41.08 -22.20
N SER G 127 -12.55 41.23 -22.79
CA SER G 127 -12.70 41.53 -24.22
C SER G 127 -14.05 42.26 -24.47
N TRP G 128 -14.27 42.71 -25.71
CA TRP G 128 -15.50 43.42 -26.14
C TRP G 128 -15.84 44.73 -25.38
N GLY G 129 -14.92 45.22 -24.54
CA GLY G 129 -15.12 46.45 -23.78
C GLY G 129 -15.67 46.27 -22.37
N ARG G 130 -15.65 45.04 -21.86
CA ARG G 130 -16.23 44.72 -20.55
C ARG G 130 -15.49 45.39 -19.41
N LEU G 131 -16.25 45.99 -18.48
CA LEU G 131 -15.72 46.49 -17.20
C LEU G 131 -14.57 47.51 -17.29
N LEU G 132 -14.37 48.08 -18.46
CA LEU G 132 -13.56 49.27 -18.61
C LEU G 132 -14.17 50.37 -17.74
N ALA G 133 -13.33 51.09 -17.01
CA ALA G 133 -13.78 52.28 -16.30
C ALA G 133 -12.84 53.43 -16.59
N LYS G 134 -13.42 54.58 -16.90
CA LYS G 134 -12.67 55.83 -16.95
C LYS G 134 -12.83 56.49 -15.60
N VAL G 135 -11.69 56.68 -14.95
CA VAL G 135 -11.60 57.08 -13.55
C VAL G 135 -11.00 58.48 -13.49
N ASN G 136 -11.79 59.46 -13.11
CA ASN G 136 -11.37 60.87 -13.16
C ASN G 136 -10.83 61.43 -11.84
N ASP G 137 -11.08 60.74 -10.72
CA ASP G 137 -10.64 61.24 -9.43
C ASP G 137 -10.56 60.12 -8.41
N ARG G 138 -10.10 60.48 -7.22
CA ARG G 138 -9.92 59.55 -6.11
C ARG G 138 -11.20 58.79 -5.77
N ASP G 139 -12.33 59.51 -5.70
CA ASP G 139 -13.63 58.89 -5.38
C ASP G 139 -14.01 57.73 -6.32
N SER G 140 -13.84 57.90 -7.62
CA SER G 140 -14.13 56.81 -8.57
C SER G 140 -13.11 55.69 -8.49
N LEU G 141 -11.85 56.02 -8.23
CA LEU G 141 -10.83 54.98 -8.03
C LEU G 141 -11.24 54.06 -6.88
N GLU G 142 -11.60 54.67 -5.75
CA GLU G 142 -12.04 53.90 -4.59
C GLU G 142 -13.24 53.06 -4.96
N ALA G 143 -14.22 53.67 -5.62
CA ALA G 143 -15.41 52.96 -6.01
C ALA G 143 -15.07 51.74 -6.86
N VAL G 144 -14.23 51.93 -7.87
CA VAL G 144 -13.83 50.85 -8.76
C VAL G 144 -13.11 49.73 -7.99
N LEU G 145 -12.18 50.12 -7.11
CA LEU G 145 -11.45 49.16 -6.28
C LEU G 145 -12.39 48.39 -5.32
N GLU G 146 -13.31 49.08 -4.65
CA GLU G 146 -14.31 48.45 -3.78
C GLU G 146 -15.09 47.37 -4.54
N HIS G 147 -15.58 47.72 -5.73
CA HIS G 147 -16.33 46.77 -6.57
C HIS G 147 -15.50 45.60 -7.08
N ARG G 148 -14.27 45.86 -7.53
CA ARG G 148 -13.38 44.78 -7.95
C ARG G 148 -13.14 43.77 -6.81
N LYS G 149 -13.01 44.29 -5.60
CA LYS G 149 -12.74 43.49 -4.40
C LYS G 149 -13.89 42.55 -4.02
N TRP G 150 -15.13 43.03 -4.11
CA TRP G 150 -16.29 42.20 -3.75
C TRP G 150 -16.72 41.24 -4.85
N MET G 151 -16.12 41.35 -6.04
CA MET G 151 -16.43 40.41 -7.12
C MET G 151 -15.84 39.02 -6.89
N LYS G 152 -14.78 38.93 -6.10
CA LYS G 152 -14.21 37.63 -5.67
C LYS G 152 -13.83 36.63 -6.78
N ASN G 153 -13.80 37.07 -8.04
CA ASN G 153 -13.01 36.40 -9.07
C ASN G 153 -11.58 36.91 -8.89
N PRO G 154 -10.65 36.04 -8.46
CA PRO G 154 -9.31 36.51 -8.06
C PRO G 154 -8.45 37.17 -9.14
N LEU G 155 -8.72 36.89 -10.42
CA LEU G 155 -8.15 37.69 -11.50
C LEU G 155 -8.42 39.19 -11.36
N TYR G 156 -9.56 39.59 -10.78
CA TYR G 156 -9.84 41.01 -10.55
C TYR G 156 -8.97 41.62 -9.47
N GLY G 157 -8.17 40.80 -8.79
CA GLY G 157 -7.19 41.29 -7.82
C GLY G 157 -5.89 41.79 -8.42
N ILE G 158 -5.71 41.61 -9.73
CA ILE G 158 -4.57 42.18 -10.42
C ILE G 158 -5.08 43.51 -10.97
N HIS G 159 -4.53 44.61 -10.48
CA HIS G 159 -5.03 45.94 -10.84
C HIS G 159 -4.17 46.53 -11.93
N TYR G 160 -4.73 46.59 -13.13
CA TYR G 160 -4.03 47.05 -14.30
C TYR G 160 -4.64 48.37 -14.73
N PHE G 161 -3.78 49.37 -14.93
CA PHE G 161 -4.22 50.69 -15.32
C PHE G 161 -3.42 51.22 -16.50
N GLN G 162 -4.07 52.03 -17.32
CA GLN G 162 -3.40 52.85 -18.32
C GLN G 162 -3.77 54.31 -18.14
N GLU G 163 -2.94 55.20 -18.68
CA GLU G 163 -3.33 56.59 -18.88
C GLU G 163 -4.52 56.62 -19.83
N PHE G 164 -5.43 57.58 -19.63
CA PHE G 164 -6.51 57.77 -20.60
C PHE G 164 -5.94 58.45 -21.84
N VAL G 165 -6.02 57.79 -22.98
CA VAL G 165 -5.50 58.35 -24.21
C VAL G 165 -6.62 59.12 -24.91
N GLU G 166 -6.33 60.36 -25.33
CA GLU G 166 -7.30 61.18 -26.06
C GLU G 166 -7.31 60.76 -27.53
N LYS G 167 -8.29 59.95 -27.92
CA LYS G 167 -8.37 59.44 -29.28
C LYS G 167 -9.25 60.36 -30.12
N PRO G 168 -9.07 60.35 -31.47
CA PRO G 168 -9.90 61.21 -32.29
C PRO G 168 -11.20 60.52 -32.72
N GLY G 169 -12.02 60.14 -31.74
CA GLY G 169 -13.33 59.54 -31.96
C GLY G 169 -13.30 58.16 -32.58
N ARG G 170 -12.14 57.50 -32.50
CA ARG G 170 -11.94 56.20 -33.14
C ARG G 170 -10.67 55.53 -32.62
N ASP G 171 -10.57 54.22 -32.82
CA ASP G 171 -9.27 53.55 -32.72
C ASP G 171 -9.04 52.68 -33.96
N ILE G 172 -7.92 51.96 -33.94
CA ILE G 172 -7.48 51.18 -35.08
C ILE G 172 -7.41 49.71 -34.67
N ARG G 173 -7.86 48.85 -35.58
CA ARG G 173 -7.80 47.42 -35.39
C ARG G 173 -7.08 46.81 -36.58
N SER G 174 -5.94 46.17 -36.32
CA SER G 174 -5.07 45.65 -37.35
C SER G 174 -4.95 44.13 -37.28
N TYR G 175 -4.51 43.51 -38.36
CA TYR G 175 -4.40 42.05 -38.42
C TYR G 175 -3.09 41.61 -39.01
N VAL G 176 -2.37 40.76 -38.30
CA VAL G 176 -1.13 40.18 -38.79
C VAL G 176 -1.18 38.68 -38.56
N ILE G 177 -0.97 37.92 -39.62
CA ILE G 177 -0.98 36.46 -39.54
C ILE G 177 0.36 35.95 -40.04
N GLY G 178 1.04 35.17 -39.20
CA GLY G 178 2.35 34.62 -39.55
C GLY G 178 3.36 35.67 -39.97
N GLY G 179 3.24 36.87 -39.41
CA GLY G 179 4.16 37.95 -39.73
C GLY G 179 3.72 38.83 -40.89
N GLU G 180 2.67 38.44 -41.62
CA GLU G 180 2.17 39.22 -42.73
C GLU G 180 0.99 40.12 -42.33
N PHE G 181 1.10 41.41 -42.63
CA PHE G 181 -0.02 42.34 -42.48
C PHE G 181 -1.11 41.99 -43.48
N VAL G 182 -2.32 41.70 -43.01
CA VAL G 182 -3.43 41.37 -43.91
C VAL G 182 -4.46 42.51 -44.07
N GLY G 183 -4.55 43.40 -43.09
CA GLY G 183 -5.39 44.59 -43.23
C GLY G 183 -5.69 45.29 -41.92
N ALA G 184 -6.31 46.47 -42.01
CA ALA G 184 -6.65 47.25 -40.82
C ALA G 184 -7.87 48.14 -41.06
N ILE G 185 -8.60 48.42 -39.97
CA ILE G 185 -9.78 49.28 -40.02
C ILE G 185 -9.77 50.32 -38.91
N TYR G 186 -10.52 51.39 -39.11
CA TYR G 186 -10.84 52.32 -38.05
C TYR G 186 -12.15 51.84 -37.44
N ARG G 187 -12.31 51.96 -36.11
CA ARG G 187 -13.59 51.71 -35.45
C ARG G 187 -14.05 53.01 -34.83
N TYR G 188 -15.14 53.57 -35.35
CA TYR G 188 -15.64 54.87 -34.91
C TYR G 188 -16.69 54.71 -33.83
N SER G 189 -16.67 55.62 -32.86
CA SER G 189 -17.65 55.65 -31.78
C SER G 189 -17.73 57.07 -31.20
N ASN G 190 -18.90 57.47 -30.74
CA ASN G 190 -19.01 58.76 -30.03
C ASN G 190 -18.80 58.61 -28.52
N HIS G 191 -18.46 57.40 -28.10
CA HIS G 191 -18.06 57.10 -26.72
C HIS G 191 -16.61 56.65 -26.81
N TRP G 192 -15.85 56.88 -25.76
CA TRP G 192 -14.40 56.53 -25.75
C TRP G 192 -14.11 55.02 -25.92
N ILE G 193 -15.09 54.17 -25.63
CA ILE G 193 -14.96 52.72 -25.86
C ILE G 193 -15.51 52.39 -27.26
N THR G 194 -14.63 52.00 -28.17
CA THR G 194 -14.94 51.96 -29.60
C THR G 194 -15.28 50.59 -30.21
N ASN G 195 -15.36 49.53 -29.40
CA ASN G 195 -15.53 48.17 -29.95
C ASN G 195 -16.74 48.06 -30.88
N THR G 196 -16.61 47.25 -31.95
CA THR G 196 -17.75 46.97 -32.85
C THR G 196 -18.79 46.09 -32.17
N ALA G 197 -18.37 45.33 -31.16
CA ALA G 197 -19.30 44.61 -30.29
C ALA G 197 -20.07 45.56 -29.35
N ARG G 198 -19.62 46.82 -29.25
CA ARG G 198 -20.35 47.88 -28.52
C ARG G 198 -20.93 48.96 -29.46
N GLY G 199 -21.04 48.66 -30.75
CA GLY G 199 -21.67 49.57 -31.72
C GLY G 199 -20.72 50.39 -32.58
N GLY G 200 -19.41 50.18 -32.43
CA GLY G 200 -18.42 50.87 -33.28
C GLY G 200 -18.60 50.55 -34.76
N LYS G 201 -18.53 51.57 -35.62
CA LYS G 201 -18.63 51.37 -37.07
C LYS G 201 -17.25 51.40 -37.71
N ALA G 202 -17.03 50.48 -38.66
CA ALA G 202 -15.72 50.27 -39.27
C ALA G 202 -15.61 50.88 -40.68
N GLU G 203 -14.49 51.54 -40.97
CA GLU G 203 -14.07 51.79 -42.35
C GLU G 203 -12.59 51.45 -42.52
N PRO G 204 -12.12 51.30 -43.78
CA PRO G 204 -10.76 50.81 -43.98
C PRO G 204 -9.69 51.79 -43.53
N CYS G 205 -8.54 51.26 -43.15
CA CYS G 205 -7.41 52.05 -42.72
C CYS G 205 -6.21 51.70 -43.57
N SER G 206 -5.71 52.68 -44.33
CA SER G 206 -4.55 52.53 -45.21
C SER G 206 -3.35 53.34 -44.72
N ASP G 207 -3.33 53.72 -43.45
CA ASP G 207 -2.20 54.44 -42.86
C ASP G 207 -0.95 53.56 -42.93
N PRO G 208 0.06 53.96 -43.72
CA PRO G 208 1.27 53.12 -43.87
C PRO G 208 1.97 52.85 -42.54
N GLU G 209 1.85 53.79 -41.61
CA GLU G 209 2.49 53.69 -40.31
C GLU G 209 1.90 52.57 -39.44
N VAL G 210 0.60 52.27 -39.58
CA VAL G 210 -0.02 51.22 -38.75
C VAL G 210 0.39 49.83 -39.23
N GLU G 211 0.56 49.66 -40.53
CA GLU G 211 1.08 48.39 -41.06
C GLU G 211 2.43 48.06 -40.43
N GLU G 212 3.32 49.04 -40.42
CA GLU G 212 4.65 48.90 -39.86
C GLU G 212 4.60 48.60 -38.35
N LEU G 213 3.84 49.41 -37.62
CA LEU G 213 3.69 49.20 -36.18
C LEU G 213 3.05 47.84 -35.85
N SER G 214 2.09 47.38 -36.67
CA SER G 214 1.40 46.12 -36.45
C SER G 214 2.32 44.93 -36.57
N VAL G 215 3.19 44.96 -37.55
CA VAL G 215 4.13 43.86 -37.78
C VAL G 215 5.11 43.80 -36.62
N LYS G 216 5.63 44.96 -36.20
CA LYS G 216 6.48 45.04 -35.02
C LYS G 216 5.79 44.46 -33.77
N ALA G 217 4.54 44.86 -33.55
CA ALA G 217 3.77 44.34 -32.41
C ALA G 217 3.64 42.82 -32.47
N TRP G 218 3.36 42.28 -33.66
CA TRP G 218 3.31 40.83 -33.89
C TRP G 218 4.63 40.18 -33.56
N GLU G 219 5.72 40.80 -34.03
CA GLU G 219 7.08 40.25 -33.86
C GLU G 219 7.48 40.14 -32.40
N ALA G 220 6.89 40.96 -31.54
CA ALA G 220 7.10 40.85 -30.10
C ALA G 220 6.68 39.48 -29.55
N PHE G 221 5.76 38.80 -30.26
CA PHE G 221 5.32 37.45 -29.91
C PHE G 221 5.91 36.37 -30.80
N GLY G 222 6.05 36.64 -32.10
CA GLY G 222 6.82 35.78 -32.99
C GLY G 222 6.07 34.57 -33.55
N GLU G 223 4.77 34.53 -33.39
CA GLU G 223 4.00 33.42 -33.95
C GLU G 223 2.52 33.78 -34.09
N GLY G 224 1.82 33.00 -34.90
CA GLY G 224 0.37 32.95 -34.84
C GLY G 224 -0.37 34.04 -35.60
N ALA G 225 -1.62 34.24 -35.19
CA ALA G 225 -2.54 35.11 -35.88
C ALA G 225 -3.08 36.06 -34.83
N LEU G 226 -2.85 37.35 -35.01
CA LEU G 226 -3.17 38.33 -33.98
C LEU G 226 -3.94 39.50 -34.55
N ALA G 227 -5.04 39.83 -33.87
CA ALA G 227 -5.70 41.11 -34.04
C ALA G 227 -5.02 42.09 -33.09
N ILE G 228 -4.71 43.28 -33.59
CA ILE G 228 -3.94 44.28 -32.87
C ILE G 228 -4.77 45.54 -32.76
N ASP G 229 -4.74 46.15 -31.58
CA ASP G 229 -5.51 47.35 -31.25
C ASP G 229 -4.57 48.52 -31.06
N ILE G 230 -4.73 49.56 -31.89
CA ILE G 230 -3.82 50.70 -31.88
C ILE G 230 -4.59 52.00 -31.62
N PHE G 231 -4.01 52.89 -30.82
CA PHE G 231 -4.62 54.19 -30.53
C PHE G 231 -3.83 55.26 -31.26
N GLU G 232 -4.53 56.20 -31.91
CA GLU G 232 -3.89 57.44 -32.35
C GLU G 232 -3.85 58.33 -31.14
N SER G 233 -2.74 59.02 -30.93
CA SER G 233 -2.59 59.89 -29.76
C SER G 233 -1.80 61.14 -30.11
N GLU G 234 -1.68 62.01 -29.12
CA GLU G 234 -0.79 63.20 -29.17
C GLU G 234 0.66 62.84 -29.50
N LYS G 235 1.11 61.68 -29.03
CA LYS G 235 2.49 61.25 -29.20
C LYS G 235 2.59 60.11 -30.20
N GLY G 236 1.66 60.06 -31.15
CA GLY G 236 1.70 59.11 -32.25
C GLY G 236 0.95 57.85 -31.92
N LEU G 237 1.15 56.84 -32.75
CA LEU G 237 0.47 55.55 -32.62
C LEU G 237 0.94 54.77 -31.41
N LEU G 238 -0.01 54.16 -30.70
CA LEU G 238 0.28 53.37 -29.51
C LEU G 238 -0.43 52.04 -29.60
N VAL G 239 0.27 50.97 -29.26
CA VAL G 239 -0.31 49.65 -29.27
C VAL G 239 -0.93 49.41 -27.91
N ASN G 240 -2.25 49.23 -27.90
CA ASN G 240 -3.00 49.02 -26.68
C ASN G 240 -2.98 47.56 -26.27
N GLU G 241 -3.35 46.69 -27.19
CA GLU G 241 -3.46 45.28 -26.89
C GLU G 241 -3.46 44.44 -28.15
N VAL G 242 -3.48 43.14 -27.91
CA VAL G 242 -3.31 42.14 -28.92
C VAL G 242 -4.33 41.05 -28.57
N ASN G 243 -4.88 40.38 -29.58
CA ASN G 243 -6.05 39.51 -29.42
C ASN G 243 -5.81 38.20 -30.19
N PRO G 244 -5.61 37.09 -29.47
CA PRO G 244 -5.33 35.79 -30.12
C PRO G 244 -6.56 34.97 -30.56
N ASN G 245 -7.76 35.53 -30.44
CA ASN G 245 -8.93 34.90 -31.04
C ASN G 245 -9.70 35.92 -31.86
N MET G 246 -9.02 36.43 -32.88
CA MET G 246 -9.56 37.50 -33.72
C MET G 246 -10.99 37.27 -34.24
N GLU G 247 -11.86 38.23 -34.01
CA GLU G 247 -13.05 38.37 -34.84
C GLU G 247 -12.66 39.25 -36.01
N PHE G 248 -13.31 39.07 -37.16
CA PHE G 248 -12.91 39.79 -38.36
C PHE G 248 -13.96 40.01 -39.45
N LYS G 249 -15.21 39.62 -39.19
CA LYS G 249 -16.25 39.67 -40.23
C LYS G 249 -16.43 41.06 -40.82
N ASN G 250 -16.50 42.08 -39.96
CA ASN G 250 -16.63 43.47 -40.45
C ASN G 250 -15.34 43.96 -41.03
N ALA G 251 -14.22 43.48 -40.48
CA ALA G 251 -12.90 43.86 -40.98
C ALA G 251 -12.71 43.34 -42.40
N ALA G 252 -13.01 42.06 -42.62
CA ALA G 252 -12.90 41.44 -43.95
C ALA G 252 -13.85 42.07 -44.98
N ARG G 253 -15.07 42.39 -44.56
CA ARG G 253 -16.04 43.05 -45.44
C ARG G 253 -15.56 44.45 -45.86
N VAL G 254 -15.20 45.25 -44.87
CA VAL G 254 -14.77 46.64 -45.07
C VAL G 254 -13.50 46.74 -45.94
N THR G 255 -12.53 45.87 -45.68
CA THR G 255 -11.22 45.95 -46.33
C THR G 255 -11.15 45.12 -47.60
N GLY G 256 -12.05 44.16 -47.74
CA GLY G 256 -11.95 43.14 -48.78
C GLY G 256 -10.81 42.14 -48.59
N ALA G 257 -10.16 42.13 -47.42
CA ALA G 257 -9.06 41.20 -47.17
C ALA G 257 -9.63 39.85 -46.75
N ASP G 258 -9.01 38.77 -47.21
CA ASP G 258 -9.46 37.43 -46.88
C ASP G 258 -8.80 36.94 -45.59
N MET G 259 -9.31 37.41 -44.46
CA MET G 259 -8.72 37.07 -43.17
C MET G 259 -8.82 35.56 -42.92
N ALA G 260 -9.96 34.99 -43.25
CA ALA G 260 -10.23 33.57 -43.02
C ALA G 260 -9.32 32.68 -43.87
N GLY G 261 -9.10 33.09 -45.11
CA GLY G 261 -8.21 32.36 -46.02
C GLY G 261 -6.77 32.39 -45.54
N LYS G 262 -6.30 33.56 -45.11
CA LYS G 262 -4.93 33.72 -44.60
C LYS G 262 -4.71 32.92 -43.31
N LEU G 263 -5.70 32.93 -42.43
CA LEU G 263 -5.64 32.13 -41.21
C LEU G 263 -5.54 30.62 -41.52
N VAL G 264 -6.35 30.16 -42.46
CA VAL G 264 -6.32 28.74 -42.84
C VAL G 264 -4.97 28.36 -43.48
N GLU G 265 -4.47 29.23 -44.35
CA GLU G 265 -3.18 28.99 -45.00
C GLU G 265 -2.07 28.85 -43.99
N TYR G 266 -2.10 29.72 -42.97
CA TYR G 266 -1.10 29.67 -41.92
C TYR G 266 -1.22 28.34 -41.15
N ALA G 267 -2.45 27.92 -40.87
CA ALA G 267 -2.68 26.64 -40.23
C ALA G 267 -2.18 25.44 -41.06
N VAL G 268 -2.34 25.47 -42.39
CA VAL G 268 -1.85 24.31 -43.19
C VAL G 268 -0.32 24.28 -43.15
N GLU G 269 0.30 25.46 -43.13
CA GLU G 269 1.76 25.54 -43.00
C GLU G 269 2.23 25.01 -41.64
N VAL G 270 1.56 25.32 -40.54
CA VAL G 270 1.98 24.72 -39.28
C VAL G 270 1.72 23.21 -39.28
N ALA G 271 0.64 22.76 -39.94
CA ALA G 271 0.37 21.33 -40.11
C ALA G 271 1.55 20.61 -40.77
N LYS G 272 2.11 21.23 -41.82
CA LYS G 272 3.31 20.74 -42.48
C LYS G 272 4.57 20.99 -41.63
N THR G 273 4.37 21.17 -40.32
CA THR G 273 5.40 21.46 -39.32
C THR G 273 6.17 22.74 -39.59
N MET H 1 24.29 40.13 -0.91
CA MET H 1 23.05 39.40 -1.28
C MET H 1 21.89 40.17 -0.69
N ARG H 2 20.94 40.53 -1.54
CA ARG H 2 19.75 41.28 -1.14
C ARG H 2 18.49 40.52 -1.58
N ILE H 3 17.69 40.06 -0.61
CA ILE H 3 16.61 39.14 -0.86
C ILE H 3 15.25 39.74 -0.51
N GLY H 4 14.39 39.80 -1.52
CA GLY H 4 13.01 40.24 -1.34
C GLY H 4 12.12 39.08 -1.00
N ILE H 5 11.16 39.33 -0.11
CA ILE H 5 10.10 38.39 0.20
C ILE H 5 8.76 39.11 0.02
N THR H 6 7.94 38.64 -0.91
CA THR H 6 6.59 39.17 -1.10
C THR H 6 5.60 38.37 -0.29
N TYR H 7 4.70 39.07 0.41
CA TYR H 7 3.75 38.43 1.31
C TYR H 7 2.44 39.22 1.41
N THR H 8 1.42 38.54 1.93
CA THR H 8 0.11 39.10 2.15
C THR H 8 -0.04 39.31 3.65
N VAL H 9 0.13 38.22 4.40
CA VAL H 9 0.25 38.26 5.86
C VAL H 9 1.51 37.50 6.24
N LEU H 10 2.12 37.88 7.35
CA LEU H 10 3.30 37.19 7.86
C LEU H 10 2.90 35.93 8.61
N ARG H 11 2.77 34.82 7.89
CA ARG H 11 2.51 33.52 8.53
C ARG H 11 3.81 33.02 9.17
N ARG H 12 3.71 31.92 9.89
CA ARG H 12 4.90 31.27 10.47
C ARG H 12 5.94 31.06 9.37
N GLU H 13 5.48 30.57 8.23
CA GLU H 13 6.27 30.39 7.02
C GLU H 13 7.17 31.59 6.74
N GLU H 14 6.54 32.76 6.64
CA GLU H 14 7.22 33.96 6.18
C GLU H 14 8.21 34.49 7.20
N MET H 15 7.89 34.36 8.49
CA MET H 15 8.82 34.73 9.56
C MET H 15 10.06 33.86 9.53
N ALA H 16 9.89 32.56 9.31
CA ALA H 16 11.03 31.64 9.24
C ALA H 16 11.85 31.94 7.98
N ILE H 17 11.18 32.18 6.86
CA ILE H 17 11.88 32.54 5.62
C ILE H 17 12.67 33.83 5.81
N LYS H 18 12.11 34.80 6.52
CA LYS H 18 12.81 36.06 6.72
C LYS H 18 14.08 35.86 7.56
N GLU H 19 13.96 35.17 8.69
CA GLU H 19 15.13 34.84 9.52
C GLU H 19 16.23 34.17 8.71
N ARG H 20 15.88 33.16 7.93
CA ARG H 20 16.86 32.41 7.14
C ARG H 20 17.49 33.30 6.07
N ALA H 21 16.70 34.13 5.41
CA ALA H 21 17.23 35.09 4.44
C ALA H 21 18.21 36.07 5.08
N GLY H 22 17.93 36.42 6.35
CA GLY H 22 18.78 37.35 7.06
C GLY H 22 20.14 36.78 7.39
N GLU H 23 20.26 35.45 7.42
CA GLU H 23 21.55 34.79 7.62
C GLU H 23 22.46 34.93 6.38
N PHE H 24 21.86 35.10 5.20
CA PHE H 24 22.61 35.21 3.94
C PHE H 24 22.99 36.65 3.62
N GLY H 25 22.13 37.59 3.98
CA GLY H 25 22.34 38.97 3.57
C GLY H 25 21.20 39.85 4.01
N GLU H 26 20.90 40.85 3.21
CA GLU H 26 19.91 41.87 3.52
C GLU H 26 18.54 41.38 3.10
N VAL H 27 17.53 41.61 3.94
CA VAL H 27 16.17 41.19 3.63
C VAL H 27 15.29 42.40 3.39
N VAL H 28 14.47 42.33 2.35
CA VAL H 28 13.47 43.36 2.07
C VAL H 28 12.08 42.72 2.07
N MET H 29 11.30 43.02 3.10
CA MET H 29 9.96 42.48 3.24
C MET H 29 9.02 43.35 2.41
N LEU H 30 8.37 42.74 1.42
CA LEU H 30 7.53 43.47 0.47
C LEU H 30 6.08 43.04 0.62
N HIS H 31 5.30 43.85 1.32
CA HIS H 31 3.88 43.61 1.38
C HIS H 31 3.32 43.95 0.00
N GLU H 32 2.14 43.45 -0.31
CA GLU H 32 1.52 43.71 -1.61
C GLU H 32 1.33 45.21 -1.87
N ASP H 33 1.13 45.99 -0.80
CA ASP H 33 1.05 47.46 -0.88
C ASP H 33 2.32 48.10 -1.44
N ASP H 34 3.46 47.42 -1.29
CA ASP H 34 4.76 47.91 -1.81
C ASP H 34 5.03 47.47 -3.26
N LEU H 35 4.09 46.75 -3.88
CA LEU H 35 4.28 46.22 -5.23
C LEU H 35 3.61 47.12 -6.26
N LEU H 36 4.42 47.81 -7.03
CA LEU H 36 3.94 48.73 -8.04
C LEU H 36 4.90 48.67 -9.23
N PHE H 37 4.37 48.36 -10.41
CA PHE H 37 5.21 48.17 -11.60
C PHE H 37 4.69 49.00 -12.78
N PRO H 38 5.58 49.43 -13.70
CA PRO H 38 7.03 49.40 -13.59
C PRO H 38 7.50 50.18 -12.37
N GLY H 39 8.59 49.72 -11.76
CA GLY H 39 9.20 50.41 -10.62
C GLY H 39 10.68 50.08 -10.51
N ASN H 40 11.33 50.71 -9.54
CA ASN H 40 12.76 50.53 -9.31
C ASN H 40 12.98 49.66 -8.08
N TYR H 41 13.41 48.42 -8.28
CA TYR H 41 13.69 47.53 -7.17
C TYR H 41 15.15 47.11 -7.21
N ASP H 42 15.82 47.17 -6.06
CA ASP H 42 17.24 46.78 -5.95
C ASP H 42 17.32 45.46 -5.17
N LEU H 43 17.26 44.37 -5.92
CA LEU H 43 17.08 43.06 -5.34
C LEU H 43 17.79 42.05 -6.22
N ASP H 44 18.42 41.05 -5.60
CA ASP H 44 19.08 40.00 -6.35
C ASP H 44 18.15 38.84 -6.65
N VAL H 45 17.17 38.61 -5.78
CA VAL H 45 16.19 37.53 -5.97
C VAL H 45 14.98 37.87 -5.12
N VAL H 46 13.81 37.38 -5.52
CA VAL H 46 12.58 37.56 -4.76
C VAL H 46 11.93 36.20 -4.49
N ILE H 47 11.61 35.96 -3.22
CA ILE H 47 10.94 34.76 -2.80
C ILE H 47 9.45 35.08 -2.71
N ILE H 48 8.66 34.38 -3.51
CA ILE H 48 7.27 34.71 -3.73
C ILE H 48 6.36 33.97 -2.73
N ARG H 49 5.76 34.70 -1.79
CA ARG H 49 4.93 34.07 -0.76
C ARG H 49 3.53 34.66 -0.64
N ASN H 50 3.01 35.24 -1.71
CA ASN H 50 1.68 35.86 -1.65
C ASN H 50 0.70 34.71 -1.42
N VAL H 51 -0.29 34.91 -0.53
CA VAL H 51 -1.32 33.89 -0.26
C VAL H 51 -2.18 33.56 -1.49
N SER H 52 -2.61 34.58 -2.24
CA SER H 52 -3.36 34.35 -3.48
C SER H 52 -2.46 33.78 -4.56
N HIS H 53 -2.87 32.67 -5.16
CA HIS H 53 -2.10 32.02 -6.24
C HIS H 53 -1.90 32.94 -7.44
N PHE H 54 -2.96 33.61 -7.85
CA PHE H 54 -2.89 34.51 -8.98
C PHE H 54 -2.06 35.74 -8.68
N LYS H 55 -2.14 36.25 -7.45
CA LYS H 55 -1.26 37.35 -7.09
C LYS H 55 0.20 36.89 -7.06
N ALA H 56 0.48 35.68 -6.60
CA ALA H 56 1.83 35.11 -6.68
C ALA H 56 2.30 35.06 -8.13
N LEU H 57 1.45 34.54 -9.00
CA LEU H 57 1.78 34.39 -10.41
C LEU H 57 2.19 35.72 -11.07
N TYR H 58 1.34 36.73 -10.92
CA TYR H 58 1.60 38.04 -11.55
C TYR H 58 2.75 38.79 -10.90
N THR H 59 2.95 38.67 -9.58
CA THR H 59 4.08 39.38 -8.98
C THR H 59 5.41 38.76 -9.39
N ALA H 60 5.46 37.43 -9.53
CA ALA H 60 6.64 36.79 -10.10
C ALA H 60 6.91 37.30 -11.51
N ARG H 61 5.88 37.35 -12.36
CA ARG H 61 6.07 37.78 -13.75
C ARG H 61 6.56 39.23 -13.82
N LEU H 62 6.00 40.07 -12.96
CA LEU H 62 6.40 41.48 -12.88
C LEU H 62 7.85 41.67 -12.41
N PHE H 63 8.28 40.95 -11.38
CA PHE H 63 9.69 41.03 -11.00
C PHE H 63 10.59 40.51 -12.12
N GLU H 64 10.17 39.43 -12.78
CA GLU H 64 10.91 38.96 -13.95
C GLU H 64 11.07 40.06 -14.98
N SER H 65 10.02 40.84 -15.22
CA SER H 65 10.08 41.93 -16.18
C SER H 65 11.08 43.03 -15.80
N GLU H 66 11.36 43.18 -14.50
CA GLU H 66 12.41 44.06 -14.01
C GLU H 66 13.78 43.37 -13.93
N GLY H 67 13.92 42.19 -14.51
CA GLY H 67 15.20 41.48 -14.55
C GLY H 67 15.58 40.86 -13.21
N ILE H 68 14.60 40.62 -12.35
CA ILE H 68 14.88 40.07 -11.02
C ILE H 68 14.35 38.64 -10.98
N PRO H 69 15.23 37.68 -10.68
CA PRO H 69 14.74 36.31 -10.68
C PRO H 69 13.85 36.05 -9.48
N THR H 70 13.03 35.02 -9.60
CA THR H 70 11.95 34.82 -8.68
C THR H 70 11.86 33.32 -8.32
N VAL H 71 11.64 33.03 -7.04
CA VAL H 71 11.36 31.68 -6.58
C VAL H 71 9.99 31.62 -5.88
N ASN H 72 9.00 30.93 -6.45
CA ASN H 72 9.11 30.26 -7.74
C ASN H 72 8.94 31.22 -8.92
N SER H 73 9.29 30.73 -10.11
CA SER H 73 9.14 31.47 -11.34
C SER H 73 7.67 31.59 -11.74
N SER H 74 7.37 32.55 -12.60
CA SER H 74 5.98 32.70 -13.03
C SER H 74 5.57 31.46 -13.83
N ARG H 75 6.48 30.93 -14.63
CA ARG H 75 6.19 29.74 -15.43
C ARG H 75 5.81 28.58 -14.50
N LEU H 76 6.61 28.33 -13.48
CA LEU H 76 6.33 27.21 -12.56
C LEU H 76 5.06 27.42 -11.77
N ILE H 77 4.83 28.66 -11.34
CA ILE H 77 3.64 28.96 -10.58
C ILE H 77 2.40 28.69 -11.45
N PHE H 78 2.44 29.07 -12.72
CA PHE H 78 1.30 28.74 -13.58
C PHE H 78 1.18 27.24 -13.90
N GLU H 79 2.28 26.62 -14.35
CA GLU H 79 2.23 25.20 -14.76
C GLU H 79 1.90 24.27 -13.60
N ALA H 80 2.50 24.47 -12.44
CA ALA H 80 2.29 23.58 -11.31
C ALA H 80 1.01 23.94 -10.56
N GLY H 81 0.66 25.21 -10.53
CA GLY H 81 -0.55 25.67 -9.89
C GLY H 81 -1.85 25.38 -10.60
N ASP H 82 -1.81 25.06 -11.88
CA ASP H 82 -3.02 24.60 -12.58
C ASP H 82 -3.03 23.08 -12.58
N LYS H 83 -4.11 22.47 -12.07
CA LYS H 83 -4.19 21.02 -11.99
C LYS H 83 -4.15 20.33 -13.34
N LEU H 84 -4.74 20.93 -14.37
CA LEU H 84 -4.73 20.30 -15.67
C LEU H 84 -3.34 20.41 -16.33
N PHE H 85 -2.78 21.61 -16.37
CA PHE H 85 -1.45 21.80 -16.90
C PHE H 85 -0.44 20.93 -16.12
N ALA H 86 -0.59 20.86 -14.81
CA ALA H 86 0.32 20.08 -13.98
C ALA H 86 0.19 18.59 -14.22
N THR H 87 -1.03 18.03 -14.31
CA THR H 87 -1.11 16.60 -14.59
C THR H 87 -0.60 16.24 -16.00
N LEU H 88 -0.81 17.12 -16.99
CA LEU H 88 -0.27 16.92 -18.34
C LEU H 88 1.27 16.83 -18.32
N ARG H 89 1.90 17.69 -17.51
CA ARG H 89 3.33 17.64 -17.31
C ARG H 89 3.75 16.36 -16.52
N LEU H 90 2.98 15.98 -15.51
CA LEU H 90 3.28 14.76 -14.72
C LEU H 90 3.09 13.45 -15.49
N ALA H 91 2.02 13.35 -16.29
CA ALA H 91 1.60 12.09 -16.93
C ALA H 91 2.66 11.42 -17.81
N GLY H 92 3.53 12.20 -18.43
CA GLY H 92 4.67 11.58 -19.11
C GLY H 92 5.48 10.73 -18.14
N LYS H 93 5.73 11.28 -16.96
CA LYS H 93 6.88 10.93 -16.16
C LYS H 93 6.61 10.10 -14.90
N VAL H 94 5.44 10.24 -14.29
CA VAL H 94 5.14 9.53 -13.03
C VAL H 94 3.71 9.01 -13.08
N PRO H 95 3.40 7.98 -12.28
CA PRO H 95 2.03 7.49 -12.21
C PRO H 95 1.09 8.55 -11.64
N VAL H 96 -0.08 8.73 -12.27
CA VAL H 96 -1.08 9.69 -11.79
C VAL H 96 -2.43 8.99 -11.76
N PRO H 97 -3.37 9.49 -10.94
CA PRO H 97 -4.71 8.95 -11.01
C PRO H 97 -5.26 9.13 -12.41
N GLU H 98 -6.06 8.18 -12.88
CA GLU H 98 -6.81 8.34 -14.12
C GLU H 98 -7.63 9.61 -14.05
N TRP H 99 -7.64 10.34 -15.15
CA TRP H 99 -8.22 11.66 -15.19
C TRP H 99 -8.88 11.93 -16.53
N LYS H 100 -9.76 12.91 -16.54
CA LYS H 100 -10.44 13.31 -17.75
C LYS H 100 -10.67 14.82 -17.70
N ALA H 101 -10.64 15.48 -18.85
CA ALA H 101 -10.97 16.90 -18.91
C ALA H 101 -11.97 17.15 -20.01
N ALA H 102 -13.01 17.93 -19.71
CA ALA H 102 -13.99 18.32 -20.73
C ALA H 102 -14.12 19.86 -20.76
N LEU H 103 -14.58 20.37 -21.90
CA LEU H 103 -14.69 21.80 -22.13
C LEU H 103 -16.12 22.31 -22.07
N SER H 104 -17.06 21.43 -21.73
CA SER H 104 -18.47 21.81 -21.65
C SER H 104 -19.22 20.82 -20.76
N GLU H 105 -20.42 21.20 -20.36
CA GLU H 105 -21.28 20.34 -19.54
C GLU H 105 -21.61 19.06 -20.29
N GLY H 106 -21.90 19.16 -21.58
CA GLY H 106 -22.23 18.00 -22.40
C GLY H 106 -21.09 17.00 -22.49
N GLY H 107 -19.87 17.50 -22.67
CA GLY H 107 -18.71 16.63 -22.66
C GLY H 107 -18.46 16.01 -21.29
N ALA H 108 -18.66 16.81 -20.25
CA ALA H 108 -18.43 16.37 -18.87
C ALA H 108 -19.32 15.18 -18.53
N LEU H 109 -20.55 15.20 -19.04
CA LEU H 109 -21.51 14.09 -18.87
C LEU H 109 -21.03 12.74 -19.42
N ARG H 110 -20.05 12.75 -20.33
CA ARG H 110 -19.48 11.52 -20.84
C ARG H 110 -18.30 10.98 -19.99
N VAL H 111 -17.81 11.77 -19.05
CA VAL H 111 -16.63 11.38 -18.27
C VAL H 111 -16.82 10.05 -17.51
N PRO H 112 -18.02 9.82 -16.92
CA PRO H 112 -18.21 8.55 -16.25
C PRO H 112 -18.03 7.31 -17.13
N ASP H 113 -18.26 7.45 -18.43
CA ASP H 113 -18.05 6.34 -19.37
C ASP H 113 -16.60 5.87 -19.38
N SER H 114 -15.65 6.77 -19.15
CA SER H 114 -14.22 6.43 -19.06
C SER H 114 -13.82 6.10 -17.62
N LEU H 115 -14.17 6.98 -16.68
CA LEU H 115 -13.65 6.91 -15.32
C LEU H 115 -14.44 5.98 -14.42
N GLY H 116 -15.74 5.90 -14.66
CA GLY H 116 -16.64 5.19 -13.76
C GLY H 116 -16.90 5.99 -12.49
N TYR H 117 -17.78 5.45 -11.65
CA TYR H 117 -18.16 6.04 -10.38
C TYR H 117 -17.55 5.21 -9.26
N PRO H 118 -17.15 5.85 -8.15
CA PRO H 118 -17.19 7.29 -7.91
C PRO H 118 -16.03 8.00 -8.56
N LEU H 119 -16.22 9.29 -8.86
CA LEU H 119 -15.13 10.12 -9.34
C LEU H 119 -15.07 11.40 -8.53
N VAL H 120 -13.97 12.13 -8.71
CA VAL H 120 -13.72 13.37 -8.00
C VAL H 120 -13.72 14.50 -9.01
N SER H 121 -14.48 15.55 -8.69
CA SER H 121 -14.50 16.79 -9.45
C SER H 121 -13.79 17.83 -8.60
N LYS H 122 -12.94 18.62 -9.22
CA LYS H 122 -12.23 19.64 -8.49
C LYS H 122 -11.90 20.78 -9.45
N PRO H 123 -11.81 22.01 -8.93
CA PRO H 123 -11.46 23.08 -9.84
C PRO H 123 -9.97 23.03 -10.18
N VAL H 124 -9.65 23.62 -11.31
CA VAL H 124 -8.32 23.56 -11.88
C VAL H 124 -7.31 24.42 -11.08
N PHE H 125 -7.80 25.46 -10.40
CA PHE H 125 -6.93 26.45 -9.75
C PHE H 125 -7.00 26.46 -8.23
N GLY H 126 -7.74 25.52 -7.65
CA GLY H 126 -8.00 25.56 -6.22
C GLY H 126 -6.85 25.11 -5.35
N SER H 127 -7.02 25.36 -4.05
CA SER H 127 -6.12 24.89 -3.00
C SER H 127 -6.93 24.64 -1.72
N TRP H 128 -6.26 24.08 -0.70
CA TRP H 128 -6.86 23.82 0.63
C TRP H 128 -8.06 22.86 0.58
N GLY H 129 -8.15 22.07 -0.51
CA GLY H 129 -9.28 21.17 -0.70
C GLY H 129 -10.62 21.83 -0.92
N ARG H 130 -10.66 23.05 -1.44
CA ARG H 130 -11.96 23.73 -1.65
C ARG H 130 -12.63 23.29 -2.96
N LEU H 131 -13.97 23.16 -2.92
CA LEU H 131 -14.78 22.75 -4.07
C LEU H 131 -14.53 21.32 -4.60
N LEU H 132 -13.83 20.51 -3.84
CA LEU H 132 -13.71 19.09 -4.15
C LEU H 132 -15.06 18.41 -3.93
N ALA H 133 -15.43 17.54 -4.87
CA ALA H 133 -16.68 16.80 -4.76
C ALA H 133 -16.43 15.34 -5.14
N LYS H 134 -16.93 14.43 -4.29
CA LYS H 134 -16.93 13.01 -4.61
C LYS H 134 -18.29 12.71 -5.24
N VAL H 135 -18.26 12.35 -6.51
CA VAL H 135 -19.45 12.13 -7.31
C VAL H 135 -19.70 10.62 -7.48
N ASN H 136 -20.76 10.11 -6.87
CA ASN H 136 -21.04 8.67 -6.87
C ASN H 136 -22.01 8.21 -7.94
N ASP H 137 -22.67 9.14 -8.61
CA ASP H 137 -23.66 8.81 -9.63
C ASP H 137 -23.95 10.03 -10.51
N ARG H 138 -24.83 9.83 -11.49
CA ARG H 138 -25.14 10.85 -12.47
C ARG H 138 -25.85 12.06 -11.90
N ASP H 139 -26.74 11.82 -10.94
CA ASP H 139 -27.45 12.93 -10.30
C ASP H 139 -26.48 13.86 -9.62
N SER H 140 -25.48 13.28 -8.97
CA SER H 140 -24.47 14.09 -8.30
C SER H 140 -23.64 14.85 -9.31
N LEU H 141 -23.25 14.19 -10.40
CA LEU H 141 -22.49 14.82 -11.47
C LEU H 141 -23.26 16.04 -12.00
N GLU H 142 -24.54 15.85 -12.29
CA GLU H 142 -25.39 16.94 -12.79
C GLU H 142 -25.49 18.09 -11.80
N ALA H 143 -25.63 17.79 -10.52
CA ALA H 143 -25.67 18.84 -9.49
C ALA H 143 -24.37 19.65 -9.48
N VAL H 144 -23.22 18.98 -9.48
CA VAL H 144 -21.95 19.71 -9.48
C VAL H 144 -21.83 20.61 -10.71
N LEU H 145 -22.10 20.06 -11.89
CA LEU H 145 -22.04 20.84 -13.14
C LEU H 145 -23.01 22.02 -13.13
N GLU H 146 -24.23 21.83 -12.62
CA GLU H 146 -25.22 22.93 -12.51
C GLU H 146 -24.66 24.05 -11.64
N HIS H 147 -24.06 23.70 -10.50
CA HIS H 147 -23.52 24.72 -9.62
C HIS H 147 -22.29 25.40 -10.21
N ARG H 148 -21.39 24.63 -10.82
CA ARG H 148 -20.22 25.22 -11.52
C ARG H 148 -20.68 26.19 -12.60
N LYS H 149 -21.68 25.80 -13.37
CA LYS H 149 -22.24 26.67 -14.42
C LYS H 149 -22.67 28.05 -13.89
N TRP H 150 -23.33 28.10 -12.73
CA TRP H 150 -23.87 29.36 -12.19
C TRP H 150 -22.86 30.21 -11.41
N MET H 151 -21.65 29.71 -11.22
CA MET H 151 -20.59 30.50 -10.62
C MET H 151 -19.99 31.45 -11.65
N LYS H 152 -19.44 32.56 -11.18
CA LYS H 152 -18.92 33.60 -12.07
C LYS H 152 -17.78 33.09 -12.93
N ASN H 153 -16.80 32.47 -12.28
CA ASN H 153 -15.46 32.33 -12.81
C ASN H 153 -15.43 31.46 -14.09
N PRO H 154 -14.99 32.04 -15.23
CA PRO H 154 -14.88 31.21 -16.44
C PRO H 154 -13.93 30.00 -16.32
N LEU H 155 -13.00 30.02 -15.37
CA LEU H 155 -12.18 28.83 -15.10
C LEU H 155 -12.98 27.62 -14.59
N TYR H 156 -14.16 27.84 -14.02
CA TYR H 156 -15.03 26.72 -13.63
C TYR H 156 -15.63 26.00 -14.84
N GLY H 157 -15.47 26.57 -16.04
CA GLY H 157 -15.88 25.92 -17.29
C GLY H 157 -14.83 25.02 -17.94
N ILE H 158 -13.74 24.78 -17.22
CA ILE H 158 -12.79 23.74 -17.58
C ILE H 158 -13.11 22.63 -16.60
N HIS H 159 -13.58 21.50 -17.10
CA HIS H 159 -14.07 20.45 -16.22
C HIS H 159 -13.03 19.34 -16.09
N TYR H 160 -12.39 19.29 -14.94
CA TYR H 160 -11.31 18.34 -14.64
C TYR H 160 -11.79 17.30 -13.62
N PHE H 161 -11.58 16.01 -13.93
CA PHE H 161 -11.99 14.91 -13.06
C PHE H 161 -10.91 13.86 -12.92
N GLN H 162 -10.94 13.16 -11.79
CA GLN H 162 -10.11 12.00 -11.54
C GLN H 162 -10.98 10.86 -11.06
N GLU H 163 -10.51 9.63 -11.28
CA GLU H 163 -11.04 8.48 -10.54
C GLU H 163 -10.93 8.78 -9.05
N PHE H 164 -11.91 8.34 -8.27
CA PHE H 164 -11.78 8.41 -6.82
C PHE H 164 -10.84 7.30 -6.39
N VAL H 165 -9.77 7.66 -5.69
CA VAL H 165 -8.80 6.68 -5.21
C VAL H 165 -9.10 6.34 -3.76
N GLU H 166 -9.22 5.06 -3.47
CA GLU H 166 -9.39 4.60 -2.09
C GLU H 166 -8.06 4.68 -1.37
N LYS H 167 -7.89 5.71 -0.56
CA LYS H 167 -6.68 5.92 0.22
C LYS H 167 -6.85 5.29 1.59
N PRO H 168 -5.76 4.89 2.23
CA PRO H 168 -5.90 4.30 3.57
C PRO H 168 -6.07 5.36 4.68
N GLY H 169 -7.10 6.20 4.58
CA GLY H 169 -7.40 7.19 5.64
C GLY H 169 -6.41 8.34 5.76
N ARG H 170 -5.60 8.54 4.72
CA ARG H 170 -4.55 9.55 4.72
C ARG H 170 -4.06 9.78 3.28
N ASP H 171 -3.28 10.83 3.08
CA ASP H 171 -2.47 10.93 1.87
C ASP H 171 -1.09 11.43 2.27
N ILE H 172 -0.24 11.65 1.28
CA ILE H 172 1.14 12.02 1.54
C ILE H 172 1.47 13.38 0.92
N ARG H 173 2.25 14.15 1.66
CA ARG H 173 2.68 15.45 1.21
C ARG H 173 4.19 15.53 1.33
N SER H 174 4.82 15.79 0.19
CA SER H 174 6.26 15.71 0.02
C SER H 174 6.84 17.08 -0.40
N TYR H 175 8.09 17.32 -0.04
CA TYR H 175 8.76 18.58 -0.36
C TYR H 175 10.07 18.33 -1.10
N VAL H 176 10.17 18.92 -2.29
CA VAL H 176 11.39 18.86 -3.10
C VAL H 176 11.76 20.28 -3.53
N ILE H 177 12.99 20.66 -3.21
CA ILE H 177 13.51 21.98 -3.49
C ILE H 177 14.81 21.83 -4.27
N GLY H 178 14.88 22.46 -5.44
CA GLY H 178 16.07 22.41 -6.28
C GLY H 178 16.47 20.99 -6.67
N GLY H 179 15.52 20.07 -6.67
CA GLY H 179 15.81 18.67 -7.02
C GLY H 179 16.17 17.80 -5.82
N GLU H 180 16.25 18.41 -4.63
CA GLU H 180 16.62 17.73 -3.42
C GLU H 180 15.38 17.49 -2.58
N PHE H 181 15.15 16.22 -2.21
CA PHE H 181 14.06 15.87 -1.30
C PHE H 181 14.39 16.43 0.06
N VAL H 182 13.46 17.17 0.66
CA VAL H 182 13.70 17.74 1.97
C VAL H 182 12.84 17.12 3.07
N GLY H 183 11.74 16.46 2.73
CA GLY H 183 10.91 15.83 3.76
C GLY H 183 9.49 15.52 3.32
N ALA H 184 8.81 14.65 4.09
CA ALA H 184 7.45 14.23 3.77
C ALA H 184 6.68 13.94 5.05
N ILE H 185 5.37 14.07 4.96
CA ILE H 185 4.45 13.75 6.04
C ILE H 185 3.25 13.00 5.49
N TYR H 186 2.62 12.22 6.36
CA TYR H 186 1.27 11.73 6.13
C TYR H 186 0.29 12.77 6.65
N ARG H 187 -0.80 12.99 5.91
CA ARG H 187 -1.91 13.80 6.38
C ARG H 187 -3.12 12.90 6.61
N TYR H 188 -3.47 12.71 7.88
CA TYR H 188 -4.57 11.84 8.26
C TYR H 188 -5.85 12.64 8.45
N SER H 189 -6.97 11.98 8.18
CA SER H 189 -8.27 12.56 8.44
C SER H 189 -9.31 11.45 8.40
N ASN H 190 -10.44 11.68 9.06
CA ASN H 190 -11.57 10.76 8.98
C ASN H 190 -12.36 10.95 7.68
N HIS H 191 -12.14 12.07 7.00
CA HIS H 191 -12.79 12.40 5.75
C HIS H 191 -11.83 12.12 4.58
N TRP H 192 -12.38 11.83 3.41
CA TRP H 192 -11.57 11.54 2.22
C TRP H 192 -10.67 12.72 1.78
N ILE H 193 -11.10 13.94 2.12
CA ILE H 193 -10.32 15.15 1.89
C ILE H 193 -9.42 15.38 3.11
N THR H 194 -8.09 15.24 2.92
CA THR H 194 -7.14 15.17 4.03
C THR H 194 -6.33 16.44 4.33
N ASN H 195 -6.60 17.55 3.65
CA ASN H 195 -5.81 18.77 3.84
C ASN H 195 -5.67 19.19 5.30
N THR H 196 -4.45 19.57 5.71
CA THR H 196 -4.26 20.13 7.06
C THR H 196 -5.12 21.40 7.19
N ALA H 197 -5.23 22.15 6.09
CA ALA H 197 -6.14 23.32 6.02
C ALA H 197 -7.57 23.00 6.47
N ARG H 198 -8.03 21.76 6.26
CA ARG H 198 -9.36 21.33 6.74
C ARG H 198 -9.31 20.38 7.95
N GLY H 199 -8.22 20.46 8.72
CA GLY H 199 -8.08 19.68 9.95
C GLY H 199 -7.29 18.38 9.86
N GLY H 200 -6.62 18.16 8.72
CA GLY H 200 -5.73 17.00 8.58
C GLY H 200 -4.58 17.04 9.59
N LYS H 201 -4.21 15.87 10.11
CA LYS H 201 -3.14 15.79 11.11
C LYS H 201 -1.86 15.21 10.49
N ALA H 202 -0.73 15.84 10.80
CA ALA H 202 0.55 15.50 10.18
C ALA H 202 1.27 14.42 10.99
N GLU H 203 1.78 13.40 10.29
CA GLU H 203 2.75 12.48 10.89
C GLU H 203 3.95 12.38 9.95
N PRO H 204 5.16 12.18 10.49
CA PRO H 204 6.34 12.09 9.63
C PRO H 204 6.31 10.87 8.73
N CYS H 205 6.68 11.05 7.46
CA CYS H 205 6.77 9.96 6.50
C CYS H 205 8.21 9.75 6.01
N SER H 206 8.80 8.61 6.36
CA SER H 206 10.17 8.28 5.94
C SER H 206 10.22 7.22 4.82
N ASP H 207 9.11 6.98 4.15
CA ASP H 207 9.04 5.99 3.10
C ASP H 207 10.02 6.34 1.95
N PRO H 208 11.07 5.52 1.72
CA PRO H 208 12.00 5.82 0.60
C PRO H 208 11.38 5.88 -0.78
N GLU H 209 10.27 5.18 -1.00
CA GLU H 209 9.60 5.25 -2.30
C GLU H 209 8.94 6.61 -2.53
N VAL H 210 8.45 7.28 -1.48
CA VAL H 210 7.84 8.59 -1.71
C VAL H 210 8.92 9.61 -2.00
N GLU H 211 10.08 9.46 -1.36
CA GLU H 211 11.25 10.27 -1.70
C GLU H 211 11.62 10.12 -3.18
N GLU H 212 11.74 8.88 -3.66
CA GLU H 212 12.10 8.63 -5.04
C GLU H 212 11.05 9.19 -6.00
N LEU H 213 9.78 8.94 -5.74
CA LEU H 213 8.73 9.34 -6.63
C LEU H 213 8.60 10.87 -6.66
N SER H 214 8.80 11.49 -5.50
CA SER H 214 8.73 12.93 -5.36
C SER H 214 9.79 13.64 -6.16
N VAL H 215 11.01 13.11 -6.16
CA VAL H 215 12.10 13.72 -6.93
C VAL H 215 11.74 13.62 -8.41
N LYS H 216 11.29 12.45 -8.85
CA LYS H 216 10.87 12.27 -10.23
C LYS H 216 9.78 13.23 -10.63
N ALA H 217 8.79 13.41 -9.75
CA ALA H 217 7.70 14.35 -10.02
C ALA H 217 8.22 15.78 -10.14
N TRP H 218 9.15 16.16 -9.26
CA TRP H 218 9.80 17.48 -9.35
C TRP H 218 10.50 17.62 -10.72
N GLU H 219 11.16 16.55 -11.15
CA GLU H 219 11.92 16.54 -12.41
C GLU H 219 11.05 16.73 -13.64
N ALA H 220 9.75 16.46 -13.52
CA ALA H 220 8.82 16.74 -14.60
C ALA H 220 8.73 18.24 -14.87
N PHE H 221 8.95 19.06 -13.84
CA PHE H 221 8.98 20.52 -13.96
C PHE H 221 10.41 21.06 -14.09
N GLY H 222 11.33 20.48 -13.32
CA GLY H 222 12.76 20.76 -13.47
C GLY H 222 13.28 22.03 -12.81
N GLU H 223 12.46 22.65 -11.97
CA GLU H 223 12.88 23.84 -11.25
C GLU H 223 12.06 24.04 -10.00
N GLY H 224 12.55 24.92 -9.13
CA GLY H 224 11.75 25.48 -8.06
C GLY H 224 11.62 24.65 -6.80
N ALA H 225 10.73 25.14 -5.95
CA ALA H 225 10.41 24.55 -4.68
C ALA H 225 8.93 24.12 -4.74
N LEU H 226 8.68 22.81 -4.62
CA LEU H 226 7.34 22.25 -4.78
C LEU H 226 6.91 21.44 -3.58
N ALA H 227 5.65 21.58 -3.22
CA ALA H 227 5.00 20.64 -2.35
C ALA H 227 4.26 19.67 -3.25
N ILE H 228 4.44 18.39 -2.99
CA ILE H 228 3.94 17.34 -3.83
C ILE H 228 2.95 16.48 -3.05
N ASP H 229 1.80 16.19 -3.65
CA ASP H 229 0.72 15.40 -3.04
C ASP H 229 0.67 14.03 -3.70
N ILE H 230 0.80 12.99 -2.89
CA ILE H 230 0.85 11.61 -3.36
C ILE H 230 -0.26 10.77 -2.68
N PHE H 231 -0.90 9.90 -3.45
CA PHE H 231 -1.92 8.98 -2.92
C PHE H 231 -1.39 7.56 -2.90
N GLU H 232 -1.75 6.81 -1.87
CA GLU H 232 -1.47 5.38 -1.81
C GLU H 232 -2.71 4.69 -2.33
N SER H 233 -2.53 3.84 -3.35
CA SER H 233 -3.65 3.10 -3.94
C SER H 233 -3.30 1.62 -4.01
N GLU H 234 -4.28 0.81 -4.38
CA GLU H 234 -4.06 -0.60 -4.60
C GLU H 234 -3.15 -0.86 -5.82
N LYS H 235 -2.98 0.15 -6.68
CA LYS H 235 -2.00 0.12 -7.77
C LYS H 235 -0.63 0.69 -7.39
N GLY H 236 -0.46 1.13 -6.16
CA GLY H 236 0.77 1.79 -5.75
C GLY H 236 0.63 3.30 -5.68
N LEU H 237 1.79 3.97 -5.61
CA LEU H 237 1.81 5.41 -5.38
C LEU H 237 1.42 6.18 -6.63
N LEU H 238 0.58 7.19 -6.44
CA LEU H 238 0.12 8.05 -7.54
C LEU H 238 0.39 9.50 -7.15
N VAL H 239 0.95 10.28 -8.09
CA VAL H 239 1.14 11.71 -7.85
C VAL H 239 -0.13 12.44 -8.25
N ASN H 240 -0.71 13.17 -7.30
CA ASN H 240 -2.00 13.84 -7.53
C ASN H 240 -1.84 15.26 -8.04
N GLU H 241 -1.13 16.08 -7.27
CA GLU H 241 -0.86 17.45 -7.64
C GLU H 241 0.47 17.93 -7.09
N VAL H 242 0.83 19.12 -7.53
CA VAL H 242 2.06 19.77 -7.14
C VAL H 242 1.64 21.19 -6.79
N ASN H 243 2.29 21.78 -5.79
CA ASN H 243 1.91 23.07 -5.26
C ASN H 243 3.09 24.02 -5.23
N PRO H 244 3.01 25.14 -5.97
CA PRO H 244 4.15 26.08 -6.06
C PRO H 244 4.18 27.22 -5.04
N ASN H 245 3.22 27.34 -4.13
CA ASN H 245 3.42 28.24 -2.97
C ASN H 245 3.26 27.51 -1.65
N MET H 246 4.17 26.58 -1.41
CA MET H 246 4.07 25.60 -0.33
C MET H 246 3.84 26.18 1.05
N GLU H 247 2.85 25.65 1.75
CA GLU H 247 2.83 25.82 3.19
C GLU H 247 3.61 24.63 3.76
N PHE H 248 4.27 24.87 4.90
CA PHE H 248 5.08 23.85 5.53
C PHE H 248 5.15 23.89 7.07
N LYS H 249 4.48 24.84 7.72
CA LYS H 249 4.66 25.01 9.16
C LYS H 249 4.49 23.68 9.92
N ASN H 250 3.45 22.92 9.60
CA ASN H 250 3.21 21.65 10.27
C ASN H 250 4.17 20.58 9.83
N ALA H 251 4.44 20.53 8.54
CA ALA H 251 5.37 19.54 8.00
C ALA H 251 6.75 19.72 8.65
N ALA H 252 7.19 20.97 8.74
CA ALA H 252 8.49 21.29 9.34
C ALA H 252 8.52 20.89 10.81
N ARG H 253 7.45 21.23 11.53
CA ARG H 253 7.29 20.88 12.94
C ARG H 253 7.39 19.37 13.16
N VAL H 254 6.66 18.62 12.33
CA VAL H 254 6.53 17.18 12.49
C VAL H 254 7.79 16.42 12.03
N THR H 255 8.47 16.90 11.00
CA THR H 255 9.64 16.20 10.44
C THR H 255 10.99 16.69 10.99
N GLY H 256 11.03 17.90 11.52
CA GLY H 256 12.28 18.51 11.91
C GLY H 256 13.13 18.95 10.72
N ALA H 257 12.52 18.99 9.53
CA ALA H 257 13.24 19.40 8.33
C ALA H 257 13.13 20.92 8.19
N ASP H 258 14.18 21.54 7.66
CA ASP H 258 14.20 22.99 7.56
C ASP H 258 13.81 23.46 6.16
N MET H 259 12.50 23.46 5.90
CA MET H 259 11.94 23.84 4.62
C MET H 259 12.27 25.30 4.30
N ALA H 260 12.22 26.17 5.31
CA ALA H 260 12.51 27.58 5.11
C ALA H 260 13.96 27.80 4.70
N GLY H 261 14.88 27.16 5.42
CA GLY H 261 16.30 27.22 5.10
C GLY H 261 16.64 26.72 3.69
N LYS H 262 16.09 25.55 3.34
CA LYS H 262 16.35 24.99 2.02
C LYS H 262 15.78 25.91 0.95
N LEU H 263 14.60 26.46 1.18
CA LEU H 263 14.02 27.41 0.26
C LEU H 263 14.95 28.59 0.01
N VAL H 264 15.44 29.20 1.08
CA VAL H 264 16.30 30.37 0.96
C VAL H 264 17.64 30.03 0.31
N GLU H 265 18.20 28.89 0.69
CA GLU H 265 19.48 28.46 0.15
C GLU H 265 19.37 28.27 -1.35
N TYR H 266 18.23 27.74 -1.79
CA TYR H 266 17.96 27.59 -3.20
C TYR H 266 17.75 28.95 -3.89
N ALA H 267 17.02 29.87 -3.24
CA ALA H 267 16.84 31.20 -3.81
C ALA H 267 18.18 31.92 -4.03
N VAL H 268 19.12 31.83 -3.11
CA VAL H 268 20.37 32.58 -3.35
C VAL H 268 21.23 31.88 -4.42
N GLU H 269 21.17 30.56 -4.49
CA GLU H 269 21.76 29.83 -5.62
C GLU H 269 21.19 30.37 -6.95
N VAL H 270 19.88 30.54 -7.01
CA VAL H 270 19.16 31.09 -8.15
C VAL H 270 19.51 32.55 -8.45
N ALA H 271 19.84 33.31 -7.41
CA ALA H 271 20.14 34.74 -7.57
C ALA H 271 21.43 34.99 -8.34
N LYS H 272 22.44 34.17 -8.06
CA LYS H 272 23.81 34.39 -8.55
C LYS H 272 24.06 33.64 -9.85
N MET I 1 -40.21 30.79 32.09
CA MET I 1 -39.96 31.50 30.79
C MET I 1 -38.62 31.11 30.17
N ARG I 2 -38.60 30.95 28.84
CA ARG I 2 -37.40 30.56 28.11
C ARG I 2 -37.13 31.51 26.93
N ILE I 3 -35.97 32.18 26.99
CA ILE I 3 -35.61 33.17 25.99
C ILE I 3 -34.50 32.64 25.10
N GLY I 4 -34.78 32.58 23.80
CA GLY I 4 -33.80 32.12 22.81
C GLY I 4 -32.98 33.25 22.19
N ILE I 5 -31.72 32.97 21.92
CA ILE I 5 -30.82 33.91 21.23
C ILE I 5 -30.14 33.20 20.07
N THR I 6 -30.40 33.67 18.85
CA THR I 6 -29.79 33.09 17.65
C THR I 6 -28.58 33.91 17.28
N TYR I 7 -27.46 33.24 17.06
CA TYR I 7 -26.19 33.93 16.80
C TYR I 7 -25.33 33.19 15.80
N THR I 8 -24.39 33.91 15.21
CA THR I 8 -23.39 33.34 14.31
C THR I 8 -22.08 33.19 15.09
N VAL I 9 -21.61 34.29 15.65
CA VAL I 9 -20.50 34.29 16.59
C VAL I 9 -20.94 35.02 17.86
N LEU I 10 -20.23 34.78 18.96
CA LEU I 10 -20.54 35.44 20.22
C LEU I 10 -19.76 36.75 20.37
N ARG I 11 -20.24 37.82 19.76
CA ARG I 11 -19.62 39.14 19.90
C ARG I 11 -19.83 39.64 21.33
N ARG I 12 -19.29 40.83 21.62
CA ARG I 12 -19.49 41.44 22.94
C ARG I 12 -20.99 41.61 23.19
N GLU I 13 -21.70 42.12 22.19
CA GLU I 13 -23.14 42.33 22.30
C GLU I 13 -23.92 41.06 22.69
N GLU I 14 -23.62 39.93 22.06
CA GLU I 14 -24.36 38.69 22.35
C GLU I 14 -24.16 38.21 23.79
N MET I 15 -22.92 38.29 24.28
CA MET I 15 -22.61 37.93 25.65
C MET I 15 -23.35 38.81 26.68
N ALA I 16 -23.41 40.11 26.40
CA ALA I 16 -24.17 41.04 27.22
C ALA I 16 -25.66 40.67 27.24
N ILE I 17 -26.20 40.31 26.06
CA ILE I 17 -27.62 39.93 25.95
C ILE I 17 -27.95 38.64 26.71
N LYS I 18 -27.07 37.65 26.63
CA LYS I 18 -27.22 36.37 27.34
C LYS I 18 -27.33 36.54 28.87
N GLU I 19 -26.49 37.41 29.42
CA GLU I 19 -26.47 37.68 30.87
C GLU I 19 -27.75 38.41 31.31
N ARG I 20 -28.12 39.44 30.57
CA ARG I 20 -29.36 40.20 30.83
C ARG I 20 -30.62 39.33 30.73
N ALA I 21 -30.69 38.49 29.70
CA ALA I 21 -31.84 37.59 29.51
C ALA I 21 -31.96 36.58 30.65
N GLY I 22 -30.83 36.16 31.22
CA GLY I 22 -30.82 35.23 32.34
C GLY I 22 -31.47 35.76 33.61
N GLU I 23 -31.54 37.08 33.75
CA GLU I 23 -32.25 37.69 34.86
C GLU I 23 -33.77 37.48 34.75
N PHE I 24 -34.26 37.20 33.54
CA PHE I 24 -35.69 36.98 33.31
C PHE I 24 -36.11 35.51 33.25
N GLY I 25 -35.19 34.64 32.85
CA GLY I 25 -35.51 33.22 32.79
C GLY I 25 -34.40 32.38 32.18
N GLU I 26 -34.79 31.21 31.68
CA GLU I 26 -33.87 30.27 31.05
C GLU I 26 -33.43 30.81 29.68
N VAL I 27 -32.11 30.93 29.50
CA VAL I 27 -31.53 31.37 28.23
C VAL I 27 -31.05 30.15 27.44
N VAL I 28 -31.50 30.05 26.18
CA VAL I 28 -31.07 28.99 25.29
C VAL I 28 -30.28 29.62 24.14
N MET I 29 -29.00 29.28 24.02
CA MET I 29 -28.13 29.83 22.98
C MET I 29 -28.25 28.97 21.73
N LEU I 30 -28.70 29.57 20.64
CA LEU I 30 -28.98 28.84 19.42
C LEU I 30 -28.01 29.28 18.34
N HIS I 31 -26.95 28.52 18.15
CA HIS I 31 -26.07 28.74 17.03
C HIS I 31 -26.84 28.36 15.75
N GLU I 32 -26.40 28.86 14.62
CA GLU I 32 -27.07 28.54 13.36
C GLU I 32 -27.20 27.03 13.11
N ASP I 33 -26.21 26.25 13.59
CA ASP I 33 -26.24 24.79 13.48
C ASP I 33 -27.42 24.14 14.20
N ASP I 34 -27.96 24.80 15.23
CA ASP I 34 -29.10 24.32 15.98
C ASP I 34 -30.47 24.69 15.38
N LEU I 35 -30.46 25.38 14.23
CA LEU I 35 -31.70 25.87 13.61
C LEU I 35 -32.14 24.97 12.48
N LEU I 36 -33.18 24.20 12.74
CA LEU I 36 -33.72 23.25 11.79
C LEU I 36 -35.24 23.30 11.87
N PHE I 37 -35.89 23.47 10.72
CA PHE I 37 -37.34 23.64 10.68
C PHE I 37 -38.00 22.72 9.64
N PRO I 38 -39.26 22.27 9.90
CA PRO I 38 -40.00 22.43 11.14
C PRO I 38 -39.33 21.70 12.29
N GLY I 39 -39.47 22.24 13.49
CA GLY I 39 -38.82 21.66 14.66
C GLY I 39 -39.64 21.86 15.91
N ASN I 40 -39.31 21.10 16.95
CA ASN I 40 -39.92 21.29 18.27
C ASN I 40 -39.03 22.19 19.12
N TYR I 41 -39.42 23.45 19.26
CA TYR I 41 -38.72 24.41 20.12
C TYR I 41 -39.67 24.86 21.23
N ASP I 42 -39.11 25.08 22.41
CA ASP I 42 -39.90 25.52 23.55
C ASP I 42 -39.28 26.81 24.05
N LEU I 43 -39.70 27.91 23.45
CA LEU I 43 -39.19 29.23 23.75
C LEU I 43 -40.37 30.19 23.79
N ASP I 44 -40.25 31.22 24.62
CA ASP I 44 -41.29 32.26 24.71
C ASP I 44 -41.00 33.42 23.76
N VAL I 45 -39.73 33.62 23.44
CA VAL I 45 -39.33 34.65 22.49
C VAL I 45 -37.89 34.38 22.03
N VAL I 46 -37.57 34.79 20.81
CA VAL I 46 -36.22 34.67 20.29
C VAL I 46 -35.64 36.05 19.96
N ILE I 47 -34.42 36.30 20.43
CA ILE I 47 -33.69 37.51 20.09
C ILE I 47 -32.78 37.19 18.90
N ILE I 48 -33.04 37.84 17.77
CA ILE I 48 -32.37 37.51 16.51
C ILE I 48 -31.06 38.26 16.36
N ARG I 49 -29.94 37.53 16.44
CA ARG I 49 -28.63 38.17 16.42
C ARG I 49 -27.68 37.65 15.34
N ASN I 50 -28.22 37.06 14.29
CA ASN I 50 -27.41 36.48 13.22
C ASN I 50 -26.69 37.58 12.46
N VAL I 51 -25.39 37.40 12.23
CA VAL I 51 -24.59 38.42 11.55
C VAL I 51 -25.09 38.63 10.11
N SER I 52 -25.48 37.55 9.44
CA SER I 52 -26.09 37.68 8.13
C SER I 52 -27.53 38.23 8.28
N HIS I 53 -27.81 39.32 7.58
CA HIS I 53 -29.13 39.91 7.59
C HIS I 53 -30.20 39.00 6.98
N PHE I 54 -29.84 38.26 5.93
CA PHE I 54 -30.79 37.33 5.33
C PHE I 54 -31.03 36.12 6.22
N LYS I 55 -29.98 35.59 6.85
CA LYS I 55 -30.20 34.51 7.81
C LYS I 55 -31.10 34.97 8.96
N ALA I 56 -30.90 36.20 9.41
CA ALA I 56 -31.73 36.79 10.45
C ALA I 56 -33.20 36.85 10.03
N LEU I 57 -33.47 37.40 8.84
CA LEU I 57 -34.83 37.48 8.30
C LEU I 57 -35.51 36.10 8.23
N TYR I 58 -34.83 35.11 7.65
CA TYR I 58 -35.43 33.78 7.52
C TYR I 58 -35.56 33.08 8.89
N THR I 59 -34.57 33.28 9.76
CA THR I 59 -34.64 32.74 11.10
C THR I 59 -35.88 33.29 11.82
N ALA I 60 -36.09 34.60 11.72
CA ALA I 60 -37.27 35.22 12.30
C ALA I 60 -38.59 34.64 11.74
N ARG I 61 -38.71 34.53 10.42
CA ARG I 61 -39.90 33.98 9.81
C ARG I 61 -40.17 32.53 10.28
N LEU I 62 -39.11 31.75 10.44
CA LEU I 62 -39.26 30.34 10.80
C LEU I 62 -39.72 30.17 12.25
N PHE I 63 -39.16 30.98 13.16
CA PHE I 63 -39.65 30.95 14.53
C PHE I 63 -41.10 31.44 14.62
N GLU I 64 -41.45 32.49 13.88
CA GLU I 64 -42.84 32.93 13.77
C GLU I 64 -43.76 31.79 13.29
N SER I 65 -43.29 31.01 12.33
CA SER I 65 -44.06 29.85 11.83
C SER I 65 -44.29 28.78 12.90
N GLU I 66 -43.43 28.72 13.92
CA GLU I 66 -43.59 27.80 15.03
C GLU I 66 -44.36 28.43 16.21
N GLY I 67 -44.88 29.63 16.02
CA GLY I 67 -45.66 30.34 17.05
C GLY I 67 -44.82 31.07 18.08
N ILE I 68 -43.56 31.30 17.75
CA ILE I 68 -42.63 31.92 18.69
C ILE I 68 -42.33 33.32 18.13
N PRO I 69 -42.65 34.38 18.90
CA PRO I 69 -42.35 35.73 18.42
C PRO I 69 -40.85 36.01 18.48
N THR I 70 -40.41 36.97 17.68
CA THR I 70 -38.98 37.28 17.61
C THR I 70 -38.70 38.78 17.70
N VAL I 71 -37.54 39.14 18.25
CA VAL I 71 -37.07 40.50 18.17
C VAL I 71 -35.74 40.57 17.42
N ASN I 72 -35.71 41.24 16.25
CA ASN I 72 -36.88 41.84 15.63
C ASN I 72 -37.71 40.83 14.84
N SER I 73 -38.90 41.27 14.42
CA SER I 73 -39.81 40.43 13.64
C SER I 73 -39.31 40.30 12.20
N SER I 74 -39.79 39.29 11.48
CA SER I 74 -39.37 39.12 10.07
C SER I 74 -39.78 40.33 9.24
N ARG I 75 -41.01 40.84 9.47
CA ARG I 75 -41.50 42.04 8.79
C ARG I 75 -40.53 43.22 8.96
N LEU I 76 -40.13 43.50 10.19
CA LEU I 76 -39.27 44.65 10.46
C LEU I 76 -37.89 44.40 9.88
N ILE I 77 -37.36 43.20 10.07
CA ILE I 77 -36.05 42.89 9.48
C ILE I 77 -36.08 43.12 7.95
N PHE I 78 -37.16 42.76 7.29
CA PHE I 78 -37.22 42.96 5.85
C PHE I 78 -37.35 44.43 5.47
N GLU I 79 -38.30 45.14 6.07
CA GLU I 79 -38.58 46.52 5.69
C GLU I 79 -37.46 47.49 6.09
N ALA I 80 -37.03 47.39 7.34
CA ALA I 80 -35.96 48.25 7.85
C ALA I 80 -34.59 47.91 7.26
N GLY I 81 -34.34 46.63 7.01
CA GLY I 81 -33.04 46.21 6.52
C GLY I 81 -32.80 46.47 5.03
N ASP I 82 -33.86 46.82 4.29
CA ASP I 82 -33.74 47.16 2.89
C ASP I 82 -33.80 48.68 2.76
N LYS I 83 -32.76 49.29 2.20
CA LYS I 83 -32.65 50.75 2.17
C LYS I 83 -33.81 51.40 1.42
N LEU I 84 -34.29 50.73 0.38
CA LEU I 84 -35.35 51.28 -0.44
C LEU I 84 -36.72 51.13 0.24
N PHE I 85 -37.04 49.93 0.72
CA PHE I 85 -38.30 49.70 1.43
C PHE I 85 -38.36 50.61 2.66
N ALA I 86 -37.23 50.72 3.36
CA ALA I 86 -37.12 51.61 4.53
C ALA I 86 -37.38 53.08 4.18
N THR I 87 -36.76 53.53 3.10
CA THR I 87 -36.87 54.92 2.65
C THR I 87 -38.33 55.24 2.33
N LEU I 88 -38.99 54.33 1.63
CA LEU I 88 -40.42 54.46 1.34
C LEU I 88 -41.26 54.59 2.60
N ARG I 89 -40.87 53.89 3.65
CA ARG I 89 -41.60 53.92 4.91
C ARG I 89 -41.34 55.22 5.69
N LEU I 90 -40.12 55.75 5.57
CA LEU I 90 -39.76 57.02 6.20
C LEU I 90 -40.29 58.25 5.45
N ALA I 91 -40.45 58.13 4.13
CA ALA I 91 -40.84 59.27 3.28
C ALA I 91 -42.14 59.89 3.73
N GLY I 92 -42.11 61.19 3.97
CA GLY I 92 -43.28 61.93 4.42
C GLY I 92 -43.45 61.93 5.94
N LYS I 93 -42.71 61.07 6.65
CA LYS I 93 -42.78 61.00 8.11
C LYS I 93 -41.61 61.77 8.73
N VAL I 94 -40.43 61.66 8.14
CA VAL I 94 -39.24 62.35 8.61
C VAL I 94 -38.46 62.89 7.43
N PRO I 95 -37.70 63.99 7.62
CA PRO I 95 -36.83 64.42 6.54
C PRO I 95 -35.79 63.36 6.19
N VAL I 96 -35.60 63.12 4.89
CA VAL I 96 -34.62 62.15 4.40
C VAL I 96 -33.83 62.82 3.28
N PRO I 97 -32.61 62.32 3.01
CA PRO I 97 -31.90 62.84 1.83
C PRO I 97 -32.70 62.56 0.56
N GLU I 98 -32.65 63.49 -0.38
CA GLU I 98 -33.24 63.28 -1.70
C GLU I 98 -32.73 61.95 -2.23
N TRP I 99 -33.64 61.14 -2.74
CA TRP I 99 -33.27 59.82 -3.22
C TRP I 99 -33.93 59.52 -4.55
N LYS I 100 -33.50 58.43 -5.17
CA LYS I 100 -34.00 58.06 -6.47
C LYS I 100 -33.73 56.57 -6.66
N ALA I 101 -34.65 55.87 -7.30
CA ALA I 101 -34.49 54.44 -7.57
C ALA I 101 -34.80 54.14 -9.03
N ALA I 102 -33.92 53.36 -9.67
CA ALA I 102 -34.10 52.95 -11.05
C ALA I 102 -34.01 51.43 -11.12
N LEU I 103 -34.61 50.85 -12.16
CA LEU I 103 -34.65 49.40 -12.35
C LEU I 103 -33.73 48.90 -13.48
N SER I 104 -33.06 49.83 -14.16
CA SER I 104 -32.06 49.47 -15.16
C SER I 104 -30.97 50.53 -15.18
N GLU I 105 -29.82 50.18 -15.74
CA GLU I 105 -28.74 51.16 -15.90
C GLU I 105 -29.17 52.31 -16.81
N GLY I 106 -29.95 52.02 -17.84
CA GLY I 106 -30.53 53.07 -18.69
C GLY I 106 -31.32 54.08 -17.88
N GLY I 107 -32.17 53.60 -16.97
CA GLY I 107 -32.88 54.47 -16.05
C GLY I 107 -31.97 55.17 -15.07
N ALA I 108 -30.98 54.45 -14.56
CA ALA I 108 -30.02 54.99 -13.60
C ALA I 108 -29.24 56.19 -14.16
N LEU I 109 -28.94 56.15 -15.45
CA LEU I 109 -28.24 57.24 -16.12
C LEU I 109 -29.02 58.57 -16.08
N ARG I 110 -30.32 58.53 -15.85
CA ARG I 110 -31.12 59.74 -15.74
C ARG I 110 -31.17 60.29 -14.31
N VAL I 111 -30.67 59.53 -13.35
CA VAL I 111 -30.77 59.88 -11.94
C VAL I 111 -30.11 61.24 -11.60
N PRO I 112 -28.92 61.51 -12.18
CA PRO I 112 -28.27 62.81 -11.99
C PRO I 112 -29.12 64.03 -12.41
N ASP I 113 -30.00 63.85 -13.39
CA ASP I 113 -30.89 64.94 -13.81
C ASP I 113 -31.79 65.43 -12.68
N SER I 114 -32.15 64.54 -11.74
CA SER I 114 -32.90 64.92 -10.54
C SER I 114 -31.99 65.31 -9.37
N LEU I 115 -30.93 64.53 -9.15
CA LEU I 115 -30.10 64.63 -7.95
C LEU I 115 -28.86 65.49 -8.11
N GLY I 116 -28.34 65.61 -9.33
CA GLY I 116 -27.07 66.28 -9.57
C GLY I 116 -25.88 65.52 -9.02
N TYR I 117 -24.68 66.03 -9.30
CA TYR I 117 -23.43 65.48 -8.79
C TYR I 117 -22.86 66.40 -7.72
N PRO I 118 -22.19 65.83 -6.70
CA PRO I 118 -21.95 64.40 -6.46
C PRO I 118 -23.19 63.66 -5.96
N LEU I 119 -23.29 62.37 -6.24
CA LEU I 119 -24.33 61.53 -5.61
C LEU I 119 -23.74 60.26 -5.00
N VAL I 120 -24.55 59.57 -4.19
CA VAL I 120 -24.10 58.36 -3.54
C VAL I 120 -24.88 57.16 -4.05
N SER I 121 -24.14 56.13 -4.44
CA SER I 121 -24.71 54.86 -4.86
C SER I 121 -24.43 53.84 -3.77
N LYS I 122 -25.47 53.12 -3.35
CA LYS I 122 -25.30 52.09 -2.34
C LYS I 122 -26.18 50.88 -2.62
N PRO I 123 -25.71 49.69 -2.25
CA PRO I 123 -26.59 48.53 -2.42
C PRO I 123 -27.75 48.58 -1.44
N VAL I 124 -28.86 47.99 -1.86
CA VAL I 124 -30.09 48.00 -1.12
C VAL I 124 -30.01 47.24 0.23
N PHE I 125 -29.08 46.28 0.36
CA PHE I 125 -29.07 45.35 1.49
C PHE I 125 -27.80 45.37 2.37
N GLY I 126 -26.83 46.20 2.05
CA GLY I 126 -25.53 46.17 2.72
C GLY I 126 -25.48 46.80 4.10
N SER I 127 -24.28 46.82 4.67
CA SER I 127 -24.02 47.42 5.98
C SER I 127 -22.49 47.56 6.16
N TRP I 128 -22.07 48.43 7.07
CA TRP I 128 -20.67 48.49 7.57
C TRP I 128 -19.62 49.49 6.98
N GLY I 129 -19.85 50.23 5.89
CA GLY I 129 -20.90 50.08 4.91
C GLY I 129 -20.26 49.75 3.58
N ARG I 130 -20.37 48.50 3.15
CA ARG I 130 -19.71 48.03 1.94
C ARG I 130 -20.38 48.53 0.65
N LEU I 131 -19.56 48.67 -0.40
CA LEU I 131 -19.98 49.10 -1.75
C LEU I 131 -20.60 50.51 -1.88
N LEU I 132 -20.43 51.36 -0.87
CA LEU I 132 -20.83 52.77 -0.99
C LEU I 132 -19.91 53.40 -2.03
N ALA I 133 -20.48 54.20 -2.94
CA ALA I 133 -19.68 54.90 -3.94
C ALA I 133 -20.09 56.36 -4.01
N LYS I 134 -19.09 57.25 -4.00
CA LYS I 134 -19.34 58.67 -4.22
C LYS I 134 -19.08 58.94 -5.70
N VAL I 135 -20.16 59.27 -6.41
CA VAL I 135 -20.12 59.43 -7.86
C VAL I 135 -20.13 60.92 -8.17
N ASN I 136 -19.01 61.41 -8.70
CA ASN I 136 -18.83 62.83 -8.98
C ASN I 136 -19.16 63.21 -10.41
N ASP I 137 -19.24 62.23 -11.31
CA ASP I 137 -19.54 62.50 -12.72
C ASP I 137 -20.03 61.25 -13.45
N ARG I 138 -20.42 61.45 -14.71
CA ARG I 138 -20.99 60.39 -15.50
C ARG I 138 -20.05 59.19 -15.71
N ASP I 139 -18.76 59.45 -15.91
CA ASP I 139 -17.80 58.36 -16.03
C ASP I 139 -17.85 57.42 -14.80
N SER I 140 -17.92 58.00 -13.61
CA SER I 140 -17.98 57.23 -12.37
C SER I 140 -19.29 56.48 -12.28
N LEU I 141 -20.38 57.15 -12.68
CA LEU I 141 -21.70 56.54 -12.71
C LEU I 141 -21.67 55.30 -13.60
N GLU I 142 -21.09 55.46 -14.79
CA GLU I 142 -20.99 54.34 -15.73
C GLU I 142 -20.14 53.19 -15.19
N ALA I 143 -19.04 53.51 -14.52
CA ALA I 143 -18.16 52.49 -13.97
C ALA I 143 -18.90 51.70 -12.90
N VAL I 144 -19.56 52.42 -11.99
CA VAL I 144 -20.33 51.80 -10.93
C VAL I 144 -21.42 50.89 -11.51
N LEU I 145 -22.18 51.39 -12.48
CA LEU I 145 -23.26 50.59 -13.07
C LEU I 145 -22.75 49.34 -13.77
N GLU I 146 -21.67 49.48 -14.55
CA GLU I 146 -21.07 48.33 -15.25
C GLU I 146 -20.62 47.24 -14.27
N HIS I 147 -20.07 47.66 -13.14
CA HIS I 147 -19.60 46.72 -12.15
C HIS I 147 -20.75 46.06 -11.42
N ARG I 148 -21.73 46.87 -11.04
CA ARG I 148 -22.94 46.37 -10.42
C ARG I 148 -23.58 45.30 -11.31
N LYS I 149 -23.62 45.55 -12.61
CA LYS I 149 -24.23 44.64 -13.57
C LYS I 149 -23.52 43.28 -13.68
N TRP I 150 -22.19 43.27 -13.70
CA TRP I 150 -21.45 42.00 -13.80
C TRP I 150 -21.40 41.21 -12.48
N MET I 151 -21.79 41.82 -11.37
CA MET I 151 -21.89 41.08 -10.12
C MET I 151 -23.09 40.14 -10.18
N LYS I 152 -23.03 39.04 -9.45
CA LYS I 152 -24.05 38.02 -9.60
C LYS I 152 -25.37 38.35 -8.90
N ASN I 153 -25.31 38.92 -7.70
CA ASN I 153 -26.51 39.16 -6.89
C ASN I 153 -27.50 40.06 -7.66
N PRO I 154 -28.69 39.53 -8.00
CA PRO I 154 -29.74 40.31 -8.69
C PRO I 154 -30.24 41.55 -7.93
N LEU I 155 -30.16 41.52 -6.61
CA LEU I 155 -30.39 42.73 -5.80
C LEU I 155 -29.48 43.90 -6.18
N TYR I 156 -28.26 43.61 -6.65
CA TYR I 156 -27.39 44.68 -7.16
C TYR I 156 -27.97 45.38 -8.39
N GLY I 157 -28.99 44.79 -9.00
CA GLY I 157 -29.71 45.43 -10.11
C GLY I 157 -30.88 46.35 -9.70
N ILE I 158 -31.02 46.63 -8.41
CA ILE I 158 -31.93 47.67 -7.97
C ILE I 158 -31.05 48.87 -7.68
N HIS I 159 -31.21 49.93 -8.46
CA HIS I 159 -30.27 51.04 -8.37
C HIS I 159 -30.78 52.16 -7.46
N TYR I 160 -30.27 52.22 -6.24
CA TYR I 160 -30.73 53.19 -5.24
C TYR I 160 -29.68 54.28 -5.08
N PHE I 161 -30.11 55.54 -5.16
CA PHE I 161 -29.20 56.67 -5.10
C PHE I 161 -29.72 57.72 -4.12
N GLN I 162 -28.80 58.43 -3.47
CA GLN I 162 -29.12 59.61 -2.67
C GLN I 162 -28.26 60.76 -3.14
N GLU I 163 -28.73 61.98 -2.93
CA GLU I 163 -27.85 63.16 -3.04
C GLU I 163 -26.67 62.97 -2.08
N PHE I 164 -25.53 63.56 -2.42
CA PHE I 164 -24.40 63.52 -1.52
C PHE I 164 -24.61 64.60 -0.49
N VAL I 165 -24.71 64.20 0.77
CA VAL I 165 -24.88 65.15 1.88
C VAL I 165 -23.53 65.54 2.48
N GLU I 166 -23.23 66.84 2.47
CA GLU I 166 -21.98 67.35 3.05
C GLU I 166 -22.11 67.44 4.57
N LYS I 167 -21.63 66.41 5.25
CA LYS I 167 -21.70 66.33 6.70
C LYS I 167 -20.51 67.06 7.29
N PRO I 168 -20.58 67.44 8.57
CA PRO I 168 -19.45 68.15 9.18
C PRO I 168 -18.47 67.17 9.82
N GLY I 169 -17.88 66.29 9.01
CA GLY I 169 -16.86 65.36 9.47
C GLY I 169 -17.36 64.25 10.39
N ARG I 170 -18.68 64.05 10.42
CA ARG I 170 -19.29 63.06 11.31
C ARG I 170 -20.74 62.82 10.92
N ASP I 171 -21.32 61.78 11.48
CA ASP I 171 -22.76 61.58 11.42
C ASP I 171 -23.24 61.05 12.76
N ILE I 172 -24.55 60.79 12.85
CA ILE I 172 -25.19 60.43 14.10
C ILE I 172 -25.77 59.02 14.05
N ARG I 173 -25.66 58.33 15.18
CA ARG I 173 -26.20 56.99 15.35
C ARG I 173 -26.96 56.97 16.67
N SER I 174 -28.28 56.82 16.57
CA SER I 174 -29.16 56.77 17.73
C SER I 174 -29.85 55.42 17.85
N TYR I 175 -30.40 55.15 19.02
CA TYR I 175 -31.04 53.88 19.31
C TYR I 175 -32.43 54.08 19.91
N VAL I 176 -33.42 53.40 19.33
CA VAL I 176 -34.79 53.42 19.82
C VAL I 176 -35.27 51.98 19.93
N ILE I 177 -35.61 51.57 21.15
CA ILE I 177 -36.04 50.21 21.46
C ILE I 177 -37.43 50.30 22.06
N GLY I 178 -38.39 49.59 21.47
CA GLY I 178 -39.80 49.95 21.69
C GLY I 178 -39.88 51.40 21.27
N GLY I 179 -40.83 52.16 21.78
CA GLY I 179 -40.87 53.59 21.45
C GLY I 179 -39.89 54.47 22.21
N GLU I 180 -38.92 53.86 22.90
CA GLU I 180 -38.07 54.56 23.85
C GLU I 180 -36.66 54.81 23.28
N PHE I 181 -36.31 56.09 23.15
CA PHE I 181 -34.93 56.50 22.84
C PHE I 181 -34.02 56.05 23.98
N VAL I 182 -32.99 55.25 23.68
CA VAL I 182 -32.07 54.76 24.71
C VAL I 182 -30.70 55.45 24.69
N GLY I 183 -30.33 56.09 23.59
CA GLY I 183 -29.08 56.85 23.51
C GLY I 183 -28.67 57.15 22.09
N ALA I 184 -27.66 58.00 21.95
CA ALA I 184 -27.16 58.41 20.64
C ALA I 184 -25.70 58.81 20.72
N ILE I 185 -24.96 58.55 19.64
CA ILE I 185 -23.54 58.92 19.54
C ILE I 185 -23.24 59.66 18.25
N TYR I 186 -22.08 60.32 18.24
CA TYR I 186 -21.50 60.89 17.02
C TYR I 186 -20.44 59.92 16.50
N ARG I 187 -20.42 59.69 15.19
CA ARG I 187 -19.34 58.92 14.58
C ARG I 187 -18.46 59.84 13.74
N TYR I 188 -17.23 60.05 14.18
CA TYR I 188 -16.30 60.96 13.51
C TYR I 188 -15.43 60.19 12.53
N SER I 189 -15.02 60.86 11.47
CA SER I 189 -14.09 60.30 10.49
C SER I 189 -13.59 61.37 9.55
N ASN I 190 -12.37 61.18 9.04
CA ASN I 190 -11.81 62.04 8.01
C ASN I 190 -12.45 61.78 6.64
N HIS I 191 -12.85 60.53 6.42
CA HIS I 191 -13.51 60.12 5.17
C HIS I 191 -15.02 60.30 5.28
N TRP I 192 -15.69 60.55 4.14
CA TRP I 192 -17.15 60.77 4.10
C TRP I 192 -17.96 59.58 4.63
N ILE I 193 -17.43 58.36 4.50
CA ILE I 193 -18.04 57.18 5.12
C ILE I 193 -17.54 57.08 6.57
N THR I 194 -18.46 57.00 7.53
CA THR I 194 -18.12 57.13 8.96
C THR I 194 -18.48 55.92 9.85
N ASN I 195 -18.55 54.71 9.29
CA ASN I 195 -18.97 53.56 10.11
C ASN I 195 -17.89 53.20 11.12
N THR I 196 -18.30 52.69 12.28
CA THR I 196 -17.33 52.21 13.29
C THR I 196 -16.67 50.88 12.85
N ALA I 197 -17.39 50.09 12.04
CA ALA I 197 -16.81 48.90 11.40
C ALA I 197 -15.69 49.27 10.42
N ARG I 198 -15.77 50.50 9.89
CA ARG I 198 -14.78 51.03 8.96
C ARG I 198 -13.66 51.81 9.68
N GLY I 199 -13.91 52.24 10.91
CA GLY I 199 -12.90 52.92 11.72
C GLY I 199 -13.34 54.19 12.46
N GLY I 200 -14.62 54.56 12.33
CA GLY I 200 -15.14 55.77 12.97
C GLY I 200 -15.08 55.79 14.50
N LYS I 201 -14.66 56.93 15.05
CA LYS I 201 -14.51 57.12 16.51
C LYS I 201 -15.79 57.65 17.14
N ALA I 202 -16.28 56.98 18.17
CA ALA I 202 -17.55 57.32 18.81
C ALA I 202 -17.40 58.37 19.92
N GLU I 203 -18.37 59.28 20.01
CA GLU I 203 -18.50 60.24 21.12
C GLU I 203 -19.99 60.40 21.46
N PRO I 204 -20.33 60.76 22.71
CA PRO I 204 -21.76 60.88 23.07
C PRO I 204 -22.49 62.05 22.40
N CYS I 205 -23.73 61.82 22.00
CA CYS I 205 -24.59 62.86 21.43
C CYS I 205 -25.80 63.07 22.34
N SER I 206 -26.02 64.32 22.73
CA SER I 206 -27.15 64.68 23.59
C SER I 206 -28.05 65.75 22.94
N ASP I 207 -27.95 65.94 21.63
CA ASP I 207 -28.80 66.90 20.92
C ASP I 207 -30.28 66.45 21.06
N PRO I 208 -31.12 67.25 21.76
CA PRO I 208 -32.51 66.83 21.96
C PRO I 208 -33.31 66.73 20.67
N GLU I 209 -32.90 67.48 19.65
CA GLU I 209 -33.54 67.37 18.35
C GLU I 209 -33.37 65.98 17.74
N VAL I 210 -32.22 65.34 17.95
CA VAL I 210 -32.00 64.00 17.38
C VAL I 210 -32.76 62.93 18.17
N GLU I 211 -32.88 63.12 19.48
CA GLU I 211 -33.73 62.23 20.28
C GLU I 211 -35.16 62.27 19.74
N GLU I 212 -35.65 63.48 19.53
CA GLU I 212 -36.96 63.70 18.95
C GLU I 212 -37.10 63.08 17.56
N LEU I 213 -36.16 63.38 16.67
CA LEU I 213 -36.21 62.87 15.31
C LEU I 213 -36.10 61.33 15.29
N SER I 214 -35.25 60.79 16.17
CA SER I 214 -35.10 59.34 16.31
C SER I 214 -36.40 58.61 16.65
N VAL I 215 -37.17 59.13 17.62
CA VAL I 215 -38.44 58.51 17.98
C VAL I 215 -39.42 58.56 16.82
N LYS I 216 -39.41 59.66 16.07
CA LYS I 216 -40.29 59.80 14.90
C LYS I 216 -39.95 58.77 13.82
N ALA I 217 -38.65 58.58 13.58
CA ALA I 217 -38.18 57.59 12.63
C ALA I 217 -38.61 56.18 13.02
N TRP I 218 -38.52 55.89 14.31
CA TRP I 218 -38.97 54.59 14.83
C TRP I 218 -40.47 54.43 14.61
N GLU I 219 -41.21 55.49 14.89
CA GLU I 219 -42.67 55.49 14.70
C GLU I 219 -43.11 55.29 13.24
N ALA I 220 -42.24 55.55 12.28
CA ALA I 220 -42.56 55.25 10.88
C ALA I 220 -42.72 53.74 10.69
N PHE I 221 -41.99 52.96 11.49
CA PHE I 221 -42.08 51.50 11.49
C PHE I 221 -43.01 50.95 12.57
N GLY I 222 -42.97 51.54 13.77
CA GLY I 222 -43.95 51.22 14.83
C GLY I 222 -43.70 49.98 15.66
N GLU I 223 -42.52 49.40 15.55
CA GLU I 223 -42.15 48.23 16.34
C GLU I 223 -40.64 48.12 16.39
N GLY I 224 -40.15 47.33 17.35
CA GLY I 224 -38.82 46.80 17.31
C GLY I 224 -37.71 47.55 18.01
N ALA I 225 -36.50 47.03 17.83
CA ALA I 225 -35.28 47.65 18.30
C ALA I 225 -34.53 48.12 17.06
N LEU I 226 -34.30 49.43 16.96
CA LEU I 226 -33.70 50.01 15.77
C LEU I 226 -32.49 50.89 16.08
N ALA I 227 -31.47 50.74 15.24
CA ALA I 227 -30.35 51.67 15.20
C ALA I 227 -30.59 52.59 14.01
N ILE I 228 -30.61 53.89 14.25
CA ILE I 228 -31.01 54.87 13.26
C ILE I 228 -29.81 55.76 12.93
N ASP I 229 -29.58 55.97 11.64
CA ASP I 229 -28.48 56.80 11.16
C ASP I 229 -29.00 58.16 10.75
N ILE I 230 -28.43 59.22 11.31
CA ILE I 230 -28.88 60.57 11.02
C ILE I 230 -27.70 61.42 10.55
N PHE I 231 -27.95 62.29 9.57
CA PHE I 231 -26.93 63.22 9.06
C PHE I 231 -27.27 64.63 9.51
N GLU I 232 -26.24 65.43 9.73
CA GLU I 232 -26.39 66.87 9.89
C GLU I 232 -26.11 67.49 8.52
N SER I 233 -26.86 68.52 8.16
CA SER I 233 -26.74 69.12 6.83
C SER I 233 -27.10 70.59 6.83
N GLU I 234 -26.79 71.25 5.72
CA GLU I 234 -27.14 72.66 5.52
C GLU I 234 -28.64 72.91 5.68
N LYS I 235 -29.46 71.90 5.40
CA LYS I 235 -30.92 72.03 5.51
C LYS I 235 -31.50 71.24 6.70
N GLY I 236 -30.71 71.03 7.74
CA GLY I 236 -31.19 70.37 8.97
C GLY I 236 -30.87 68.90 9.05
N LEU I 237 -31.43 68.23 10.07
CA LEU I 237 -31.18 66.82 10.28
C LEU I 237 -31.93 65.98 9.23
N LEU I 238 -31.30 64.91 8.78
CA LEU I 238 -31.89 63.98 7.81
C LEU I 238 -31.70 62.55 8.26
N VAL I 239 -32.76 61.76 8.15
CA VAL I 239 -32.71 60.35 8.47
C VAL I 239 -32.26 59.61 7.22
N ASN I 240 -31.10 58.97 7.31
CA ASN I 240 -30.49 58.23 6.22
C ASN I 240 -30.99 56.79 6.12
N GLU I 241 -30.81 56.03 7.20
CA GLU I 241 -31.20 54.62 7.20
C GLU I 241 -31.61 54.15 8.59
N VAL I 242 -32.07 52.91 8.64
CA VAL I 242 -32.46 52.28 9.88
C VAL I 242 -31.89 50.86 9.84
N ASN I 243 -31.48 50.34 10.98
CA ASN I 243 -30.84 49.04 11.04
C ASN I 243 -31.49 48.13 12.06
N PRO I 244 -32.10 47.03 11.60
CA PRO I 244 -32.79 46.11 12.49
C PRO I 244 -31.88 45.07 13.17
N ASN I 245 -30.58 45.11 12.90
CA ASN I 245 -29.64 44.18 13.50
C ASN I 245 -28.55 44.99 14.20
N MET I 246 -28.95 45.68 15.25
CA MET I 246 -28.13 46.72 15.89
C MET I 246 -26.85 46.21 16.57
N GLU I 247 -25.73 46.80 16.18
CA GLU I 247 -24.50 46.71 16.97
C GLU I 247 -24.48 47.93 17.88
N PHE I 248 -23.92 47.78 19.08
CA PHE I 248 -23.96 48.86 20.07
C PHE I 248 -22.81 48.89 21.10
N LYS I 249 -21.80 48.02 20.97
CA LYS I 249 -20.82 47.89 22.04
C LYS I 249 -20.04 49.18 22.28
N ASN I 250 -19.73 49.93 21.22
CA ASN I 250 -19.12 51.26 21.39
C ASN I 250 -20.13 52.30 21.88
N ALA I 251 -21.30 52.30 21.28
CA ALA I 251 -22.39 53.20 21.69
C ALA I 251 -22.72 53.08 23.18
N ALA I 252 -22.77 51.84 23.68
CA ALA I 252 -23.04 51.56 25.10
C ALA I 252 -21.89 52.02 25.98
N ARG I 253 -20.67 51.70 25.59
CA ARG I 253 -19.47 52.12 26.32
C ARG I 253 -19.37 53.65 26.42
N VAL I 254 -19.58 54.32 25.29
CA VAL I 254 -19.47 55.78 25.19
C VAL I 254 -20.58 56.52 25.93
N THR I 255 -21.81 56.05 25.80
CA THR I 255 -22.95 56.71 26.42
C THR I 255 -23.20 56.21 27.85
N GLY I 256 -22.77 54.99 28.14
CA GLY I 256 -23.09 54.33 29.40
C GLY I 256 -24.53 53.84 29.46
N ALA I 257 -25.21 53.78 28.32
CA ALA I 257 -26.58 53.26 28.25
C ALA I 257 -26.56 51.74 28.16
N ASP I 258 -27.56 51.10 28.74
CA ASP I 258 -27.64 49.63 28.78
C ASP I 258 -28.45 49.11 27.59
N MET I 259 -27.83 49.12 26.41
CA MET I 259 -28.53 48.80 25.18
C MET I 259 -29.03 47.35 25.22
N ALA I 260 -28.15 46.46 25.67
CA ALA I 260 -28.47 45.05 25.84
C ALA I 260 -29.68 44.83 26.75
N GLY I 261 -29.67 45.49 27.90
CA GLY I 261 -30.76 45.35 28.86
C GLY I 261 -32.09 45.80 28.31
N LYS I 262 -32.08 46.94 27.62
CA LYS I 262 -33.28 47.49 26.99
C LYS I 262 -33.84 46.52 25.93
N LEU I 263 -32.94 45.98 25.11
CA LEU I 263 -33.33 45.02 24.09
C LEU I 263 -33.98 43.79 24.69
N VAL I 264 -33.39 43.28 25.78
CA VAL I 264 -33.94 42.12 26.47
C VAL I 264 -35.29 42.42 27.09
N GLU I 265 -35.39 43.57 27.75
CA GLU I 265 -36.66 44.03 28.32
C GLU I 265 -37.74 44.15 27.25
N TYR I 266 -37.38 44.64 26.07
CA TYR I 266 -38.33 44.71 24.97
C TYR I 266 -38.73 43.31 24.50
N ALA I 267 -37.77 42.38 24.47
CA ALA I 267 -38.07 41.00 24.10
C ALA I 267 -39.05 40.34 25.07
N VAL I 268 -38.81 40.47 26.38
CA VAL I 268 -39.72 39.85 27.36
C VAL I 268 -41.13 40.42 27.18
N GLU I 269 -41.23 41.73 26.93
CA GLU I 269 -42.50 42.37 26.62
C GLU I 269 -43.15 41.76 25.37
N VAL I 270 -42.36 41.56 24.32
CA VAL I 270 -42.83 40.91 23.11
C VAL I 270 -43.30 39.48 23.42
N ALA I 271 -42.62 38.80 24.36
CA ALA I 271 -43.03 37.45 24.73
C ALA I 271 -44.42 37.46 25.37
N LYS I 272 -44.70 38.50 26.13
CA LYS I 272 -46.00 38.68 26.75
C LYS I 272 -47.03 39.19 25.72
N THR I 273 -46.54 39.47 24.51
CA THR I 273 -47.34 39.89 23.35
C THR I 273 -47.53 41.41 23.34
N MET J 1 -59.44 54.59 -18.29
CA MET J 1 -58.66 53.35 -17.99
C MET J 1 -57.29 53.41 -18.66
N ARG J 2 -56.26 53.66 -17.86
CA ARG J 2 -54.89 53.55 -18.32
C ARG J 2 -54.19 52.38 -17.60
N ILE J 3 -53.77 51.38 -18.37
CA ILE J 3 -53.19 50.15 -17.84
C ILE J 3 -51.71 50.09 -18.17
N GLY J 4 -50.87 50.10 -17.15
CA GLY J 4 -49.43 49.96 -17.34
C GLY J 4 -49.04 48.50 -17.42
N ILE J 5 -48.01 48.22 -18.21
CA ILE J 5 -47.37 46.91 -18.24
C ILE J 5 -45.85 47.09 -18.15
N THR J 6 -45.24 46.57 -17.10
CA THR J 6 -43.80 46.66 -16.93
C THR J 6 -43.18 45.38 -17.44
N TYR J 7 -42.15 45.51 -18.26
CA TYR J 7 -41.51 44.37 -18.91
C TYR J 7 -40.01 44.56 -19.07
N THR J 8 -39.33 43.48 -19.44
CA THR J 8 -37.89 43.49 -19.72
C THR J 8 -37.68 43.30 -21.22
N VAL J 9 -38.27 42.25 -21.76
CA VAL J 9 -38.34 42.02 -23.19
C VAL J 9 -39.77 41.59 -23.47
N LEU J 10 -40.20 41.76 -24.70
CA LEU J 10 -41.55 41.41 -25.11
C LEU J 10 -41.67 39.94 -25.52
N ARG J 11 -41.74 39.04 -24.54
CA ARG J 11 -42.08 37.64 -24.81
C ARG J 11 -43.51 37.56 -25.35
N ARG J 12 -43.90 36.39 -25.85
CA ARG J 12 -45.28 36.18 -26.35
C ARG J 12 -46.35 36.58 -25.32
N GLU J 13 -46.12 36.19 -24.07
CA GLU J 13 -47.03 36.54 -22.95
C GLU J 13 -47.30 38.05 -22.92
N GLU J 14 -46.23 38.83 -22.92
CA GLU J 14 -46.34 40.28 -22.82
C GLU J 14 -47.06 40.89 -24.02
N MET J 15 -46.84 40.32 -25.20
CA MET J 15 -47.55 40.78 -26.40
C MET J 15 -49.04 40.50 -26.30
N ALA J 16 -49.39 39.31 -25.85
CA ALA J 16 -50.80 38.94 -25.66
C ALA J 16 -51.46 39.85 -24.61
N ILE J 17 -50.77 40.09 -23.50
CA ILE J 17 -51.32 40.94 -22.43
C ILE J 17 -51.55 42.36 -22.95
N LYS J 18 -50.57 42.89 -23.68
CA LYS J 18 -50.68 44.22 -24.28
C LYS J 18 -51.94 44.32 -25.13
N GLU J 19 -52.18 43.30 -25.95
CA GLU J 19 -53.33 43.28 -26.85
C GLU J 19 -54.67 43.24 -26.09
N ARG J 20 -54.78 42.39 -25.08
CA ARG J 20 -56.03 42.28 -24.30
C ARG J 20 -56.32 43.54 -23.50
N ALA J 21 -55.27 44.16 -22.95
CA ALA J 21 -55.41 45.41 -22.21
C ALA J 21 -55.89 46.55 -23.10
N GLY J 22 -55.50 46.51 -24.37
CA GLY J 22 -55.92 47.52 -25.33
C GLY J 22 -57.42 47.57 -25.56
N GLU J 23 -58.11 46.44 -25.36
CA GLU J 23 -59.56 46.40 -25.51
C GLU J 23 -60.30 47.05 -24.33
N PHE J 24 -59.61 47.23 -23.20
CA PHE J 24 -60.22 47.87 -22.01
C PHE J 24 -59.82 49.33 -21.80
N GLY J 25 -58.69 49.75 -22.37
CA GLY J 25 -58.24 51.13 -22.22
C GLY J 25 -56.89 51.41 -22.85
N GLU J 26 -56.33 52.57 -22.53
CA GLU J 26 -55.02 52.95 -23.06
C GLU J 26 -53.94 52.12 -22.38
N VAL J 27 -53.15 51.42 -23.18
CA VAL J 27 -52.01 50.66 -22.67
C VAL J 27 -50.76 51.55 -22.64
N VAL J 28 -50.01 51.49 -21.54
CA VAL J 28 -48.77 52.25 -21.37
C VAL J 28 -47.65 51.26 -21.11
N MET J 29 -46.85 51.00 -22.14
CA MET J 29 -45.80 50.01 -22.07
C MET J 29 -44.59 50.61 -21.35
N LEU J 30 -44.24 50.02 -20.21
CA LEU J 30 -43.16 50.55 -19.38
C LEU J 30 -41.97 49.59 -19.34
N HIS J 31 -40.97 49.86 -20.17
CA HIS J 31 -39.74 49.11 -20.09
C HIS J 31 -39.03 49.50 -18.78
N GLU J 32 -38.10 48.67 -18.33
CA GLU J 32 -37.34 48.99 -17.13
C GLU J 32 -36.64 50.37 -17.17
N ASP J 33 -36.20 50.79 -18.36
CA ASP J 33 -35.63 52.13 -18.58
C ASP J 33 -36.60 53.27 -18.24
N ASP J 34 -37.91 53.02 -18.38
CA ASP J 34 -38.93 54.02 -18.09
C ASP J 34 -39.28 54.10 -16.61
N LEU J 35 -38.66 53.25 -15.79
CA LEU J 35 -38.99 53.18 -14.36
C LEU J 35 -38.04 54.04 -13.55
N LEU J 36 -38.57 55.11 -12.99
CA LEU J 36 -37.78 56.02 -12.18
C LEU J 36 -38.66 56.56 -11.07
N PHE J 37 -38.19 56.41 -9.83
CA PHE J 37 -38.97 56.77 -8.66
C PHE J 37 -38.14 57.63 -7.70
N PRO J 38 -38.79 58.55 -6.96
CA PRO J 38 -40.20 58.94 -7.14
C PRO J 38 -40.47 59.53 -8.51
N GLY J 39 -41.70 59.40 -8.97
CA GLY J 39 -42.10 59.91 -10.27
C GLY J 39 -43.58 60.09 -10.28
N ASN J 40 -44.08 60.76 -11.31
CA ASN J 40 -45.51 60.93 -11.48
C ASN J 40 -45.97 60.00 -12.59
N TYR J 41 -46.68 58.95 -12.19
CA TYR J 41 -47.27 58.03 -13.13
C TYR J 41 -48.79 58.18 -13.03
N ASP J 42 -49.45 58.15 -14.18
CA ASP J 42 -50.89 58.37 -14.25
C ASP J 42 -51.52 57.06 -14.73
N LEU J 43 -51.53 56.07 -13.84
CA LEU J 43 -52.05 54.75 -14.15
C LEU J 43 -53.10 54.35 -13.12
N ASP J 44 -54.09 53.61 -13.58
CA ASP J 44 -55.11 53.06 -12.70
C ASP J 44 -54.71 51.69 -12.19
N VAL J 45 -53.80 51.02 -12.90
CA VAL J 45 -53.30 49.71 -12.48
C VAL J 45 -52.08 49.36 -13.31
N VAL J 46 -51.15 48.62 -12.72
CA VAL J 46 -49.96 48.17 -13.45
C VAL J 46 -49.88 46.65 -13.41
N ILE J 47 -49.61 46.05 -14.55
CA ILE J 47 -49.41 44.62 -14.64
C ILE J 47 -47.90 44.35 -14.63
N ILE J 48 -47.43 43.63 -13.61
CA ILE J 48 -46.00 43.41 -13.39
C ILE J 48 -45.51 42.20 -14.18
N ARG J 49 -44.70 42.43 -15.21
CA ARG J 49 -44.18 41.34 -16.05
C ARG J 49 -42.65 41.30 -16.18
N ASN J 50 -41.93 41.93 -15.26
CA ASN J 50 -40.46 41.96 -15.34
C ASN J 50 -39.92 40.54 -15.24
N VAL J 51 -38.94 40.19 -16.06
CA VAL J 51 -38.39 38.82 -16.06
C VAL J 51 -37.62 38.53 -14.77
N SER J 52 -36.85 39.49 -14.29
CA SER J 52 -36.21 39.35 -13.00
C SER J 52 -37.27 39.36 -11.90
N HIS J 53 -37.34 38.29 -11.13
CA HIS J 53 -38.21 38.22 -9.98
C HIS J 53 -38.00 39.38 -9.02
N PHE J 54 -36.75 39.76 -8.79
CA PHE J 54 -36.47 40.83 -7.83
C PHE J 54 -36.83 42.19 -8.38
N LYS J 55 -36.58 42.43 -9.67
CA LYS J 55 -37.01 43.68 -10.28
C LYS J 55 -38.53 43.78 -10.28
N ALA J 56 -39.23 42.67 -10.49
CA ALA J 56 -40.70 42.67 -10.37
C ALA J 56 -41.18 43.11 -8.98
N LEU J 57 -40.58 42.53 -7.95
CA LEU J 57 -40.93 42.83 -6.56
C LEU J 57 -40.78 44.30 -6.23
N TYR J 58 -39.61 44.85 -6.58
CA TYR J 58 -39.33 46.25 -6.30
C TYR J 58 -40.20 47.20 -7.11
N THR J 59 -40.47 46.92 -8.39
CA THR J 59 -41.32 47.83 -9.17
C THR J 59 -42.77 47.79 -8.69
N ALA J 60 -43.23 46.61 -8.26
CA ALA J 60 -44.52 46.50 -7.60
C ALA J 60 -44.57 47.39 -6.36
N ARG J 61 -43.60 47.23 -5.46
CA ARG J 61 -43.55 48.06 -4.25
C ARG J 61 -43.49 49.56 -4.56
N LEU J 62 -42.74 49.92 -5.60
CA LEU J 62 -42.54 51.32 -5.94
C LEU J 62 -43.82 51.95 -6.47
N PHE J 63 -44.51 51.24 -7.37
CA PHE J 63 -45.82 51.71 -7.84
C PHE J 63 -46.82 51.83 -6.69
N GLU J 64 -46.87 50.82 -5.84
CA GLU J 64 -47.73 50.88 -4.65
C GLU J 64 -47.45 52.15 -3.84
N SER J 65 -46.19 52.54 -3.75
CA SER J 65 -45.82 53.77 -3.04
C SER J 65 -46.35 55.04 -3.72
N GLU J 66 -46.63 54.97 -5.03
CA GLU J 66 -47.28 56.06 -5.76
C GLU J 66 -48.80 55.96 -5.74
N GLY J 67 -49.35 55.06 -4.93
CA GLY J 67 -50.80 54.86 -4.84
C GLY J 67 -51.41 54.17 -6.05
N ILE J 68 -50.62 53.35 -6.74
CA ILE J 68 -51.08 52.69 -7.95
C ILE J 68 -51.05 51.18 -7.71
N PRO J 69 -52.22 50.52 -7.75
CA PRO J 69 -52.28 49.10 -7.44
C PRO J 69 -51.61 48.29 -8.52
N THR J 70 -51.10 47.14 -8.11
CA THR J 70 -50.20 46.38 -8.93
C THR J 70 -50.66 44.92 -8.96
N VAL J 71 -50.58 44.29 -10.12
CA VAL J 71 -50.93 42.87 -10.28
C VAL J 71 -49.74 42.12 -10.88
N ASN J 72 -49.07 41.25 -10.12
CA ASN J 72 -49.38 40.95 -8.71
C ASN J 72 -48.84 41.99 -7.76
N SER J 73 -49.32 41.96 -6.53
CA SER J 73 -48.86 42.89 -5.48
C SER J 73 -47.45 42.55 -5.01
N SER J 74 -46.77 43.53 -4.41
CA SER J 74 -45.41 43.30 -3.91
C SER J 74 -45.40 42.20 -2.85
N ARG J 75 -46.46 42.16 -2.02
CA ARG J 75 -46.59 41.14 -1.00
C ARG J 75 -46.70 39.73 -1.58
N LEU J 76 -47.59 39.55 -2.55
CA LEU J 76 -47.72 38.23 -3.19
C LEU J 76 -46.45 37.86 -3.95
N ILE J 77 -45.86 38.83 -4.65
CA ILE J 77 -44.64 38.56 -5.40
C ILE J 77 -43.58 38.01 -4.44
N PHE J 78 -43.43 38.63 -3.27
CA PHE J 78 -42.45 38.16 -2.31
C PHE J 78 -42.84 36.83 -1.66
N GLU J 79 -44.03 36.76 -1.07
CA GLU J 79 -44.46 35.55 -0.37
C GLU J 79 -44.50 34.33 -1.29
N ALA J 80 -45.17 34.47 -2.43
CA ALA J 80 -45.35 33.39 -3.37
C ALA J 80 -44.05 33.02 -4.08
N GLY J 81 -43.23 34.04 -4.36
CA GLY J 81 -42.00 33.87 -5.11
C GLY J 81 -40.86 33.21 -4.34
N ASP J 82 -40.88 33.31 -3.01
CA ASP J 82 -39.87 32.66 -2.18
C ASP J 82 -40.34 31.25 -1.78
N LYS J 83 -39.56 30.22 -2.06
CA LYS J 83 -40.00 28.84 -1.81
C LYS J 83 -40.36 28.62 -0.34
N LEU J 84 -39.60 29.25 0.55
CA LEU J 84 -39.72 28.96 1.97
C LEU J 84 -40.92 29.68 2.53
N PHE J 85 -41.03 30.98 2.25
CA PHE J 85 -42.20 31.75 2.67
C PHE J 85 -43.46 31.11 2.12
N ALA J 86 -43.42 30.74 0.84
CA ALA J 86 -44.60 30.14 0.21
C ALA J 86 -45.00 28.81 0.86
N THR J 87 -44.01 27.95 1.12
CA THR J 87 -44.26 26.68 1.81
C THR J 87 -44.89 26.90 3.19
N LEU J 88 -44.44 27.91 3.92
CA LEU J 88 -45.01 28.23 5.23
C LEU J 88 -46.47 28.65 5.10
N ARG J 89 -46.83 29.28 3.98
CA ARG J 89 -48.22 29.69 3.76
C ARG J 89 -49.09 28.51 3.29
N LEU J 90 -48.54 27.66 2.43
CA LEU J 90 -49.26 26.48 1.94
C LEU J 90 -49.48 25.42 3.02
N ALA J 91 -48.56 25.31 3.96
CA ALA J 91 -48.59 24.23 4.97
C ALA J 91 -49.86 24.23 5.82
N GLY J 92 -50.43 23.03 5.97
CA GLY J 92 -51.69 22.86 6.70
C GLY J 92 -52.93 23.22 5.91
N LYS J 93 -52.77 23.86 4.75
CA LYS J 93 -53.89 24.19 3.87
C LYS J 93 -54.03 23.16 2.74
N VAL J 94 -52.91 22.73 2.17
CA VAL J 94 -52.91 21.73 1.12
C VAL J 94 -51.81 20.74 1.40
N PRO J 95 -51.90 19.52 0.85
CA PRO J 95 -50.74 18.65 1.01
C PRO J 95 -49.52 19.19 0.24
N VAL J 96 -48.35 19.07 0.85
CA VAL J 96 -47.10 19.44 0.20
C VAL J 96 -46.08 18.35 0.43
N PRO J 97 -45.01 18.31 -0.38
CA PRO J 97 -43.92 17.36 -0.09
C PRO J 97 -43.27 17.69 1.23
N GLU J 98 -42.82 16.67 1.96
CA GLU J 98 -42.10 16.92 3.21
C GLU J 98 -40.90 17.82 2.91
N TRP J 99 -40.64 18.78 3.81
CA TRP J 99 -39.57 19.72 3.57
C TRP J 99 -38.81 20.00 4.85
N LYS J 100 -37.63 20.57 4.69
CA LYS J 100 -36.84 20.97 5.82
C LYS J 100 -36.09 22.23 5.42
N ALA J 101 -35.86 23.13 6.39
CA ALA J 101 -35.02 24.31 6.21
C ALA J 101 -33.92 24.41 7.29
N ALA J 102 -32.71 24.70 6.85
CA ALA J 102 -31.57 24.92 7.75
C ALA J 102 -30.90 26.25 7.42
N LEU J 103 -30.17 26.77 8.39
CA LEU J 103 -29.58 28.10 8.28
C LEU J 103 -28.05 28.08 8.10
N SER J 104 -27.46 26.89 8.15
CA SER J 104 -26.01 26.74 7.97
C SER J 104 -25.70 25.39 7.40
N GLU J 105 -24.44 25.20 7.02
CA GLU J 105 -23.98 23.94 6.47
C GLU J 105 -24.16 22.80 7.48
N GLY J 106 -23.78 23.05 8.73
CA GLY J 106 -23.90 22.04 9.80
C GLY J 106 -25.32 21.57 10.05
N GLY J 107 -26.26 22.51 10.08
CA GLY J 107 -27.68 22.18 10.22
C GLY J 107 -28.23 21.43 9.02
N ALA J 108 -27.80 21.82 7.82
CA ALA J 108 -28.20 21.13 6.59
C ALA J 108 -27.78 19.65 6.58
N LEU J 109 -26.63 19.35 7.18
CA LEU J 109 -26.14 17.96 7.23
C LEU J 109 -27.06 17.00 8.01
N ARG J 110 -27.90 17.52 8.91
CA ARG J 110 -28.85 16.70 9.65
C ARG J 110 -30.19 16.51 8.93
N VAL J 111 -30.39 17.24 7.84
CA VAL J 111 -31.65 17.16 7.10
C VAL J 111 -32.01 15.73 6.66
N PRO J 112 -31.03 14.96 6.17
CA PRO J 112 -31.32 13.58 5.74
C PRO J 112 -31.91 12.69 6.83
N ASP J 113 -31.63 12.99 8.09
CA ASP J 113 -32.20 12.21 9.19
C ASP J 113 -33.72 12.34 9.28
N SER J 114 -34.25 13.47 8.82
CA SER J 114 -35.68 13.71 8.77
C SER J 114 -36.28 13.24 7.46
N LEU J 115 -35.67 13.63 6.36
CA LEU J 115 -36.26 13.45 5.03
C LEU J 115 -35.85 12.15 4.35
N GLY J 116 -34.70 11.60 4.74
CA GLY J 116 -34.13 10.46 4.03
C GLY J 116 -33.58 10.84 2.66
N TYR J 117 -32.99 9.87 1.98
CA TYR J 117 -32.48 10.02 0.62
C TYR J 117 -33.38 9.22 -0.32
N PRO J 118 -33.55 9.66 -1.57
CA PRO J 118 -33.01 10.89 -2.14
C PRO J 118 -33.79 12.11 -1.69
N LEU J 119 -33.12 13.25 -1.65
CA LEU J 119 -33.76 14.52 -1.38
C LEU J 119 -33.39 15.57 -2.43
N VAL J 120 -34.15 16.66 -2.43
CA VAL J 120 -34.02 17.72 -3.40
C VAL J 120 -33.63 19.02 -2.72
N SER J 121 -32.51 19.57 -3.20
CA SER J 121 -32.04 20.88 -2.77
C SER J 121 -32.45 21.89 -3.85
N LYS J 122 -32.90 23.05 -3.44
CA LYS J 122 -33.22 24.08 -4.41
C LYS J 122 -33.12 25.46 -3.78
N PRO J 123 -32.73 26.46 -4.57
CA PRO J 123 -32.61 27.80 -4.01
C PRO J 123 -33.98 28.36 -3.73
N VAL J 124 -34.05 29.22 -2.71
CA VAL J 124 -35.30 29.72 -2.22
C VAL J 124 -35.95 30.72 -3.21
N PHE J 125 -35.14 31.38 -4.04
CA PHE J 125 -35.63 32.43 -4.97
C PHE J 125 -35.64 32.01 -6.44
N GLY J 126 -35.29 30.76 -6.72
CA GLY J 126 -35.09 30.34 -8.09
C GLY J 126 -36.35 30.10 -8.91
N SER J 127 -36.14 29.94 -10.20
CA SER J 127 -37.18 29.59 -11.16
C SER J 127 -36.52 28.83 -12.33
N TRP J 128 -37.33 28.33 -13.26
CA TRP J 128 -36.84 27.62 -14.45
C TRP J 128 -36.04 26.34 -14.15
N GLY J 129 -36.22 25.81 -12.93
CA GLY J 129 -35.55 24.61 -12.51
C GLY J 129 -34.05 24.75 -12.31
N ARG J 130 -33.57 25.99 -12.13
CA ARG J 130 -32.12 26.22 -12.05
C ARG J 130 -31.61 25.88 -10.66
N LEU J 131 -30.41 25.31 -10.60
CA LEU J 131 -29.75 24.94 -9.36
C LEU J 131 -30.52 23.90 -8.51
N LEU J 132 -31.51 23.24 -9.10
CA LEU J 132 -32.15 22.11 -8.46
C LEU J 132 -31.13 21.01 -8.42
N ALA J 133 -31.10 20.25 -7.32
CA ALA J 133 -30.21 19.10 -7.21
C ALA J 133 -30.91 17.91 -6.57
N LYS J 134 -30.81 16.76 -7.22
CA LYS J 134 -31.23 15.49 -6.65
C LYS J 134 -30.03 14.88 -5.93
N VAL J 135 -30.16 14.78 -4.61
CA VAL J 135 -29.08 14.38 -3.71
C VAL J 135 -29.37 12.98 -3.22
N ASN J 136 -28.57 12.01 -3.67
CA ASN J 136 -28.80 10.60 -3.32
C ASN J 136 -28.05 10.12 -2.09
N ASP J 137 -27.07 10.87 -1.64
CA ASP J 137 -26.27 10.46 -0.51
C ASP J 137 -25.52 11.63 0.10
N ARG J 138 -24.81 11.33 1.19
CA ARG J 138 -24.06 12.31 1.96
C ARG J 138 -22.95 12.99 1.14
N ASP J 139 -22.28 12.26 0.26
CA ASP J 139 -21.25 12.86 -0.59
C ASP J 139 -21.83 13.94 -1.48
N SER J 140 -23.01 13.67 -2.05
CA SER J 140 -23.70 14.62 -2.90
C SER J 140 -24.16 15.84 -2.11
N LEU J 141 -24.65 15.59 -0.90
CA LEU J 141 -25.11 16.68 -0.03
C LEU J 141 -23.94 17.60 0.27
N GLU J 142 -22.83 17.03 0.71
CA GLU J 142 -21.62 17.81 0.97
C GLU J 142 -21.15 18.57 -0.26
N ALA J 143 -21.24 17.93 -1.43
CA ALA J 143 -20.87 18.61 -2.67
C ALA J 143 -21.72 19.86 -2.91
N VAL J 144 -23.02 19.71 -2.80
CA VAL J 144 -23.96 20.79 -3.02
C VAL J 144 -23.76 21.91 -2.01
N LEU J 145 -23.59 21.55 -0.73
CA LEU J 145 -23.36 22.55 0.32
C LEU J 145 -22.04 23.29 0.13
N GLU J 146 -20.97 22.57 -0.20
CA GLU J 146 -19.69 23.23 -0.51
C GLU J 146 -19.81 24.28 -1.62
N HIS J 147 -20.51 23.93 -2.70
CA HIS J 147 -20.68 24.87 -3.82
C HIS J 147 -21.56 26.05 -3.49
N ARG J 148 -22.67 25.76 -2.84
CA ARG J 148 -23.55 26.78 -2.31
C ARG J 148 -22.75 27.81 -1.50
N LYS J 149 -21.92 27.31 -0.60
CA LYS J 149 -21.10 28.13 0.29
C LYS J 149 -20.23 29.11 -0.48
N TRP J 150 -19.58 28.64 -1.55
CA TRP J 150 -18.69 29.51 -2.32
C TRP J 150 -19.43 30.47 -3.25
N MET J 151 -20.73 30.28 -3.44
CA MET J 151 -21.48 31.21 -4.23
C MET J 151 -21.68 32.51 -3.44
N LYS J 152 -21.51 33.62 -4.14
CA LYS J 152 -21.61 34.95 -3.53
C LYS J 152 -22.91 35.23 -2.76
N ASN J 153 -24.06 34.79 -3.28
CA ASN J 153 -25.35 35.36 -2.90
C ASN J 153 -25.71 34.85 -1.51
N PRO J 154 -25.88 35.75 -0.53
CA PRO J 154 -26.23 35.24 0.79
C PRO J 154 -27.54 34.45 0.84
N LEU J 155 -28.43 34.63 -0.13
CA LEU J 155 -29.65 33.81 -0.20
C LEU J 155 -29.37 32.31 -0.36
N TYR J 156 -28.21 31.98 -0.93
CA TYR J 156 -27.81 30.58 -1.06
C TYR J 156 -27.45 29.94 0.28
N GLY J 157 -27.40 30.73 1.35
CA GLY J 157 -27.19 30.23 2.70
C GLY J 157 -28.45 29.81 3.43
N ILE J 158 -29.61 30.04 2.82
CA ILE J 158 -30.87 29.52 3.34
C ILE J 158 -31.07 28.19 2.64
N HIS J 159 -30.96 27.10 3.38
CA HIS J 159 -30.94 25.77 2.76
C HIS J 159 -32.32 25.15 2.86
N TYR J 160 -32.99 25.06 1.72
CA TYR J 160 -34.33 24.50 1.62
C TYR J 160 -34.25 23.16 0.90
N PHE J 161 -34.89 22.14 1.48
CA PHE J 161 -34.89 20.80 0.96
C PHE J 161 -36.29 20.24 0.97
N GLN J 162 -36.58 19.36 0.02
CA GLN J 162 -37.76 18.51 0.02
C GLN J 162 -37.34 17.05 -0.13
N GLU J 163 -38.19 16.14 0.32
CA GLU J 163 -38.11 14.74 -0.08
C GLU J 163 -38.20 14.67 -1.61
N PHE J 164 -37.52 13.70 -2.23
CA PHE J 164 -37.67 13.47 -3.66
C PHE J 164 -38.96 12.73 -3.90
N VAL J 165 -39.84 13.32 -4.69
CA VAL J 165 -41.10 12.69 -5.06
C VAL J 165 -40.95 11.96 -6.37
N GLU J 166 -41.35 10.69 -6.40
CA GLU J 166 -41.30 9.90 -7.63
C GLU J 166 -42.54 10.16 -8.47
N LYS J 167 -42.41 11.09 -9.40
CA LYS J 167 -43.50 11.51 -10.25
C LYS J 167 -43.57 10.56 -11.45
N PRO J 168 -44.74 10.48 -12.11
CA PRO J 168 -44.87 9.61 -13.30
C PRO J 168 -44.34 10.25 -14.59
N GLY J 169 -43.06 10.65 -14.63
CA GLY J 169 -42.47 11.20 -15.85
C GLY J 169 -43.01 12.55 -16.26
N ARG J 170 -43.64 13.26 -15.32
CA ARG J 170 -44.26 14.54 -15.61
C ARG J 170 -44.64 15.23 -14.30
N ASP J 171 -44.97 16.51 -14.39
CA ASP J 171 -45.68 17.15 -13.30
C ASP J 171 -46.82 18.00 -13.86
N ILE J 172 -47.50 18.73 -12.99
CA ILE J 172 -48.70 19.46 -13.36
C ILE J 172 -48.46 20.94 -13.06
N ARG J 173 -48.81 21.76 -14.03
CA ARG J 173 -48.81 23.20 -13.89
C ARG J 173 -50.25 23.68 -14.13
N SER J 174 -50.82 24.34 -13.13
CA SER J 174 -52.16 24.89 -13.21
C SER J 174 -52.16 26.39 -12.98
N TYR J 175 -53.28 27.02 -13.32
CA TYR J 175 -53.41 28.47 -13.25
C TYR J 175 -54.70 28.85 -12.55
N VAL J 176 -54.59 29.69 -11.53
CA VAL J 176 -55.74 30.25 -10.84
C VAL J 176 -55.58 31.76 -10.76
N ILE J 177 -56.57 32.49 -11.26
CA ILE J 177 -56.53 33.95 -11.31
C ILE J 177 -57.76 34.50 -10.59
N GLY J 178 -57.54 35.26 -9.53
CA GLY J 178 -58.65 35.86 -8.76
C GLY J 178 -59.56 34.85 -8.07
N GLY J 179 -59.07 33.64 -7.88
CA GLY J 179 -59.88 32.56 -7.30
C GLY J 179 -60.47 31.63 -8.33
N GLU J 180 -60.42 32.00 -9.61
CA GLU J 180 -61.01 31.21 -10.70
C GLU J 180 -59.93 30.33 -11.33
N PHE J 181 -60.16 29.02 -11.34
CA PHE J 181 -59.35 28.08 -12.09
C PHE J 181 -59.51 28.39 -13.56
N VAL J 182 -58.41 28.64 -14.27
CA VAL J 182 -58.48 28.90 -15.71
C VAL J 182 -57.80 27.86 -16.60
N GLY J 183 -57.11 26.87 -16.03
CA GLY J 183 -56.52 25.81 -16.86
C GLY J 183 -55.30 25.14 -16.24
N ALA J 184 -54.94 24.00 -16.81
CA ALA J 184 -53.80 23.23 -16.36
C ALA J 184 -53.22 22.38 -17.48
N ILE J 185 -51.93 22.09 -17.34
CA ILE J 185 -51.21 21.24 -18.29
C ILE J 185 -50.34 20.22 -17.55
N TYR J 186 -50.01 19.14 -18.24
CA TYR J 186 -48.90 18.29 -17.83
C TYR J 186 -47.64 18.87 -18.43
N ARG J 187 -46.52 18.77 -17.71
CA ARG J 187 -45.20 19.03 -18.29
C ARG J 187 -44.39 17.73 -18.27
N TYR J 188 -44.14 17.16 -19.45
CA TYR J 188 -43.42 15.90 -19.60
C TYR J 188 -41.94 16.14 -19.83
N SER J 189 -41.11 15.25 -19.29
CA SER J 189 -39.70 15.20 -19.61
C SER J 189 -39.19 13.79 -19.33
N ASN J 190 -38.08 13.41 -19.98
CA ASN J 190 -37.39 12.19 -19.54
C ASN J 190 -36.55 12.43 -18.31
N HIS J 191 -36.38 13.70 -17.93
CA HIS J 191 -35.60 14.08 -16.76
C HIS J 191 -36.58 14.47 -15.65
N TRP J 192 -36.20 14.20 -14.40
CA TRP J 192 -37.05 14.53 -13.24
C TRP J 192 -37.42 16.02 -13.14
N ILE J 193 -36.59 16.90 -13.69
CA ILE J 193 -36.87 18.34 -13.73
C ILE J 193 -37.62 18.62 -15.02
N THR J 194 -38.89 19.02 -14.89
CA THR J 194 -39.83 19.05 -16.00
C THR J 194 -40.11 20.44 -16.60
N ASN J 195 -39.50 21.50 -16.08
CA ASN J 195 -39.85 22.87 -16.53
C ASN J 195 -39.80 22.93 -18.03
N THR J 196 -40.73 23.66 -18.64
CA THR J 196 -40.65 23.90 -20.09
C THR J 196 -39.40 24.72 -20.44
N ALA J 197 -38.97 25.60 -19.54
CA ALA J 197 -37.74 26.41 -19.75
C ALA J 197 -36.49 25.55 -20.00
N ARG J 198 -36.46 24.35 -19.43
CA ARG J 198 -35.39 23.38 -19.67
C ARG J 198 -35.74 22.29 -20.70
N GLY J 199 -36.80 22.51 -21.49
CA GLY J 199 -37.13 21.57 -22.56
C GLY J 199 -38.31 20.65 -22.30
N GLY J 200 -38.93 20.75 -21.13
CA GLY J 200 -40.14 19.99 -20.84
C GLY J 200 -41.26 20.39 -21.78
N LYS J 201 -42.22 19.48 -21.98
CA LYS J 201 -43.24 19.62 -23.02
C LYS J 201 -44.67 19.62 -22.50
N ALA J 202 -45.44 20.63 -22.90
CA ALA J 202 -46.81 20.79 -22.41
C ALA J 202 -47.80 19.84 -23.10
N GLU J 203 -48.76 19.35 -22.32
CA GLU J 203 -49.95 18.65 -22.82
C GLU J 203 -51.14 19.06 -21.95
N PRO J 204 -52.38 18.99 -22.49
CA PRO J 204 -53.52 19.41 -21.68
C PRO J 204 -53.80 18.48 -20.48
N CYS J 205 -54.15 19.06 -19.34
CA CYS J 205 -54.51 18.30 -18.14
C CYS J 205 -55.95 18.60 -17.74
N SER J 206 -56.83 17.60 -17.79
CA SER J 206 -58.24 17.81 -17.46
C SER J 206 -58.69 17.05 -16.20
N ASP J 207 -57.75 16.71 -15.34
CA ASP J 207 -58.02 16.02 -14.06
C ASP J 207 -58.80 16.94 -13.10
N PRO J 208 -60.02 16.53 -12.69
CA PRO J 208 -60.82 17.40 -11.81
C PRO J 208 -60.23 17.59 -10.41
N GLU J 209 -59.42 16.64 -9.95
CA GLU J 209 -58.76 16.81 -8.67
C GLU J 209 -57.82 18.02 -8.69
N VAL J 210 -57.12 18.26 -9.80
CA VAL J 210 -56.12 19.35 -9.79
C VAL J 210 -56.82 20.71 -9.71
N GLU J 211 -57.99 20.81 -10.33
CA GLU J 211 -58.77 22.03 -10.27
C GLU J 211 -59.09 22.45 -8.83
N GLU J 212 -59.62 21.53 -8.04
CA GLU J 212 -59.97 21.81 -6.64
C GLU J 212 -58.73 22.13 -5.81
N LEU J 213 -57.74 21.25 -5.89
CA LEU J 213 -56.47 21.46 -5.18
C LEU J 213 -55.84 22.81 -5.52
N SER J 214 -55.87 23.16 -6.80
CA SER J 214 -55.31 24.42 -7.29
C SER J 214 -55.98 25.64 -6.65
N VAL J 215 -57.30 25.59 -6.49
CA VAL J 215 -58.03 26.69 -5.87
C VAL J 215 -57.69 26.80 -4.38
N LYS J 216 -57.63 25.66 -3.67
CA LYS J 216 -57.16 25.61 -2.28
C LYS J 216 -55.76 26.24 -2.11
N ALA J 217 -54.83 25.85 -2.97
CA ALA J 217 -53.48 26.43 -2.97
C ALA J 217 -53.53 27.95 -3.16
N TRP J 218 -54.33 28.43 -4.12
CA TRP J 218 -54.47 29.88 -4.33
C TRP J 218 -55.05 30.54 -3.08
N GLU J 219 -56.03 29.88 -2.45
CA GLU J 219 -56.70 30.43 -1.26
C GLU J 219 -55.78 30.63 -0.07
N ALA J 220 -54.64 29.93 -0.03
CA ALA J 220 -53.62 30.15 0.99
C ALA J 220 -53.03 31.56 0.90
N PHE J 221 -53.07 32.15 -0.29
CA PHE J 221 -52.60 33.51 -0.52
C PHE J 221 -53.75 34.50 -0.66
N GLY J 222 -54.86 34.05 -1.24
CA GLY J 222 -56.10 34.84 -1.23
C GLY J 222 -56.11 36.06 -2.14
N GLU J 223 -55.23 36.11 -3.13
CA GLU J 223 -55.18 37.23 -4.05
C GLU J 223 -54.35 36.87 -5.29
N GLY J 224 -54.57 37.63 -6.36
CA GLY J 224 -53.67 37.65 -7.49
C GLY J 224 -53.80 36.53 -8.51
N ALA J 225 -52.79 36.47 -9.39
CA ALA J 225 -52.72 35.50 -10.46
C ALA J 225 -51.53 34.58 -10.20
N LEU J 226 -51.81 33.31 -9.94
CA LEU J 226 -50.77 32.34 -9.60
C LEU J 226 -50.71 31.18 -10.57
N ALA J 227 -49.49 30.83 -10.95
CA ALA J 227 -49.20 29.58 -11.62
C ALA J 227 -48.75 28.61 -10.53
N ILE J 228 -49.37 27.46 -10.48
CA ILE J 228 -49.20 26.51 -9.41
C ILE J 228 -48.59 25.23 -9.96
N ASP J 229 -47.60 24.68 -9.25
CA ASP J 229 -46.93 23.44 -9.62
C ASP J 229 -47.38 22.32 -8.71
N ILE J 230 -47.86 21.23 -9.31
CA ILE J 230 -48.38 20.09 -8.58
C ILE J 230 -47.68 18.79 -9.01
N PHE J 231 -47.40 17.94 -8.03
CA PHE J 231 -46.81 16.62 -8.28
C PHE J 231 -47.83 15.51 -8.04
N GLU J 232 -47.84 14.51 -8.90
CA GLU J 232 -48.55 13.26 -8.65
C GLU J 232 -47.59 12.35 -7.91
N SER J 233 -48.07 11.70 -6.85
CA SER J 233 -47.24 10.81 -6.07
C SER J 233 -48.06 9.62 -5.66
N GLU J 234 -47.39 8.59 -5.13
CA GLU J 234 -48.06 7.42 -4.60
C GLU J 234 -48.99 7.75 -3.42
N LYS J 235 -48.78 8.89 -2.77
CA LYS J 235 -49.71 9.38 -1.74
C LYS J 235 -50.62 10.54 -2.21
N GLY J 236 -50.94 10.58 -3.50
CA GLY J 236 -51.85 11.60 -4.03
C GLY J 236 -51.16 12.88 -4.45
N LEU J 237 -51.95 13.89 -4.81
CA LEU J 237 -51.42 15.13 -5.35
C LEU J 237 -50.78 16.00 -4.29
N LEU J 238 -49.58 16.51 -4.58
CA LEU J 238 -48.87 17.39 -3.69
C LEU J 238 -48.68 18.74 -4.34
N VAL J 239 -48.90 19.82 -3.59
CA VAL J 239 -48.57 21.17 -4.08
C VAL J 239 -47.11 21.48 -3.77
N ASN J 240 -46.33 21.74 -4.83
CA ASN J 240 -44.89 21.97 -4.70
C ASN J 240 -44.59 23.44 -4.50
N GLU J 241 -45.16 24.25 -5.35
CA GLU J 241 -44.71 25.60 -5.53
C GLU J 241 -45.79 26.45 -6.16
N VAL J 242 -45.60 27.75 -6.05
CA VAL J 242 -46.53 28.74 -6.58
C VAL J 242 -45.66 29.84 -7.21
N ASN J 243 -46.12 30.48 -8.28
CA ASN J 243 -45.29 31.39 -9.08
C ASN J 243 -46.07 32.67 -9.44
N PRO J 244 -45.59 33.84 -9.02
CA PRO J 244 -46.33 35.09 -9.19
C PRO J 244 -46.01 35.91 -10.42
N ASN J 245 -45.16 35.43 -11.33
CA ASN J 245 -44.98 36.07 -12.63
C ASN J 245 -45.10 35.04 -13.74
N MET J 246 -46.27 34.45 -13.82
CA MET J 246 -46.55 33.30 -14.67
C MET J 246 -46.11 33.45 -16.13
N GLU J 247 -45.47 32.40 -16.64
CA GLU J 247 -45.39 32.18 -18.08
C GLU J 247 -46.52 31.20 -18.42
N PHE J 248 -47.00 31.29 -19.66
CA PHE J 248 -48.15 30.50 -20.09
C PHE J 248 -48.27 30.24 -21.60
N LYS J 249 -47.29 30.65 -22.42
CA LYS J 249 -47.44 30.56 -23.88
C LYS J 249 -47.68 29.13 -24.36
N ASN J 250 -46.96 28.15 -23.81
CA ASN J 250 -47.22 26.74 -24.13
C ASN J 250 -48.55 26.30 -23.51
N ALA J 251 -48.84 26.76 -22.30
CA ALA J 251 -50.06 26.35 -21.61
C ALA J 251 -51.32 26.86 -22.33
N ALA J 252 -51.35 28.14 -22.70
CA ALA J 252 -52.44 28.70 -23.50
C ALA J 252 -52.62 27.97 -24.82
N ARG J 253 -51.51 27.78 -25.55
CA ARG J 253 -51.54 27.11 -26.84
C ARG J 253 -52.18 25.73 -26.75
N VAL J 254 -51.82 25.00 -25.70
CA VAL J 254 -52.15 23.58 -25.55
C VAL J 254 -53.56 23.34 -24.97
N THR J 255 -53.99 24.23 -24.07
CA THR J 255 -55.32 24.13 -23.49
C THR J 255 -56.35 24.98 -24.25
N GLY J 256 -55.87 25.98 -24.97
CA GLY J 256 -56.76 26.96 -25.59
C GLY J 256 -57.37 27.93 -24.60
N ALA J 257 -56.89 27.97 -23.38
CA ALA J 257 -57.39 28.93 -22.40
C ALA J 257 -56.73 30.28 -22.64
N ASP J 258 -57.48 31.35 -22.43
CA ASP J 258 -57.01 32.70 -22.62
C ASP J 258 -56.44 33.24 -21.30
N MET J 259 -55.19 32.90 -21.00
CA MET J 259 -54.58 33.21 -19.71
C MET J 259 -54.25 34.70 -19.65
N ALA J 260 -53.75 35.22 -20.75
CA ALA J 260 -53.51 36.65 -20.90
C ALA J 260 -54.79 37.46 -20.66
N GLY J 261 -55.89 37.03 -21.27
CA GLY J 261 -57.17 37.72 -21.15
C GLY J 261 -57.68 37.71 -19.72
N LYS J 262 -57.64 36.54 -19.07
CA LYS J 262 -58.07 36.43 -17.69
C LYS J 262 -57.22 37.29 -16.76
N LEU J 263 -55.91 37.32 -16.99
CA LEU J 263 -55.01 38.16 -16.17
C LEU J 263 -55.42 39.62 -16.29
N VAL J 264 -55.72 40.05 -17.51
CA VAL J 264 -56.12 41.43 -17.80
C VAL J 264 -57.47 41.79 -17.19
N GLU J 265 -58.45 40.89 -17.31
CA GLU J 265 -59.76 41.11 -16.72
C GLU J 265 -59.64 41.28 -15.21
N TYR J 266 -58.83 40.45 -14.56
CA TYR J 266 -58.57 40.60 -13.13
C TYR J 266 -57.92 41.96 -12.85
N ALA J 267 -56.95 42.36 -13.66
CA ALA J 267 -56.30 43.65 -13.48
C ALA J 267 -57.28 44.84 -13.60
N VAL J 268 -58.25 44.77 -14.52
CA VAL J 268 -59.20 45.87 -14.64
C VAL J 268 -60.13 45.90 -13.41
N GLU J 269 -60.38 44.74 -12.81
CA GLU J 269 -61.19 44.70 -11.60
C GLU J 269 -60.45 45.32 -10.42
N VAL J 270 -59.16 45.02 -10.27
CA VAL J 270 -58.39 45.68 -9.20
C VAL J 270 -58.18 47.18 -9.49
N ALA J 271 -58.13 47.55 -10.76
CA ALA J 271 -58.10 48.96 -11.18
C ALA J 271 -59.29 49.75 -10.65
N LYS J 272 -60.45 49.10 -10.59
CA LYS J 272 -61.64 49.72 -10.01
C LYS J 272 -61.58 49.70 -8.48
N THR J 273 -60.35 49.79 -7.95
CA THR J 273 -60.04 49.68 -6.52
C THR J 273 -60.20 48.24 -6.03
N GLU K 43 -31.98 30.65 -28.44
CA GLU K 43 -31.83 31.07 -27.01
C GLU K 43 -30.36 31.12 -26.63
N LEU K 44 -29.62 32.08 -27.20
CA LEU K 44 -28.16 32.16 -27.05
C LEU K 44 -27.75 32.15 -25.57
N PRO K 45 -26.81 31.26 -25.18
CA PRO K 45 -26.38 31.16 -23.78
C PRO K 45 -25.84 32.45 -23.18
N GLU K 46 -25.64 32.41 -21.87
CA GLU K 46 -25.18 33.57 -21.12
C GLU K 46 -23.83 34.09 -21.61
N VAL K 47 -23.76 35.41 -21.84
CA VAL K 47 -22.49 36.06 -22.16
C VAL K 47 -21.63 36.06 -20.89
N GLU K 48 -20.42 35.50 -20.98
CA GLU K 48 -19.55 35.29 -19.82
C GLU K 48 -18.39 36.30 -19.79
N GLU K 49 -17.65 36.29 -18.67
CA GLU K 49 -16.59 37.27 -18.39
C GLU K 49 -15.39 37.24 -19.35
N ASP K 50 -15.20 36.11 -20.04
CA ASP K 50 -14.03 35.87 -20.91
C ASP K 50 -14.37 35.66 -22.39
N TRP K 51 -15.62 35.91 -22.75
CA TRP K 51 -16.08 35.77 -24.13
C TRP K 51 -15.43 36.83 -25.01
N GLY K 52 -15.13 36.46 -26.25
CA GLY K 52 -14.63 37.42 -27.23
C GLY K 52 -13.38 36.98 -27.96
N GLU L 17 5.66 42.71 13.86
CA GLU L 17 5.72 43.19 12.44
C GLU L 17 4.32 43.48 11.88
N LEU L 18 4.26 44.36 10.88
CA LEU L 18 3.02 45.05 10.47
C LEU L 18 1.90 44.16 9.89
N HIS L 19 2.14 42.87 9.68
CA HIS L 19 1.08 41.96 9.18
C HIS L 19 1.16 40.54 9.76
N GLN L 20 1.60 40.42 11.01
CA GLN L 20 1.68 39.11 11.67
C GLN L 20 0.29 38.61 12.07
N ILE L 21 0.07 37.31 11.85
CA ILE L 21 -1.17 36.66 12.30
C ILE L 21 -0.85 35.94 13.62
N VAL L 22 -1.65 36.19 14.65
CA VAL L 22 -1.32 35.76 16.02
C VAL L 22 -2.50 35.08 16.70
N GLU L 23 -2.20 34.09 17.55
CA GLU L 23 -3.22 33.26 18.20
C GLU L 23 -3.59 33.86 19.55
N LEU L 31 -6.52 38.46 15.17
CA LEU L 31 -5.88 37.64 14.14
C LEU L 31 -4.70 38.36 13.45
N GLU L 32 -5.01 39.31 12.56
CA GLU L 32 -3.99 40.04 11.79
C GLU L 32 -3.69 41.42 12.38
N VAL L 33 -2.40 41.72 12.57
CA VAL L 33 -1.96 43.05 13.02
C VAL L 33 -2.05 44.04 11.87
N VAL L 34 -3.06 44.90 11.89
CA VAL L 34 -3.28 45.87 10.83
C VAL L 34 -2.41 47.12 10.97
N SER L 35 -2.15 47.53 12.21
CA SER L 35 -1.51 48.81 12.49
C SER L 35 -0.34 48.70 13.47
N LEU L 36 0.61 49.62 13.34
CA LEU L 36 1.74 49.73 14.25
C LEU L 36 1.59 50.92 15.19
N GLU L 37 1.59 52.13 14.61
CA GLU L 37 1.63 53.39 15.39
C GLU L 37 0.68 53.37 16.58
N PRO L 38 -0.62 53.13 16.33
CA PRO L 38 -1.47 52.54 17.36
C PRO L 38 -1.69 51.05 17.07
N LEU L 39 -1.07 50.19 17.88
CA LEU L 39 -1.17 48.74 17.71
C LEU L 39 -2.59 48.22 17.99
N THR L 40 -3.26 47.77 16.93
CA THR L 40 -4.60 47.19 17.02
C THR L 40 -4.71 45.93 16.15
N LEU L 41 -5.19 44.84 16.74
CA LEU L 41 -5.41 43.58 16.01
C LEU L 41 -6.72 43.66 15.20
N GLU L 42 -6.86 42.75 14.24
CA GLU L 42 -8.08 42.67 13.42
C GLU L 42 -8.25 41.27 12.81
N GLU L 43 -9.49 40.89 12.51
CA GLU L 43 -9.77 39.59 11.90
C GLU L 43 -9.19 39.51 10.47
N LEU L 44 -8.67 38.34 10.12
CA LEU L 44 -8.12 38.11 8.77
C LEU L 44 -9.20 38.34 7.70
N PRO L 45 -8.81 38.79 6.49
CA PRO L 45 -9.81 39.04 5.42
C PRO L 45 -10.56 37.80 4.95
N GLU L 46 -11.44 38.01 3.97
CA GLU L 46 -12.25 36.93 3.40
C GLU L 46 -11.36 35.96 2.62
N VAL L 47 -11.51 34.66 2.89
CA VAL L 47 -10.82 33.64 2.10
C VAL L 47 -11.35 33.64 0.66
N GLU L 48 -10.47 33.90 -0.31
CA GLU L 48 -10.85 33.91 -1.73
C GLU L 48 -10.69 32.52 -2.37
N GLU L 49 -11.17 32.38 -3.60
CA GLU L 49 -11.21 31.07 -4.27
C GLU L 49 -9.85 30.62 -4.86
N ASP L 50 -8.85 31.50 -4.81
CA ASP L 50 -7.47 31.17 -5.22
C ASP L 50 -6.43 31.24 -4.07
N TRP L 51 -6.90 31.32 -2.83
CA TRP L 51 -6.03 31.31 -1.67
C TRP L 51 -5.45 29.91 -1.41
N GLY L 52 -4.17 29.88 -1.04
CA GLY L 52 -3.55 28.64 -0.60
C GLY L 52 -2.11 28.50 -1.04
N LEU M 44 -12.09 34.49 12.10
CA LEU M 44 -13.50 34.52 11.62
C LEU M 44 -13.62 34.00 10.17
N PRO M 45 -14.80 33.50 9.78
CA PRO M 45 -15.04 33.21 8.36
C PRO M 45 -14.98 34.46 7.46
N GLU M 46 -15.04 34.24 6.15
CA GLU M 46 -15.06 35.35 5.19
C GLU M 46 -16.35 36.16 5.37
N VAL M 47 -16.19 37.47 5.56
CA VAL M 47 -17.35 38.36 5.66
C VAL M 47 -18.13 38.32 4.35
N GLU M 48 -19.41 37.96 4.43
CA GLU M 48 -20.29 37.91 3.25
C GLU M 48 -20.83 39.31 2.98
N GLU M 49 -21.31 39.54 1.76
CA GLU M 49 -21.92 40.84 1.38
C GLU M 49 -23.19 41.19 2.17
N ASP M 50 -23.54 40.29 3.09
CA ASP M 50 -24.75 40.29 3.86
C ASP M 50 -24.59 40.75 5.32
N TRP M 51 -23.35 40.89 5.76
CA TRP M 51 -23.03 40.92 7.19
C TRP M 51 -23.30 42.28 7.82
N GLY M 52 -23.89 42.23 9.02
CA GLY M 52 -24.17 43.44 9.80
C GLY M 52 -25.01 43.12 11.03
N GLU N 15 -41.54 45.16 -38.55
CA GLU N 15 -42.39 44.09 -37.96
C GLU N 15 -42.21 43.91 -36.45
N VAL N 16 -41.33 44.71 -35.83
CA VAL N 16 -40.89 44.48 -34.45
C VAL N 16 -40.95 45.75 -33.61
N GLU N 17 -41.27 45.58 -32.33
CA GLU N 17 -41.27 46.69 -31.37
C GLU N 17 -39.97 46.67 -30.57
N LEU N 18 -39.58 47.83 -30.06
CA LEU N 18 -38.40 47.95 -29.19
C LEU N 18 -38.47 46.88 -28.09
N HIS N 19 -37.36 46.16 -27.91
CA HIS N 19 -37.22 45.05 -26.93
C HIS N 19 -38.01 43.77 -27.28
N GLN N 20 -38.31 43.58 -28.57
CA GLN N 20 -38.93 42.34 -29.06
C GLN N 20 -37.91 41.22 -29.32
N ILE N 21 -38.33 39.97 -29.12
CA ILE N 21 -37.50 38.78 -29.33
C ILE N 21 -37.71 38.20 -30.74
N VAL N 22 -37.00 38.79 -31.70
CA VAL N 22 -37.11 38.42 -33.11
C VAL N 22 -37.03 36.91 -33.30
N ALA N 29 -29.94 31.47 -31.36
CA ALA N 29 -30.37 32.44 -32.36
C ALA N 29 -31.39 33.41 -31.75
N GLU N 30 -31.20 33.77 -30.47
CA GLU N 30 -32.14 34.62 -29.74
C GLU N 30 -31.65 36.06 -29.70
N LEU N 31 -32.43 36.96 -30.28
CA LEU N 31 -32.04 38.36 -30.43
C LEU N 31 -33.06 39.29 -29.78
N GLU N 32 -32.59 40.48 -29.40
CA GLU N 32 -33.42 41.50 -28.79
C GLU N 32 -33.28 42.79 -29.60
N VAL N 33 -34.41 43.40 -29.97
CA VAL N 33 -34.38 44.70 -30.64
C VAL N 33 -34.06 45.74 -29.57
N VAL N 34 -32.82 46.23 -29.57
CA VAL N 34 -32.34 47.17 -28.57
C VAL N 34 -32.50 48.63 -29.01
N SER N 35 -32.82 48.85 -30.29
CA SER N 35 -33.11 50.20 -30.80
C SER N 35 -33.87 50.13 -32.12
N LEU N 36 -34.57 51.23 -32.45
CA LEU N 36 -35.30 51.35 -33.71
C LEU N 36 -34.77 52.50 -34.57
N GLU N 37 -34.49 53.66 -33.96
CA GLU N 37 -34.08 54.89 -34.71
C GLU N 37 -32.81 54.63 -35.53
N PRO N 38 -31.80 54.03 -34.89
CA PRO N 38 -30.92 53.10 -35.61
C PRO N 38 -31.26 51.67 -35.20
N LEU N 39 -31.76 50.86 -36.13
CA LEU N 39 -32.17 49.48 -35.83
C LEU N 39 -30.98 48.65 -35.37
N THR N 40 -31.00 48.24 -34.10
CA THR N 40 -29.91 47.44 -33.51
C THR N 40 -30.44 46.15 -32.88
N LEU N 41 -29.98 45.02 -33.40
CA LEU N 41 -30.23 43.73 -32.78
C LEU N 41 -29.04 43.35 -31.91
N GLU N 42 -29.34 42.63 -30.83
CA GLU N 42 -28.32 42.18 -29.88
C GLU N 42 -28.73 40.83 -29.30
N GLU N 43 -27.74 40.03 -28.93
CA GLU N 43 -28.00 38.81 -28.18
C GLU N 43 -28.69 39.15 -26.87
N LEU N 44 -29.73 38.41 -26.53
CA LEU N 44 -30.37 38.51 -25.22
C LEU N 44 -29.34 38.55 -24.07
N PRO N 45 -29.64 39.28 -22.98
CA PRO N 45 -28.70 39.27 -21.85
C PRO N 45 -28.48 37.86 -21.31
N GLU N 46 -27.39 37.66 -20.56
CA GLU N 46 -27.18 36.40 -19.84
C GLU N 46 -28.34 36.19 -18.87
N VAL N 47 -28.78 34.93 -18.75
CA VAL N 47 -29.81 34.58 -17.76
C VAL N 47 -29.24 34.80 -16.36
N GLU N 48 -29.99 35.49 -15.51
CA GLU N 48 -29.58 35.74 -14.13
C GLU N 48 -30.22 34.72 -13.19
N GLU N 49 -29.70 34.64 -11.98
CA GLU N 49 -30.16 33.62 -11.02
C GLU N 49 -31.60 33.84 -10.46
N ASP N 50 -32.22 34.98 -10.75
CA ASP N 50 -33.63 35.27 -10.35
C ASP N 50 -34.59 35.45 -11.53
N TRP N 51 -34.15 35.08 -12.72
CA TRP N 51 -35.00 35.15 -13.90
C TRP N 51 -36.02 34.03 -13.84
N GLY N 52 -37.25 34.36 -14.23
CA GLY N 52 -38.25 33.34 -14.49
C GLY N 52 -39.66 33.75 -14.15
#